data_4NXO
#
_entry.id   4NXO
#
_cell.length_a   262.909
_cell.length_b   262.909
_cell.length_c   86.337
_cell.angle_alpha   90.00
_cell.angle_beta   90.00
_cell.angle_gamma   120.00
#
_symmetry.space_group_name_H-M   'P 65'
#
loop_
_entity.id
_entity.type
_entity.pdbx_description
1 polymer 'Insulin-degrading enzyme'
2 non-polymer 'ZINC ION'
3 non-polymer 4-fluoro-N-({1-[(2R)-4-(hydroxyamino)-1-(naphthalen-2-yl)-4-oxobutan-2-yl]-1H-1,2,3-triazol-4-yl}methyl)benzamide
4 non-polymer 'PENTAETHYLENE GLYCOL'
5 non-polymer DI(HYDROXYETHYL)ETHER
6 non-polymer 1,2-ETHANEDIOL
7 non-polymer '4-(2-HYDROXYETHYL)-1-PIPERAZINE ETHANESULFONIC ACID'
8 non-polymer '1,4-DIETHYLENE DIOXIDE'
9 water water
#
_entity_poly.entity_id   1
_entity_poly.type   'polypeptide(L)'
_entity_poly.pdbx_seq_one_letter_code
;MHHHHHHAAGIPMNNPAIKRIGNHITKSPEDKREYRGLELANGIKVLLISDPTTDKSSAALDVHIGSLSDPPNIAGLSHF
LQHMLFLGTKKYPKENEYSQFLSEHAGSSNAFTSGEHTNYYFDVSHEHLEGALDRFAQFFLSPLFDESAKDREVNAVDSE
HEKNVMNDAWRLFQLEKATGNPKHPFSKFGTGNKYTLETRPNQEGIDVRQELLKFHSAYYSSNLMAVVVLGRESLDDLTN
LVVKLFSEVENKNVPLPEFPEHPFQEEHLKQLYKIVPIKDIRNLYVTFPIPDLQKYYKSNPGHYLGHLIGHEGPGSLLSE
LKSKGWVNTLVGGQKEGARGFMFFIINVDLTEEGLLHVEDIILHMFQYIQKLRAEGPQEWVFQELKDLNAVAFRFKDKER
PRGYTSKIAGILHYYPLEEVLTAEYLLEEFRPDLIEMVLDKLRPENVRVAIVSKSFEGKTDRTEEWYGTQYKQEAIPDEV
IKKWQNADLNGKFKLPTKNEFIPTNFEILPLEKEATPYPALIKDTAMSKLWFKQDDKFFLPKANLNFEFFSPFAYVDPLH
SNMAYLYLELLKDSLNEYAYAAELAGLSYDLQNTIYGMYLSVKGYNDKQPILLKKIIEKMATFEIDEKRFEIIKEAYMRS
LNNFRAEQPHQHAMYYLRLLMTEVAWTKDELKEALDDVTLPRLKAFIPQLLSRLHIEALLHGNITKQAALGIMQMVEDTL
IEHAHTKPLLPSQLVRYREVQLPDRGWFVYQQRNEVHNNSGIEIYYQTDMQSTSENMFLELFAQIISEPAFNTLRTKEQL
GYIVFSGPRRANGIQGLRFIIQSEKPPHYLESRVEAFLITMEKSIEDMTEEAFQKHIQALAIRRLDKPKKLSAESAKYWG
EIISQQYNFDRDNTEVAYLKTLTKEDIIKFYKEMLAVDAPRRHKVSVHVLAREMDSNPVVGEFPAQNDINLSQAPALPQP
EVIQNMTEFKRGLPLFPLVKPHINFMAAKL
;
_entity_poly.pdbx_strand_id   A,B
#
# COMPACT_ATOMS: atom_id res chain seq x y z
N ASN A 14 -8.53 -70.07 17.76
CA ASN A 14 -9.59 -70.66 18.56
C ASN A 14 -10.97 -70.24 18.06
N ASN A 15 -10.98 -69.53 16.93
CA ASN A 15 -12.21 -69.00 16.35
C ASN A 15 -12.45 -69.60 14.96
N PRO A 16 -13.67 -70.09 14.71
CA PRO A 16 -14.00 -70.76 13.44
C PRO A 16 -14.01 -69.78 12.27
N ALA A 17 -14.26 -68.52 12.57
CA ALA A 17 -14.36 -67.47 11.55
C ALA A 17 -12.98 -66.98 11.12
N ILE A 18 -11.96 -67.38 11.88
CA ILE A 18 -10.60 -66.96 11.61
C ILE A 18 -9.77 -68.13 11.08
N LYS A 19 -9.43 -68.08 9.80
CA LYS A 19 -8.63 -69.12 9.17
C LYS A 19 -7.23 -69.16 9.79
N ARG A 20 -6.55 -68.01 9.80
CA ARG A 20 -5.25 -67.93 10.46
C ARG A 20 -5.06 -66.55 11.09
N ILE A 21 -4.22 -66.50 12.13
CA ILE A 21 -3.84 -65.24 12.76
C ILE A 21 -2.36 -65.02 12.51
N GLY A 22 -2.03 -64.01 11.71
CA GLY A 22 -0.64 -63.71 11.40
C GLY A 22 0.23 -63.52 12.63
N ASN A 23 1.52 -63.82 12.46
CA ASN A 23 2.49 -63.69 13.52
C ASN A 23 2.85 -62.24 13.76
N HIS A 24 3.94 -62.01 14.49
CA HIS A 24 4.50 -60.68 14.62
C HIS A 24 4.52 -59.94 13.27
N ILE A 25 3.81 -58.81 13.22
CA ILE A 25 3.82 -57.96 12.04
C ILE A 25 5.02 -57.02 12.14
N THR A 26 5.96 -57.16 11.23
CA THR A 26 7.17 -56.35 11.26
C THR A 26 6.87 -54.87 11.08
N LYS A 27 7.39 -54.06 12.00
CA LYS A 27 7.18 -52.62 11.96
C LYS A 27 8.48 -51.91 12.32
N SER A 28 8.53 -50.61 12.05
CA SER A 28 9.68 -49.81 12.45
C SER A 28 9.73 -49.71 13.97
N PRO A 29 10.95 -49.73 14.53
CA PRO A 29 11.12 -49.60 15.98
C PRO A 29 10.52 -48.31 16.52
N GLU A 30 10.39 -47.32 15.65
CA GLU A 30 9.84 -46.01 16.02
C GLU A 30 8.31 -46.01 16.00
N ASP A 31 7.73 -46.99 15.32
CA ASP A 31 6.28 -47.14 15.26
C ASP A 31 5.75 -47.68 16.58
N LYS A 32 4.95 -46.88 17.28
CA LYS A 32 4.44 -47.29 18.59
C LYS A 32 3.03 -47.86 18.48
N ARG A 33 2.46 -47.80 17.28
CA ARG A 33 1.17 -48.45 17.02
C ARG A 33 1.34 -49.96 17.13
N GLU A 34 0.26 -50.66 17.47
CA GLU A 34 0.30 -52.11 17.61
C GLU A 34 -0.45 -52.81 16.50
N TYR A 35 0.12 -53.90 15.99
CA TYR A 35 -0.44 -54.58 14.83
C TYR A 35 -0.74 -56.05 15.05
N ARG A 36 -1.89 -56.50 14.56
CA ARG A 36 -2.17 -57.91 14.41
C ARG A 36 -2.76 -58.15 13.03
N GLY A 37 -2.13 -59.03 12.27
CA GLY A 37 -2.67 -59.42 10.99
C GLY A 37 -3.43 -60.72 11.13
N LEU A 38 -4.46 -60.91 10.31
CA LEU A 38 -5.21 -62.16 10.32
C LEU A 38 -6.00 -62.36 9.02
N GLU A 39 -6.36 -63.61 8.75
CA GLU A 39 -7.15 -63.94 7.58
C GLU A 39 -8.45 -64.63 7.99
N LEU A 40 -9.57 -64.08 7.56
CA LEU A 40 -10.88 -64.63 7.92
C LEU A 40 -11.15 -65.92 7.16
N ALA A 41 -12.13 -66.67 7.65
CA ALA A 41 -12.54 -67.92 7.03
C ALA A 41 -13.02 -67.70 5.61
N ASN A 42 -13.65 -66.55 5.36
CA ASN A 42 -14.16 -66.24 4.02
C ASN A 42 -13.10 -65.71 3.07
N GLY A 43 -11.87 -65.55 3.58
CA GLY A 43 -10.75 -65.18 2.72
C GLY A 43 -10.32 -63.74 2.85
N ILE A 44 -11.12 -62.92 3.52
CA ILE A 44 -10.78 -61.52 3.74
C ILE A 44 -9.47 -61.39 4.49
N LYS A 45 -8.49 -60.75 3.87
CA LYS A 45 -7.24 -60.40 4.56
C LYS A 45 -7.47 -59.18 5.45
N VAL A 46 -6.97 -59.23 6.68
CA VAL A 46 -7.21 -58.17 7.63
C VAL A 46 -5.93 -57.68 8.31
N LEU A 47 -5.84 -56.38 8.54
CA LEU A 47 -4.79 -55.83 9.39
C LEU A 47 -5.44 -54.97 10.46
N LEU A 48 -5.19 -55.33 11.73
CA LEU A 48 -5.73 -54.59 12.85
C LEU A 48 -4.65 -53.70 13.41
N ILE A 49 -4.98 -52.42 13.63
CA ILE A 49 -4.00 -51.46 14.10
C ILE A 49 -4.50 -50.81 15.39
N SER A 50 -3.79 -51.05 16.49
CA SER A 50 -4.18 -50.47 17.77
C SER A 50 -3.32 -49.26 18.11
N ASP A 51 -3.96 -48.12 18.30
CA ASP A 51 -3.29 -46.90 18.70
C ASP A 51 -4.14 -46.14 19.72
N PRO A 52 -3.81 -46.29 21.01
CA PRO A 52 -4.61 -45.78 22.13
C PRO A 52 -4.70 -44.26 22.19
N THR A 53 -3.89 -43.56 21.39
CA THR A 53 -3.81 -42.10 21.49
C THR A 53 -4.58 -41.39 20.38
N THR A 54 -4.92 -42.13 19.32
CA THR A 54 -5.53 -41.54 18.15
C THR A 54 -6.89 -40.91 18.48
N ASP A 55 -7.13 -39.71 17.98
CA ASP A 55 -8.39 -39.02 18.23
C ASP A 55 -9.42 -39.42 17.18
N LYS A 56 -8.92 -39.91 16.04
CA LYS A 56 -9.78 -40.42 14.99
C LYS A 56 -9.44 -41.86 14.67
N SER A 57 -10.47 -42.71 14.64
CA SER A 57 -10.30 -44.09 14.22
C SER A 57 -10.62 -44.19 12.73
N SER A 58 -10.20 -45.27 12.10
CA SER A 58 -10.36 -45.39 10.66
C SER A 58 -10.41 -46.84 10.22
N ALA A 59 -11.08 -47.08 9.10
CA ALA A 59 -11.07 -48.39 8.47
C ALA A 59 -11.08 -48.20 6.96
N ALA A 60 -10.66 -49.23 6.24
CA ALA A 60 -10.68 -49.22 4.79
C ALA A 60 -10.84 -50.63 4.24
N LEU A 61 -11.50 -50.75 3.09
CA LEU A 61 -11.63 -52.02 2.42
C LEU A 61 -11.29 -51.85 0.96
N ASP A 62 -10.40 -52.71 0.46
CA ASP A 62 -10.01 -52.69 -0.94
C ASP A 62 -10.45 -53.96 -1.65
N VAL A 63 -11.35 -53.81 -2.62
CA VAL A 63 -11.74 -54.94 -3.46
C VAL A 63 -10.81 -55.01 -4.66
N HIS A 64 -10.50 -56.22 -5.10
CA HIS A 64 -9.45 -56.38 -6.11
C HIS A 64 -10.09 -56.45 -7.49
N ILE A 65 -11.20 -55.73 -7.64
CA ILE A 65 -11.84 -55.54 -8.93
C ILE A 65 -11.87 -54.05 -9.28
N GLY A 66 -11.64 -53.73 -10.55
CA GLY A 66 -11.62 -52.35 -11.00
C GLY A 66 -12.34 -52.20 -12.33
N SER A 67 -12.10 -51.09 -13.02
CA SER A 67 -12.83 -50.81 -14.25
C SER A 67 -12.41 -51.70 -15.41
N LEU A 68 -11.27 -52.38 -15.26
CA LEU A 68 -10.84 -53.34 -16.28
C LEU A 68 -11.77 -54.53 -16.36
N SER A 69 -12.56 -54.73 -15.31
CA SER A 69 -13.53 -55.82 -15.26
C SER A 69 -14.93 -55.33 -15.63
N ASP A 70 -15.01 -54.09 -16.09
CA ASP A 70 -16.28 -53.53 -16.56
C ASP A 70 -16.82 -54.34 -17.73
N PRO A 71 -18.14 -54.53 -17.78
CA PRO A 71 -18.79 -55.04 -19.00
C PRO A 71 -18.49 -54.11 -20.18
N PRO A 72 -18.07 -54.67 -21.32
CA PRO A 72 -17.68 -53.88 -22.50
C PRO A 72 -18.81 -53.00 -23.06
N ASN A 73 -20.05 -53.28 -22.66
CA ASN A 73 -21.20 -52.52 -23.16
C ASN A 73 -21.74 -51.52 -22.13
N ILE A 74 -21.09 -51.49 -20.96
CA ILE A 74 -21.42 -50.52 -19.92
C ILE A 74 -20.14 -49.98 -19.29
N ALA A 75 -19.42 -49.15 -20.05
CA ALA A 75 -18.16 -48.58 -19.58
C ALA A 75 -18.37 -47.73 -18.32
N GLY A 76 -17.57 -47.99 -17.30
CA GLY A 76 -17.60 -47.19 -16.09
C GLY A 76 -18.50 -47.72 -15.01
N LEU A 77 -18.99 -48.95 -15.18
CA LEU A 77 -19.95 -49.52 -14.25
C LEU A 77 -19.37 -49.71 -12.85
N SER A 78 -18.15 -50.24 -12.77
CA SER A 78 -17.52 -50.47 -11.48
C SER A 78 -17.32 -49.14 -10.75
N HIS A 79 -17.05 -48.09 -11.52
CA HIS A 79 -16.93 -46.73 -10.99
C HIS A 79 -18.28 -46.24 -10.47
N PHE A 80 -19.32 -46.44 -11.27
CA PHE A 80 -20.67 -46.03 -10.90
C PHE A 80 -21.14 -46.77 -9.65
N LEU A 81 -20.78 -48.05 -9.56
CA LEU A 81 -21.08 -48.87 -8.38
C LEU A 81 -20.54 -48.20 -7.14
N GLN A 82 -19.30 -47.73 -7.24
CA GLN A 82 -18.61 -47.10 -6.12
C GLN A 82 -19.37 -45.88 -5.58
N HIS A 83 -19.95 -45.10 -6.49
CA HIS A 83 -20.79 -43.98 -6.11
C HIS A 83 -22.04 -44.43 -5.38
N MET A 84 -22.68 -45.47 -5.89
CA MET A 84 -23.97 -45.90 -5.38
C MET A 84 -23.96 -46.49 -3.96
N LEU A 85 -22.85 -47.10 -3.56
CA LEU A 85 -22.79 -47.74 -2.23
C LEU A 85 -22.97 -46.76 -1.09
N PHE A 86 -22.68 -45.48 -1.35
CA PHE A 86 -22.82 -44.43 -0.35
C PHE A 86 -24.27 -44.02 -0.19
N LEU A 87 -25.12 -44.50 -1.09
CA LEU A 87 -26.50 -44.02 -1.17
C LEU A 87 -27.51 -45.01 -0.61
N GLY A 88 -27.11 -45.78 0.40
CA GLY A 88 -28.06 -46.58 1.15
C GLY A 88 -27.85 -48.09 1.18
N THR A 89 -28.07 -48.67 2.35
CA THR A 89 -28.01 -50.12 2.54
C THR A 89 -29.33 -50.59 3.13
N LYS A 90 -29.58 -51.90 3.11
CA LYS A 90 -30.84 -52.42 3.63
C LYS A 90 -31.01 -52.16 5.13
N LYS A 91 -29.91 -52.27 5.87
CA LYS A 91 -29.96 -51.99 7.30
C LYS A 91 -30.13 -50.50 7.59
N TYR A 92 -29.47 -49.67 6.80
CA TYR A 92 -29.56 -48.21 6.93
C TYR A 92 -30.06 -47.62 5.62
N PRO A 93 -31.37 -47.69 5.40
CA PRO A 93 -31.96 -47.36 4.09
C PRO A 93 -31.97 -45.87 3.78
N LYS A 94 -31.81 -45.00 4.77
CA LYS A 94 -31.81 -43.56 4.52
C LYS A 94 -30.63 -43.18 3.63
N GLU A 95 -30.96 -42.56 2.51
CA GLU A 95 -30.00 -42.28 1.43
C GLU A 95 -28.67 -41.66 1.88
N ASN A 96 -28.71 -40.74 2.84
CA ASN A 96 -27.49 -40.10 3.31
C ASN A 96 -27.18 -40.41 4.76
N GLU A 97 -27.71 -41.55 5.23
CA GLU A 97 -27.47 -42.02 6.59
C GLU A 97 -25.98 -42.17 6.91
N TYR A 98 -25.24 -42.74 5.95
CA TYR A 98 -23.80 -42.93 6.12
C TYR A 98 -23.06 -41.62 6.26
N SER A 99 -23.26 -40.73 5.30
CA SER A 99 -22.61 -39.42 5.27
C SER A 99 -22.97 -38.60 6.50
N GLN A 100 -24.25 -38.62 6.86
CA GLN A 100 -24.73 -37.82 7.98
C GLN A 100 -24.09 -38.28 9.28
N PHE A 101 -23.95 -39.60 9.46
CA PHE A 101 -23.36 -40.15 10.66
C PHE A 101 -21.91 -39.71 10.85
N LEU A 102 -21.09 -39.90 9.81
CA LEU A 102 -19.69 -39.53 9.87
C LEU A 102 -19.52 -38.04 10.18
N SER A 103 -20.35 -37.22 9.54
CA SER A 103 -20.28 -35.77 9.69
C SER A 103 -20.54 -35.36 11.13
N GLU A 104 -21.49 -36.02 11.76
CA GLU A 104 -21.85 -35.73 13.15
C GLU A 104 -20.85 -36.30 14.14
N HIS A 105 -19.81 -36.99 13.63
CA HIS A 105 -18.81 -37.58 14.52
C HIS A 105 -17.39 -37.34 14.04
N ALA A 106 -17.11 -36.14 13.55
CA ALA A 106 -15.75 -35.73 13.23
C ALA A 106 -15.13 -36.59 12.13
N GLY A 107 -15.98 -37.24 11.34
CA GLY A 107 -15.51 -38.18 10.35
C GLY A 107 -15.65 -37.70 8.93
N SER A 108 -15.04 -38.46 8.02
CA SER A 108 -15.10 -38.18 6.60
C SER A 108 -14.97 -39.49 5.82
N SER A 109 -15.29 -39.46 4.54
CA SER A 109 -15.20 -40.68 3.74
C SER A 109 -15.02 -40.39 2.26
N ASN A 110 -14.38 -41.32 1.57
CA ASN A 110 -14.16 -41.19 0.15
C ASN A 110 -13.86 -42.57 -0.44
N ALA A 111 -13.60 -42.63 -1.74
CA ALA A 111 -13.37 -43.90 -2.41
C ALA A 111 -12.75 -43.65 -3.77
N PHE A 112 -12.17 -44.69 -4.38
CA PHE A 112 -11.72 -44.57 -5.75
C PHE A 112 -11.75 -45.90 -6.48
N THR A 113 -11.76 -45.81 -7.81
CA THR A 113 -11.80 -46.97 -8.68
C THR A 113 -10.63 -46.91 -9.64
N SER A 114 -9.72 -47.87 -9.54
CA SER A 114 -8.63 -47.98 -10.50
C SER A 114 -8.88 -49.14 -11.46
N GLY A 115 -7.91 -49.42 -12.30
CA GLY A 115 -8.00 -50.55 -13.21
C GLY A 115 -8.34 -51.85 -12.51
N GLU A 116 -7.74 -52.07 -11.34
CA GLU A 116 -7.84 -53.35 -10.66
C GLU A 116 -8.31 -53.25 -9.21
N HIS A 117 -8.61 -52.05 -8.74
CA HIS A 117 -9.01 -51.87 -7.35
C HIS A 117 -10.13 -50.86 -7.18
N THR A 118 -10.99 -51.15 -6.23
CA THR A 118 -11.94 -50.18 -5.72
C THR A 118 -11.69 -50.06 -4.24
N ASN A 119 -11.39 -48.86 -3.78
CA ASN A 119 -10.94 -48.63 -2.42
C ASN A 119 -11.90 -47.73 -1.65
N TYR A 120 -12.38 -48.20 -0.50
CA TYR A 120 -13.29 -47.44 0.34
C TYR A 120 -12.64 -47.14 1.69
N TYR A 121 -12.83 -45.93 2.20
CA TYR A 121 -12.21 -45.56 3.46
C TYR A 121 -12.96 -44.45 4.19
N PHE A 122 -12.75 -44.41 5.51
CA PHE A 122 -13.37 -43.38 6.35
C PHE A 122 -12.53 -43.18 7.60
N ASP A 123 -12.70 -42.04 8.24
CA ASP A 123 -12.28 -41.87 9.62
C ASP A 123 -13.45 -41.34 10.44
N VAL A 124 -13.30 -41.33 11.75
CA VAL A 124 -14.38 -40.94 12.63
C VAL A 124 -13.80 -40.70 14.00
N SER A 125 -14.54 -40.01 14.87
CA SER A 125 -14.14 -39.89 16.26
C SER A 125 -13.90 -41.28 16.83
N HIS A 126 -12.83 -41.42 17.61
CA HIS A 126 -12.42 -42.74 18.11
C HIS A 126 -13.49 -43.40 18.98
N GLU A 127 -14.37 -42.58 19.53
CA GLU A 127 -15.45 -43.07 20.39
C GLU A 127 -16.54 -43.79 19.61
N HIS A 128 -16.55 -43.62 18.29
CA HIS A 128 -17.66 -44.14 17.48
C HIS A 128 -17.19 -45.02 16.33
N LEU A 129 -16.10 -45.76 16.55
CA LEU A 129 -15.58 -46.64 15.51
C LEU A 129 -16.61 -47.72 15.14
N GLU A 130 -17.23 -48.31 16.14
CA GLU A 130 -18.16 -49.42 15.90
C GLU A 130 -19.37 -48.99 15.09
N GLY A 131 -19.93 -47.84 15.42
CA GLY A 131 -21.10 -47.33 14.72
C GLY A 131 -20.79 -47.05 13.25
N ALA A 132 -19.63 -46.44 13.02
CA ALA A 132 -19.21 -46.15 11.66
C ALA A 132 -18.91 -47.45 10.94
N LEU A 133 -18.15 -48.32 11.61
CA LEU A 133 -17.69 -49.57 11.03
C LEU A 133 -18.84 -50.48 10.64
N ASP A 134 -19.92 -50.41 11.40
CA ASP A 134 -21.11 -51.20 11.12
C ASP A 134 -21.82 -50.73 9.85
N ARG A 135 -22.07 -49.42 9.76
CA ARG A 135 -22.72 -48.85 8.58
C ARG A 135 -21.86 -49.05 7.33
N PHE A 136 -20.55 -48.94 7.51
CA PHE A 136 -19.58 -49.15 6.43
C PHE A 136 -19.66 -50.56 5.89
N ALA A 137 -19.84 -51.53 6.79
CA ALA A 137 -19.84 -52.94 6.42
C ALA A 137 -21.01 -53.31 5.50
N GLN A 138 -22.13 -52.61 5.67
CA GLN A 138 -23.32 -52.88 4.88
C GLN A 138 -23.14 -52.64 3.38
N PHE A 139 -22.14 -51.85 3.02
CA PHE A 139 -21.83 -51.61 1.61
C PHE A 139 -21.66 -52.94 0.89
N PHE A 140 -21.10 -53.88 1.63
CA PHE A 140 -20.68 -55.16 1.11
C PHE A 140 -21.61 -56.30 1.50
N LEU A 141 -22.48 -56.02 2.47
CA LEU A 141 -23.54 -56.95 2.85
C LEU A 141 -24.82 -56.80 2.03
N SER A 142 -25.46 -55.63 2.14
CA SER A 142 -26.79 -55.44 1.58
C SER A 142 -27.04 -54.02 1.04
N PRO A 143 -26.38 -53.67 -0.07
CA PRO A 143 -26.60 -52.36 -0.72
C PRO A 143 -28.01 -52.22 -1.28
N LEU A 144 -28.57 -51.01 -1.29
CA LEU A 144 -29.92 -50.77 -1.82
C LEU A 144 -29.99 -50.55 -3.32
N PHE A 145 -29.09 -49.74 -3.86
CA PHE A 145 -29.19 -49.29 -5.24
C PHE A 145 -30.60 -48.80 -5.57
N ASP A 146 -31.07 -47.81 -4.80
CA ASP A 146 -32.38 -47.20 -5.02
C ASP A 146 -32.50 -46.70 -6.46
N GLU A 147 -33.63 -46.98 -7.10
CA GLU A 147 -33.84 -46.59 -8.50
C GLU A 147 -33.75 -45.08 -8.69
N SER A 148 -34.37 -44.34 -7.78
CA SER A 148 -34.32 -42.88 -7.80
C SER A 148 -32.88 -42.37 -7.66
N ALA A 149 -32.15 -42.93 -6.69
CA ALA A 149 -30.76 -42.55 -6.45
C ALA A 149 -29.86 -42.82 -7.66
N LYS A 150 -30.04 -43.95 -8.32
CA LYS A 150 -29.25 -44.27 -9.51
C LYS A 150 -29.44 -43.25 -10.62
N ASP A 151 -30.69 -42.83 -10.82
CA ASP A 151 -31.03 -41.90 -11.90
C ASP A 151 -30.47 -40.52 -11.63
N ARG A 152 -30.33 -40.17 -10.36
CA ARG A 152 -29.73 -38.90 -9.99
C ARG A 152 -28.21 -38.99 -10.08
N GLU A 153 -27.62 -39.96 -9.38
CA GLU A 153 -26.17 -40.03 -9.25
C GLU A 153 -25.47 -40.27 -10.60
N VAL A 154 -26.21 -40.71 -11.60
CA VAL A 154 -25.64 -40.88 -12.94
C VAL A 154 -25.09 -39.54 -13.42
N ASN A 155 -25.72 -38.46 -12.95
CA ASN A 155 -25.33 -37.12 -13.33
C ASN A 155 -24.02 -36.66 -12.68
N ALA A 156 -23.81 -37.07 -11.44
CA ALA A 156 -22.57 -36.77 -10.74
C ALA A 156 -21.38 -37.38 -11.46
N VAL A 157 -21.55 -38.60 -11.95
CA VAL A 157 -20.50 -39.27 -12.72
C VAL A 157 -20.25 -38.57 -14.06
N ASP A 158 -21.34 -38.18 -14.72
CA ASP A 158 -21.25 -37.45 -15.97
C ASP A 158 -20.49 -36.14 -15.77
N SER A 159 -20.88 -35.40 -14.72
CA SER A 159 -20.20 -34.15 -14.35
C SER A 159 -18.71 -34.36 -14.18
N GLU A 160 -18.36 -35.38 -13.40
CA GLU A 160 -16.98 -35.73 -13.13
C GLU A 160 -16.18 -35.96 -14.42
N HIS A 161 -16.78 -36.64 -15.39
CA HIS A 161 -16.13 -36.82 -16.68
C HIS A 161 -16.02 -35.50 -17.43
N GLU A 162 -17.10 -34.73 -17.41
CA GLU A 162 -17.14 -33.44 -18.10
C GLU A 162 -16.00 -32.53 -17.64
N LYS A 163 -15.70 -32.59 -16.35
CA LYS A 163 -14.60 -31.84 -15.77
C LYS A 163 -13.24 -32.26 -16.31
N ASN A 164 -13.14 -33.49 -16.81
CA ASN A 164 -11.86 -34.04 -17.26
C ASN A 164 -11.60 -33.88 -18.74
N VAL A 165 -12.67 -33.67 -19.51
CA VAL A 165 -12.60 -33.68 -20.96
C VAL A 165 -11.60 -32.68 -21.55
N MET A 166 -11.53 -31.49 -20.97
CA MET A 166 -10.63 -30.46 -21.48
C MET A 166 -9.31 -30.47 -20.71
N ASN A 167 -9.10 -31.54 -19.95
CA ASN A 167 -7.87 -31.69 -19.18
C ASN A 167 -6.86 -32.53 -19.95
N ASP A 168 -5.65 -32.01 -20.11
CA ASP A 168 -4.66 -32.64 -20.98
C ASP A 168 -4.17 -33.99 -20.46
N ALA A 169 -4.12 -34.15 -19.14
CA ALA A 169 -3.64 -35.40 -18.53
C ALA A 169 -4.60 -36.56 -18.78
N TRP A 170 -5.90 -36.32 -18.62
CA TRP A 170 -6.90 -37.33 -18.90
C TRP A 170 -6.99 -37.68 -20.38
N ARG A 171 -6.91 -36.66 -21.23
CA ARG A 171 -6.97 -36.85 -22.68
C ARG A 171 -5.87 -37.78 -23.16
N LEU A 172 -4.65 -37.57 -22.65
CA LEU A 172 -3.52 -38.41 -23.00
C LEU A 172 -3.61 -39.79 -22.37
N PHE A 173 -4.12 -39.83 -21.14
CA PHE A 173 -4.33 -41.08 -20.44
C PHE A 173 -5.22 -42.02 -21.24
N GLN A 174 -6.33 -41.50 -21.75
CA GLN A 174 -7.24 -42.32 -22.51
C GLN A 174 -6.73 -42.61 -23.93
N LEU A 175 -5.91 -41.70 -24.47
CA LEU A 175 -5.40 -41.87 -25.82
C LEU A 175 -4.45 -43.05 -25.94
N GLU A 176 -3.63 -43.29 -24.93
CA GLU A 176 -2.71 -44.42 -24.97
C GLU A 176 -3.53 -45.70 -24.96
N LYS A 177 -4.59 -45.68 -24.16
CA LYS A 177 -5.50 -46.82 -24.07
C LYS A 177 -6.19 -47.07 -25.41
N ALA A 178 -6.37 -46.01 -26.19
CA ALA A 178 -7.12 -46.10 -27.44
C ALA A 178 -6.22 -46.45 -28.62
N THR A 179 -4.90 -46.39 -28.42
CA THR A 179 -3.96 -46.67 -29.49
C THR A 179 -3.31 -48.05 -29.33
N GLY A 180 -3.83 -48.84 -28.40
CA GLY A 180 -3.41 -50.23 -28.25
C GLY A 180 -4.42 -51.19 -28.83
N ASN A 181 -4.32 -52.46 -28.48
CA ASN A 181 -5.28 -53.45 -28.94
C ASN A 181 -6.69 -53.13 -28.46
N PRO A 182 -7.60 -52.87 -29.41
CA PRO A 182 -9.01 -52.53 -29.19
C PRO A 182 -9.80 -53.62 -28.49
N LYS A 183 -9.33 -54.86 -28.58
CA LYS A 183 -10.00 -55.99 -27.95
C LYS A 183 -9.44 -56.27 -26.56
N HIS A 184 -8.42 -55.50 -26.17
CA HIS A 184 -7.83 -55.63 -24.85
C HIS A 184 -8.60 -54.78 -23.84
N PRO A 185 -8.82 -55.32 -22.64
CA PRO A 185 -9.53 -54.60 -21.57
C PRO A 185 -8.87 -53.24 -21.25
N PHE A 186 -7.59 -53.12 -21.54
CA PHE A 186 -6.82 -51.90 -21.29
C PHE A 186 -7.38 -50.69 -22.06
N SER A 187 -8.14 -50.96 -23.11
CA SER A 187 -8.67 -49.90 -23.96
C SER A 187 -10.01 -49.35 -23.45
N LYS A 188 -10.55 -49.99 -22.42
CA LYS A 188 -11.83 -49.59 -21.86
C LYS A 188 -11.79 -48.17 -21.31
N PHE A 189 -12.94 -47.51 -21.37
CA PHE A 189 -13.12 -46.18 -20.81
C PHE A 189 -13.61 -46.34 -19.37
N GLY A 190 -12.77 -45.93 -18.42
CA GLY A 190 -13.00 -46.29 -17.03
C GLY A 190 -13.99 -45.42 -16.28
N THR A 191 -14.02 -44.14 -16.60
CA THR A 191 -14.84 -43.18 -15.87
C THR A 191 -16.34 -43.37 -16.08
N GLY A 192 -16.72 -43.54 -17.34
CA GLY A 192 -18.13 -43.59 -17.70
C GLY A 192 -18.71 -42.19 -17.79
N ASN A 193 -19.86 -42.08 -18.45
CA ASN A 193 -20.58 -40.82 -18.53
C ASN A 193 -22.06 -41.10 -18.75
N LYS A 194 -22.85 -40.07 -19.03
CA LYS A 194 -24.30 -40.26 -19.18
C LYS A 194 -24.64 -41.19 -20.34
N TYR A 195 -23.84 -41.16 -21.40
CA TYR A 195 -24.11 -42.02 -22.54
C TYR A 195 -23.91 -43.51 -22.21
N THR A 196 -22.74 -43.83 -21.68
CA THR A 196 -22.40 -45.22 -21.41
C THR A 196 -23.26 -45.80 -20.29
N LEU A 197 -23.68 -44.93 -19.37
CA LEU A 197 -24.39 -45.35 -18.17
C LEU A 197 -25.91 -45.23 -18.28
N GLU A 198 -26.40 -44.22 -18.99
CA GLU A 198 -27.84 -44.01 -19.09
C GLU A 198 -28.37 -44.12 -20.53
N THR A 199 -27.76 -43.36 -21.44
CA THR A 199 -28.35 -43.17 -22.77
C THR A 199 -28.30 -44.45 -23.61
N ARG A 200 -27.12 -45.05 -23.72
CA ARG A 200 -26.94 -46.27 -24.51
C ARG A 200 -27.65 -47.49 -23.90
N PRO A 201 -27.50 -47.71 -22.59
CA PRO A 201 -28.25 -48.79 -21.94
C PRO A 201 -29.75 -48.70 -22.22
N ASN A 202 -30.29 -47.50 -22.28
CA ASN A 202 -31.71 -47.33 -22.58
C ASN A 202 -32.03 -47.75 -24.00
N GLN A 203 -31.14 -47.46 -24.93
CA GLN A 203 -31.34 -47.89 -26.30
C GLN A 203 -31.34 -49.41 -26.38
N GLU A 204 -30.34 -50.03 -25.74
CA GLU A 204 -30.19 -51.48 -25.78
C GLU A 204 -31.24 -52.21 -24.94
N GLY A 205 -31.91 -51.49 -24.05
CA GLY A 205 -32.95 -52.09 -23.24
C GLY A 205 -32.45 -52.62 -21.91
N ILE A 206 -31.17 -52.38 -21.63
CA ILE A 206 -30.53 -52.84 -20.40
C ILE A 206 -31.08 -52.17 -19.14
N ASP A 207 -31.24 -52.95 -18.09
CA ASP A 207 -31.60 -52.40 -16.77
C ASP A 207 -30.31 -52.17 -15.99
N VAL A 208 -29.85 -50.92 -15.97
CA VAL A 208 -28.58 -50.58 -15.35
C VAL A 208 -28.57 -50.82 -13.85
N ARG A 209 -29.73 -50.69 -13.21
CA ARG A 209 -29.81 -50.95 -11.78
C ARG A 209 -29.52 -52.42 -11.48
N GLN A 210 -29.99 -53.30 -12.35
CA GLN A 210 -29.73 -54.73 -12.17
C GLN A 210 -28.27 -55.06 -12.48
N GLU A 211 -27.71 -54.40 -13.48
CA GLU A 211 -26.30 -54.63 -13.83
C GLU A 211 -25.39 -54.20 -12.68
N LEU A 212 -25.80 -53.15 -11.96
CA LEU A 212 -25.08 -52.75 -10.75
C LEU A 212 -25.15 -53.82 -9.68
N LEU A 213 -26.37 -54.27 -9.37
CA LEU A 213 -26.60 -55.32 -8.37
C LEU A 213 -25.84 -56.58 -8.72
N LYS A 214 -25.90 -56.94 -9.99
CA LYS A 214 -25.28 -58.16 -10.48
C LYS A 214 -23.75 -58.08 -10.44
N PHE A 215 -23.20 -56.91 -10.78
CA PHE A 215 -21.75 -56.72 -10.76
C PHE A 215 -21.22 -56.81 -9.33
N HIS A 216 -21.93 -56.17 -8.40
CA HIS A 216 -21.59 -56.24 -6.98
C HIS A 216 -21.67 -57.69 -6.50
N SER A 217 -22.67 -58.42 -6.99
CA SER A 217 -22.89 -59.80 -6.61
C SER A 217 -21.80 -60.74 -7.14
N ALA A 218 -21.34 -60.46 -8.35
CA ALA A 218 -20.40 -61.35 -9.03
C ALA A 218 -18.95 -61.09 -8.65
N TYR A 219 -18.62 -59.84 -8.33
CA TYR A 219 -17.22 -59.46 -8.12
C TYR A 219 -16.86 -59.05 -6.71
N TYR A 220 -17.82 -58.50 -5.98
CA TYR A 220 -17.55 -58.08 -4.60
C TYR A 220 -17.61 -59.28 -3.66
N SER A 221 -16.64 -60.18 -3.84
CA SER A 221 -16.55 -61.41 -3.06
C SER A 221 -15.47 -61.32 -1.99
N SER A 222 -15.69 -62.00 -0.87
CA SER A 222 -14.79 -61.94 0.27
C SER A 222 -13.36 -62.38 -0.06
N ASN A 223 -13.21 -63.28 -1.04
CA ASN A 223 -11.89 -63.77 -1.38
C ASN A 223 -11.02 -62.74 -2.11
N LEU A 224 -11.64 -61.64 -2.53
CA LEU A 224 -10.91 -60.57 -3.20
C LEU A 224 -10.83 -59.28 -2.37
N MET A 225 -11.13 -59.39 -1.08
CA MET A 225 -11.19 -58.21 -0.22
C MET A 225 -10.11 -58.16 0.84
N ALA A 226 -9.62 -56.96 1.12
CA ALA A 226 -8.71 -56.74 2.24
C ALA A 226 -9.26 -55.61 3.11
N VAL A 227 -9.12 -55.78 4.43
CA VAL A 227 -9.66 -54.81 5.36
C VAL A 227 -8.62 -54.36 6.37
N VAL A 228 -8.56 -53.04 6.59
CA VAL A 228 -7.70 -52.50 7.63
C VAL A 228 -8.54 -51.64 8.57
N VAL A 229 -8.36 -51.85 9.87
CA VAL A 229 -9.10 -51.09 10.87
C VAL A 229 -8.15 -50.53 11.91
N LEU A 230 -8.30 -49.24 12.21
CA LEU A 230 -7.43 -48.59 13.19
C LEU A 230 -8.28 -47.89 14.24
N GLY A 231 -8.00 -48.18 15.51
CA GLY A 231 -8.72 -47.56 16.60
C GLY A 231 -7.93 -47.55 17.90
N ARG A 232 -8.53 -47.04 18.97
CA ARG A 232 -7.88 -47.03 20.27
C ARG A 232 -7.97 -48.38 20.95
N GLU A 233 -9.03 -49.13 20.63
CA GLU A 233 -9.28 -50.43 21.23
C GLU A 233 -8.09 -51.40 21.10
N SER A 234 -8.05 -52.40 21.96
CA SER A 234 -7.00 -53.40 21.94
C SER A 234 -7.09 -54.26 20.70
N LEU A 235 -5.96 -54.89 20.35
CA LEU A 235 -5.92 -55.79 19.20
C LEU A 235 -6.94 -56.91 19.37
N ASP A 236 -7.23 -57.25 20.62
CA ASP A 236 -8.21 -58.29 20.92
C ASP A 236 -9.64 -57.80 20.63
N ASP A 237 -9.99 -56.64 21.16
CA ASP A 237 -11.32 -56.08 20.93
C ASP A 237 -11.53 -55.77 19.46
N LEU A 238 -10.47 -55.30 18.81
CA LEU A 238 -10.53 -55.03 17.37
C LEU A 238 -10.77 -56.32 16.58
N THR A 239 -10.22 -57.42 17.07
CA THR A 239 -10.37 -58.71 16.40
C THR A 239 -11.81 -59.18 16.41
N ASN A 240 -12.42 -59.10 17.60
CA ASN A 240 -13.81 -59.51 17.76
C ASN A 240 -14.77 -58.64 16.96
N LEU A 241 -14.50 -57.34 16.93
CA LEU A 241 -15.35 -56.39 16.21
C LEU A 241 -15.34 -56.64 14.71
N VAL A 242 -14.15 -56.79 14.14
CA VAL A 242 -14.01 -56.98 12.69
C VAL A 242 -14.53 -58.33 12.24
N VAL A 243 -14.25 -59.37 13.03
CA VAL A 243 -14.72 -60.71 12.72
C VAL A 243 -16.25 -60.75 12.76
N LYS A 244 -16.81 -60.14 13.80
CA LYS A 244 -18.24 -60.05 13.99
C LYS A 244 -18.95 -59.43 12.77
N LEU A 245 -18.30 -58.45 12.16
CA LEU A 245 -18.92 -57.69 11.08
C LEU A 245 -18.59 -58.22 9.68
N PHE A 246 -17.40 -58.76 9.51
CA PHE A 246 -16.92 -59.07 8.17
C PHE A 246 -16.84 -60.55 7.83
N SER A 247 -17.04 -61.41 8.83
CA SER A 247 -17.02 -62.84 8.56
C SER A 247 -18.30 -63.20 7.83
N GLU A 248 -19.30 -62.33 7.94
CA GLU A 248 -20.59 -62.54 7.30
C GLU A 248 -20.59 -62.11 5.82
N VAL A 249 -19.45 -61.63 5.33
CA VAL A 249 -19.32 -61.29 3.92
C VAL A 249 -19.23 -62.56 3.09
N GLU A 250 -20.00 -62.62 2.00
CA GLU A 250 -20.10 -63.85 1.21
C GLU A 250 -18.88 -64.10 0.34
N ASN A 251 -18.45 -65.37 0.29
CA ASN A 251 -17.38 -65.79 -0.61
C ASN A 251 -17.96 -66.47 -1.85
N LYS A 252 -17.74 -65.87 -3.01
CA LYS A 252 -18.16 -66.45 -4.28
C LYS A 252 -16.96 -67.07 -5.01
N ASN A 253 -15.82 -67.13 -4.31
CA ASN A 253 -14.56 -67.61 -4.89
C ASN A 253 -14.32 -67.11 -6.30
N VAL A 254 -14.26 -65.78 -6.43
CA VAL A 254 -14.03 -65.17 -7.71
C VAL A 254 -12.54 -65.23 -8.08
N PRO A 255 -12.26 -65.75 -9.27
CA PRO A 255 -10.89 -65.76 -9.80
C PRO A 255 -10.35 -64.35 -9.95
N LEU A 256 -9.14 -64.09 -9.45
CA LEU A 256 -8.53 -62.78 -9.58
C LEU A 256 -8.14 -62.54 -11.04
N PRO A 257 -8.72 -61.50 -11.64
CA PRO A 257 -8.53 -61.15 -13.06
C PRO A 257 -7.07 -60.96 -13.44
N GLU A 258 -6.67 -61.48 -14.59
CA GLU A 258 -5.31 -61.27 -15.10
C GLU A 258 -5.30 -61.05 -16.61
N PHE A 259 -4.30 -60.32 -17.07
CA PHE A 259 -4.24 -59.86 -18.44
C PHE A 259 -2.84 -60.13 -18.97
N PRO A 260 -2.57 -61.40 -19.29
CA PRO A 260 -1.25 -61.88 -19.71
C PRO A 260 -0.78 -61.32 -21.06
N GLU A 261 -1.71 -61.10 -21.98
CA GLU A 261 -1.35 -60.58 -23.29
C GLU A 261 -1.18 -59.08 -23.20
N HIS A 262 -0.07 -58.57 -23.73
CA HIS A 262 0.20 -57.14 -23.66
C HIS A 262 -0.73 -56.38 -24.61
N PRO A 263 -1.22 -55.23 -24.16
CA PRO A 263 -2.12 -54.41 -25.00
C PRO A 263 -1.41 -53.88 -26.22
N PHE A 264 -0.08 -53.85 -26.16
CA PHE A 264 0.71 -53.36 -27.28
C PHE A 264 1.38 -54.50 -28.02
N GLN A 265 0.79 -54.86 -29.16
CA GLN A 265 1.36 -55.85 -30.05
C GLN A 265 2.26 -55.15 -31.07
N GLU A 266 2.88 -55.90 -31.97
CA GLU A 266 3.85 -55.32 -32.88
C GLU A 266 3.22 -54.31 -33.83
N GLU A 267 1.91 -54.42 -34.01
CA GLU A 267 1.17 -53.45 -34.82
C GLU A 267 1.20 -52.08 -34.15
N HIS A 268 1.41 -52.08 -32.83
CA HIS A 268 1.36 -50.87 -32.05
C HIS A 268 2.75 -50.38 -31.62
N LEU A 269 3.79 -51.08 -32.05
CA LEU A 269 5.15 -50.69 -31.72
C LEU A 269 5.79 -49.94 -32.88
N LYS A 270 6.87 -49.22 -32.59
CA LYS A 270 7.53 -48.39 -33.60
C LYS A 270 6.55 -47.40 -34.24
N GLN A 271 5.60 -46.94 -33.45
CA GLN A 271 4.60 -46.00 -33.92
C GLN A 271 4.87 -44.61 -33.36
N LEU A 272 4.54 -43.60 -34.14
CA LEU A 272 4.67 -42.22 -33.72
C LEU A 272 3.32 -41.53 -33.72
N TYR A 273 3.02 -40.82 -32.64
CA TYR A 273 1.76 -40.11 -32.51
C TYR A 273 2.02 -38.62 -32.33
N LYS A 274 1.34 -37.81 -33.14
CA LYS A 274 1.41 -36.36 -33.01
C LYS A 274 0.10 -35.86 -32.43
N ILE A 275 0.16 -35.23 -31.27
CA ILE A 275 -1.03 -34.89 -30.51
C ILE A 275 -1.17 -33.40 -30.28
N VAL A 276 -2.42 -32.92 -30.31
CA VAL A 276 -2.70 -31.51 -30.04
C VAL A 276 -3.30 -31.30 -28.65
N PRO A 277 -2.60 -30.54 -27.80
CA PRO A 277 -2.99 -30.25 -26.41
C PRO A 277 -3.97 -29.08 -26.32
N ILE A 278 -4.68 -28.97 -25.19
CA ILE A 278 -5.56 -27.83 -24.93
C ILE A 278 -4.72 -26.65 -24.45
N LYS A 279 -3.91 -26.89 -23.42
CA LYS A 279 -2.93 -25.91 -22.97
C LYS A 279 -1.78 -25.82 -23.96
N ASP A 280 -0.97 -24.77 -23.83
CA ASP A 280 0.21 -24.64 -24.67
C ASP A 280 1.39 -25.34 -24.03
N ILE A 281 1.54 -26.62 -24.34
CA ILE A 281 2.62 -27.42 -23.78
C ILE A 281 3.36 -28.17 -24.87
N ARG A 282 4.58 -28.58 -24.56
CA ARG A 282 5.41 -29.34 -25.48
C ARG A 282 5.94 -30.55 -24.74
N ASN A 283 5.39 -31.72 -25.05
CA ASN A 283 5.82 -32.94 -24.37
C ASN A 283 6.27 -34.02 -25.32
N LEU A 284 7.24 -34.82 -24.87
CA LEU A 284 7.66 -36.02 -25.56
C LEU A 284 7.48 -37.24 -24.64
N TYR A 285 6.66 -38.20 -25.06
CA TYR A 285 6.44 -39.42 -24.29
C TYR A 285 7.00 -40.65 -24.99
N VAL A 286 7.98 -41.29 -24.36
CA VAL A 286 8.57 -42.50 -24.91
C VAL A 286 8.17 -43.69 -24.06
N THR A 287 7.65 -44.73 -24.70
CA THR A 287 7.09 -45.88 -23.99
C THR A 287 7.64 -47.20 -24.50
N PHE A 288 8.02 -48.08 -23.58
CA PHE A 288 8.38 -49.46 -23.90
C PHE A 288 7.42 -50.44 -23.23
N PRO A 289 6.90 -51.42 -23.98
CA PRO A 289 6.16 -52.50 -23.34
C PRO A 289 7.10 -53.42 -22.59
N ILE A 290 6.72 -53.83 -21.39
CA ILE A 290 7.53 -54.77 -20.63
C ILE A 290 6.65 -55.76 -19.87
N PRO A 291 7.26 -56.87 -19.41
CA PRO A 291 6.61 -57.90 -18.60
C PRO A 291 6.21 -57.38 -17.22
N ASP A 292 5.20 -58.02 -16.62
CA ASP A 292 4.79 -57.70 -15.26
C ASP A 292 5.96 -57.95 -14.31
N LEU A 293 6.46 -56.89 -13.69
CA LEU A 293 7.63 -56.99 -12.82
C LEU A 293 7.27 -57.09 -11.34
N GLN A 294 5.99 -57.24 -11.04
CA GLN A 294 5.55 -57.23 -9.65
C GLN A 294 6.10 -58.40 -8.83
N LYS A 295 6.27 -59.56 -9.45
CA LYS A 295 6.77 -60.73 -8.73
C LYS A 295 8.23 -60.56 -8.33
N TYR A 296 8.95 -59.68 -9.03
CA TYR A 296 10.35 -59.45 -8.74
C TYR A 296 10.52 -58.30 -7.74
N TYR A 297 9.50 -58.08 -6.93
CA TYR A 297 9.48 -56.89 -6.07
C TYR A 297 10.60 -56.88 -5.04
N LYS A 298 11.12 -58.05 -4.69
CA LYS A 298 12.13 -58.13 -3.65
C LYS A 298 13.47 -57.55 -4.11
N SER A 299 13.66 -57.48 -5.42
CA SER A 299 14.85 -56.86 -5.98
C SER A 299 14.48 -55.62 -6.79
N ASN A 300 13.25 -55.59 -7.27
CA ASN A 300 12.67 -54.41 -7.95
C ASN A 300 13.52 -53.86 -9.09
N PRO A 301 13.69 -54.63 -10.16
CA PRO A 301 14.54 -54.23 -11.29
C PRO A 301 14.05 -52.95 -11.95
N GLY A 302 12.74 -52.72 -11.95
CA GLY A 302 12.19 -51.51 -12.54
C GLY A 302 12.66 -50.23 -11.87
N HIS A 303 12.69 -50.22 -10.55
CA HIS A 303 13.10 -49.04 -9.80
C HIS A 303 14.60 -48.74 -9.97
N TYR A 304 15.41 -49.78 -10.00
CA TYR A 304 16.85 -49.61 -10.25
C TYR A 304 17.13 -48.88 -11.57
N LEU A 305 16.49 -49.34 -12.65
CA LEU A 305 16.67 -48.70 -13.95
C LEU A 305 16.04 -47.31 -14.01
N GLY A 306 14.89 -47.15 -13.38
CA GLY A 306 14.20 -45.86 -13.35
C GLY A 306 15.03 -44.82 -12.62
N HIS A 307 15.67 -45.26 -11.53
CA HIS A 307 16.51 -44.41 -10.71
C HIS A 307 17.67 -43.82 -11.48
N LEU A 308 18.24 -44.60 -12.40
CA LEU A 308 19.39 -44.15 -13.18
C LEU A 308 18.98 -43.30 -14.39
N ILE A 309 18.02 -43.79 -15.16
CA ILE A 309 17.54 -43.07 -16.33
C ILE A 309 16.87 -41.77 -15.93
N GLY A 310 16.15 -41.81 -14.81
CA GLY A 310 15.44 -40.64 -14.31
C GLY A 310 16.28 -39.81 -13.38
N HIS A 311 17.58 -40.10 -13.33
CA HIS A 311 18.47 -39.33 -12.45
C HIS A 311 18.64 -37.93 -13.00
N GLU A 312 18.74 -36.95 -12.11
CA GLU A 312 18.84 -35.56 -12.52
C GLU A 312 20.17 -34.93 -12.16
N GLY A 313 21.03 -35.70 -11.50
CA GLY A 313 22.35 -35.21 -11.15
C GLY A 313 23.32 -35.21 -12.32
N PRO A 314 24.58 -34.88 -12.04
CA PRO A 314 25.67 -34.85 -13.02
C PRO A 314 25.86 -36.18 -13.73
N GLY A 315 26.09 -36.12 -15.03
CA GLY A 315 26.34 -37.31 -15.83
C GLY A 315 25.07 -37.88 -16.42
N SER A 316 23.93 -37.47 -15.85
CA SER A 316 22.65 -38.03 -16.22
C SER A 316 22.18 -37.63 -17.60
N LEU A 317 21.21 -38.39 -18.12
CA LEU A 317 20.57 -38.11 -19.40
C LEU A 317 19.91 -36.73 -19.41
N LEU A 318 19.24 -36.39 -18.31
CA LEU A 318 18.57 -35.09 -18.19
C LEU A 318 19.58 -33.95 -18.21
N SER A 319 20.70 -34.15 -17.55
CA SER A 319 21.77 -33.15 -17.47
C SER A 319 22.22 -32.75 -18.86
N GLU A 320 22.43 -33.74 -19.71
CA GLU A 320 22.85 -33.54 -21.09
C GLU A 320 21.79 -32.81 -21.90
N LEU A 321 20.57 -33.33 -21.86
CA LEU A 321 19.46 -32.78 -22.61
C LEU A 321 19.17 -31.34 -22.20
N LYS A 322 19.46 -31.01 -20.94
CA LYS A 322 19.26 -29.67 -20.46
C LYS A 322 20.37 -28.73 -20.95
N SER A 323 21.60 -29.22 -21.02
CA SER A 323 22.72 -28.44 -21.55
C SER A 323 22.49 -28.02 -23.00
N LYS A 324 21.98 -28.94 -23.82
CA LYS A 324 21.68 -28.61 -25.20
C LYS A 324 20.42 -27.76 -25.30
N GLY A 325 19.79 -27.50 -24.16
CA GLY A 325 18.59 -26.67 -24.14
C GLY A 325 17.44 -27.31 -24.90
N TRP A 326 17.29 -28.61 -24.78
CA TRP A 326 16.18 -29.31 -25.43
C TRP A 326 15.07 -29.63 -24.44
N VAL A 327 15.45 -30.04 -23.23
CA VAL A 327 14.47 -30.41 -22.22
C VAL A 327 14.75 -29.72 -20.88
N ASN A 328 13.71 -29.59 -20.07
CA ASN A 328 13.83 -28.96 -18.75
C ASN A 328 13.64 -29.98 -17.63
N THR A 329 12.66 -30.86 -17.82
CA THR A 329 12.40 -31.93 -16.86
C THR A 329 12.27 -33.29 -17.56
N LEU A 330 12.54 -34.34 -16.80
CA LEU A 330 12.53 -35.71 -17.33
C LEU A 330 12.00 -36.69 -16.28
N VAL A 331 11.04 -37.52 -16.68
CA VAL A 331 10.59 -38.62 -15.84
C VAL A 331 10.95 -39.96 -16.48
N GLY A 332 11.55 -40.84 -15.69
CA GLY A 332 11.94 -42.15 -16.15
C GLY A 332 11.64 -43.21 -15.12
N GLY A 333 11.24 -44.39 -15.59
CA GLY A 333 11.02 -45.52 -14.70
C GLY A 333 9.91 -46.44 -15.15
N GLN A 334 9.59 -47.42 -14.33
CA GLN A 334 8.50 -48.34 -14.65
C GLN A 334 7.15 -47.71 -14.34
N LYS A 335 6.15 -48.11 -15.10
CA LYS A 335 4.82 -47.54 -14.99
C LYS A 335 3.81 -48.66 -14.92
N GLU A 336 2.92 -48.58 -13.94
CA GLU A 336 1.96 -49.65 -13.70
C GLU A 336 1.09 -49.90 -14.92
N GLY A 337 0.63 -51.13 -15.05
CA GLY A 337 -0.34 -51.49 -16.08
C GLY A 337 -1.46 -52.25 -15.43
N ALA A 338 -1.30 -53.57 -15.37
CA ALA A 338 -2.20 -54.45 -14.64
C ALA A 338 -1.51 -55.80 -14.49
N ARG A 339 -2.18 -56.73 -13.82
CA ARG A 339 -1.63 -58.08 -13.72
C ARG A 339 -1.34 -58.64 -15.11
N GLY A 340 -0.05 -58.83 -15.41
CA GLY A 340 0.34 -59.41 -16.67
C GLY A 340 1.19 -58.49 -17.53
N PHE A 341 1.04 -57.18 -17.36
CA PHE A 341 1.78 -56.24 -18.19
C PHE A 341 2.12 -54.93 -17.48
N MET A 342 3.23 -54.33 -17.91
CA MET A 342 3.64 -53.02 -17.44
C MET A 342 4.19 -52.19 -18.59
N PHE A 343 4.65 -50.98 -18.28
CA PHE A 343 5.33 -50.16 -19.26
C PHE A 343 6.62 -49.62 -18.66
N PHE A 344 7.53 -49.22 -19.52
CA PHE A 344 8.67 -48.43 -19.09
C PHE A 344 8.63 -47.12 -19.88
N ILE A 345 8.80 -46.01 -19.19
CA ILE A 345 8.61 -44.72 -19.82
C ILE A 345 9.76 -43.75 -19.56
N ILE A 346 9.98 -42.88 -20.53
CA ILE A 346 10.90 -41.77 -20.42
C ILE A 346 10.21 -40.53 -20.98
N ASN A 347 9.85 -39.61 -20.11
CA ASN A 347 9.10 -38.43 -20.54
C ASN A 347 9.85 -37.15 -20.27
N VAL A 348 9.88 -36.27 -21.26
CA VAL A 348 10.52 -34.97 -21.11
C VAL A 348 9.58 -33.87 -21.57
N ASP A 349 9.76 -32.68 -21.03
CA ASP A 349 9.12 -31.50 -21.62
C ASP A 349 10.08 -30.95 -22.67
N LEU A 350 9.53 -30.29 -23.68
CA LEU A 350 10.36 -29.82 -24.79
C LEU A 350 10.45 -28.30 -24.81
N THR A 351 11.66 -27.78 -24.96
CA THR A 351 11.86 -26.37 -25.30
C THR A 351 11.48 -26.18 -26.77
N GLU A 352 11.34 -24.93 -27.19
CA GLU A 352 11.05 -24.65 -28.60
C GLU A 352 12.08 -25.33 -29.49
N GLU A 353 13.33 -25.36 -29.01
CA GLU A 353 14.42 -26.05 -29.68
C GLU A 353 14.24 -27.56 -29.69
N GLY A 354 13.95 -28.13 -28.52
CA GLY A 354 13.76 -29.55 -28.38
C GLY A 354 12.70 -30.10 -29.31
N LEU A 355 11.65 -29.32 -29.54
CA LEU A 355 10.58 -29.74 -30.43
C LEU A 355 11.10 -29.97 -31.85
N LEU A 356 12.23 -29.35 -32.17
CA LEU A 356 12.83 -29.50 -33.48
C LEU A 356 13.82 -30.67 -33.51
N HIS A 357 14.27 -31.09 -32.34
CA HIS A 357 15.27 -32.15 -32.23
C HIS A 357 14.72 -33.38 -31.53
N VAL A 358 13.47 -33.74 -31.80
CA VAL A 358 12.85 -34.87 -31.15
C VAL A 358 13.59 -36.16 -31.48
N GLU A 359 13.94 -36.34 -32.76
CA GLU A 359 14.69 -37.51 -33.19
C GLU A 359 16.05 -37.60 -32.49
N ASP A 360 16.68 -36.45 -32.30
CA ASP A 360 17.99 -36.39 -31.66
C ASP A 360 17.90 -36.65 -30.15
N ILE A 361 16.87 -36.11 -29.51
CA ILE A 361 16.64 -36.36 -28.10
C ILE A 361 16.53 -37.86 -27.84
N ILE A 362 15.68 -38.51 -28.63
CA ILE A 362 15.45 -39.94 -28.51
C ILE A 362 16.74 -40.74 -28.75
N LEU A 363 17.58 -40.26 -29.66
CA LEU A 363 18.87 -40.89 -29.86
C LEU A 363 19.69 -40.82 -28.57
N HIS A 364 19.67 -39.66 -27.92
CA HIS A 364 20.37 -39.47 -26.66
C HIS A 364 19.89 -40.43 -25.58
N MET A 365 18.59 -40.69 -25.55
CA MET A 365 18.00 -41.64 -24.62
C MET A 365 18.59 -43.04 -24.83
N PHE A 366 18.71 -43.45 -26.09
CA PHE A 366 19.23 -44.76 -26.42
C PHE A 366 20.74 -44.85 -26.23
N GLN A 367 21.41 -43.70 -26.31
CA GLN A 367 22.83 -43.65 -25.98
C GLN A 367 23.05 -43.86 -24.49
N TYR A 368 22.22 -43.25 -23.65
CA TYR A 368 22.33 -43.44 -22.20
C TYR A 368 22.02 -44.89 -21.83
N ILE A 369 20.99 -45.44 -22.46
CA ILE A 369 20.59 -46.83 -22.22
C ILE A 369 21.74 -47.76 -22.61
N GLN A 370 22.39 -47.44 -23.72
CA GLN A 370 23.56 -48.19 -24.17
C GLN A 370 24.69 -48.08 -23.16
N LYS A 371 24.86 -46.90 -22.59
CA LYS A 371 25.87 -46.67 -21.55
C LYS A 371 25.66 -47.60 -20.36
N LEU A 372 24.40 -47.92 -20.08
CA LEU A 372 24.08 -48.81 -18.97
C LEU A 372 24.37 -50.27 -19.33
N ARG A 373 24.13 -50.65 -20.58
CA ARG A 373 24.46 -51.99 -21.04
C ARG A 373 25.97 -52.22 -21.00
N ALA A 374 26.74 -51.21 -21.39
CA ALA A 374 28.19 -51.29 -21.40
C ALA A 374 28.76 -51.42 -19.99
N GLU A 375 28.19 -50.67 -19.05
CA GLU A 375 28.67 -50.66 -17.67
C GLU A 375 28.28 -51.91 -16.88
N GLY A 376 27.11 -52.47 -17.21
CA GLY A 376 26.55 -53.59 -16.47
C GLY A 376 25.97 -53.14 -15.13
N PRO A 377 25.10 -53.98 -14.54
CA PRO A 377 24.45 -53.66 -13.25
C PRO A 377 25.47 -53.29 -12.18
N GLN A 378 25.18 -52.25 -11.41
CA GLN A 378 26.10 -51.80 -10.38
C GLN A 378 25.52 -52.14 -9.01
N GLU A 379 26.15 -53.09 -8.33
CA GLU A 379 25.63 -53.57 -7.07
C GLU A 379 25.65 -52.48 -6.01
N TRP A 380 26.62 -51.59 -6.08
CA TRP A 380 26.72 -50.54 -5.07
C TRP A 380 25.52 -49.60 -5.20
N VAL A 381 25.00 -49.48 -6.41
CA VAL A 381 23.81 -48.66 -6.63
C VAL A 381 22.59 -49.32 -6.00
N PHE A 382 22.41 -50.61 -6.29
CA PHE A 382 21.32 -51.36 -5.66
C PHE A 382 21.45 -51.30 -4.15
N GLN A 383 22.68 -51.48 -3.67
CA GLN A 383 22.95 -51.44 -2.24
C GLN A 383 22.65 -50.07 -1.64
N GLU A 384 22.82 -49.01 -2.42
CA GLU A 384 22.50 -47.67 -1.95
C GLU A 384 20.99 -47.45 -1.84
N LEU A 385 20.23 -47.91 -2.82
CA LEU A 385 18.77 -47.82 -2.79
C LEU A 385 18.23 -48.60 -1.61
N LYS A 386 18.81 -49.78 -1.37
CA LYS A 386 18.44 -50.61 -0.25
C LYS A 386 18.66 -49.87 1.05
N ASP A 387 19.83 -49.24 1.19
CA ASP A 387 20.21 -48.55 2.41
C ASP A 387 19.33 -47.32 2.67
N LEU A 388 19.10 -46.52 1.63
CA LEU A 388 18.25 -45.33 1.74
C LEU A 388 16.83 -45.71 2.17
N ASN A 389 16.26 -46.72 1.53
CA ASN A 389 14.89 -47.14 1.86
C ASN A 389 14.78 -47.70 3.26
N ALA A 390 15.84 -48.36 3.73
CA ALA A 390 15.87 -48.88 5.09
C ALA A 390 15.73 -47.73 6.10
N VAL A 391 16.53 -46.68 5.91
CA VAL A 391 16.46 -45.49 6.76
C VAL A 391 15.08 -44.84 6.64
N ALA A 392 14.58 -44.74 5.42
CA ALA A 392 13.27 -44.16 5.16
C ALA A 392 12.15 -44.87 5.94
N PHE A 393 12.21 -46.20 6.00
CA PHE A 393 11.18 -46.96 6.69
C PHE A 393 11.30 -46.82 8.21
N ARG A 394 12.54 -46.82 8.70
CA ARG A 394 12.77 -46.69 10.13
C ARG A 394 12.27 -45.36 10.69
N PHE A 395 12.54 -44.28 9.99
CA PHE A 395 12.18 -42.95 10.47
C PHE A 395 11.00 -42.38 9.70
N LYS A 396 10.17 -43.26 9.16
CA LYS A 396 8.94 -42.89 8.48
C LYS A 396 8.06 -42.06 9.41
N ASP A 397 7.53 -40.95 8.91
CA ASP A 397 6.59 -40.13 9.69
C ASP A 397 5.34 -40.93 10.00
N LYS A 398 4.70 -40.63 11.13
CA LYS A 398 3.45 -41.30 11.46
C LYS A 398 2.34 -40.77 10.56
N GLU A 399 1.60 -41.68 9.95
CA GLU A 399 0.59 -41.30 8.97
C GLU A 399 -0.73 -40.94 9.63
N ARG A 400 -1.52 -40.12 8.96
CA ARG A 400 -2.89 -39.90 9.38
C ARG A 400 -3.69 -41.16 9.07
N PRO A 401 -4.45 -41.66 10.06
CA PRO A 401 -5.16 -42.94 10.01
C PRO A 401 -5.91 -43.23 8.70
N ARG A 402 -6.72 -42.28 8.25
CA ARG A 402 -7.57 -42.49 7.07
C ARG A 402 -6.75 -42.89 5.83
N GLY A 403 -5.61 -42.24 5.64
CA GLY A 403 -4.76 -42.54 4.49
C GLY A 403 -3.95 -43.81 4.71
N TYR A 404 -3.66 -44.10 5.97
CA TYR A 404 -2.87 -45.27 6.32
C TYR A 404 -3.65 -46.55 6.04
N THR A 405 -4.82 -46.68 6.65
CA THR A 405 -5.65 -47.86 6.47
C THR A 405 -5.98 -48.12 5.00
N SER A 406 -6.28 -47.05 4.28
CA SER A 406 -6.61 -47.16 2.87
C SER A 406 -5.44 -47.68 2.04
N LYS A 407 -4.27 -47.12 2.26
CA LYS A 407 -3.08 -47.51 1.51
C LYS A 407 -2.73 -48.97 1.79
N ILE A 408 -2.77 -49.34 3.06
CA ILE A 408 -2.39 -50.68 3.47
C ILE A 408 -3.41 -51.68 2.96
N ALA A 409 -4.69 -51.30 2.99
CA ALA A 409 -5.75 -52.18 2.50
C ALA A 409 -5.47 -52.56 1.07
N GLY A 410 -4.87 -51.63 0.33
CA GLY A 410 -4.56 -51.83 -1.07
C GLY A 410 -3.44 -52.82 -1.34
N ILE A 411 -2.41 -52.82 -0.50
CA ILE A 411 -1.24 -53.68 -0.74
C ILE A 411 -1.31 -55.00 0.03
N LEU A 412 -2.34 -55.18 0.85
CA LEU A 412 -2.54 -56.45 1.55
C LEU A 412 -2.74 -57.57 0.54
N HIS A 413 -3.21 -57.20 -0.64
CA HIS A 413 -3.46 -58.14 -1.73
C HIS A 413 -2.17 -58.73 -2.29
N TYR A 414 -1.08 -57.99 -2.15
CA TYR A 414 0.17 -58.31 -2.85
C TYR A 414 1.25 -58.95 -1.98
N TYR A 415 1.10 -58.86 -0.66
CA TYR A 415 2.15 -59.31 0.24
C TYR A 415 1.66 -60.14 1.43
N PRO A 416 2.54 -61.00 1.96
CA PRO A 416 2.28 -61.75 3.20
C PRO A 416 1.97 -60.81 4.36
N LEU A 417 1.06 -61.21 5.25
CA LEU A 417 0.64 -60.38 6.38
C LEU A 417 1.78 -59.78 7.19
N GLU A 418 2.76 -60.60 7.55
CA GLU A 418 3.82 -60.14 8.43
C GLU A 418 4.69 -59.09 7.77
N GLU A 419 4.57 -58.98 6.45
CA GLU A 419 5.47 -58.13 5.67
C GLU A 419 4.83 -56.92 4.98
N VAL A 420 3.52 -56.71 5.11
CA VAL A 420 2.84 -55.63 4.38
C VAL A 420 3.48 -54.26 4.62
N LEU A 421 3.81 -53.97 5.87
CA LEU A 421 4.41 -52.68 6.22
C LEU A 421 5.77 -52.47 5.57
N THR A 422 6.59 -53.51 5.48
CA THR A 422 7.96 -53.36 4.97
C THR A 422 8.11 -53.65 3.48
N ALA A 423 7.17 -54.42 2.93
CA ALA A 423 7.28 -54.95 1.57
C ALA A 423 7.69 -53.90 0.53
N GLU A 424 7.11 -52.71 0.60
CA GLU A 424 7.37 -51.68 -0.41
C GLU A 424 8.55 -50.79 -0.05
N TYR A 425 9.26 -51.13 1.02
CA TYR A 425 10.45 -50.37 1.43
C TYR A 425 11.73 -51.19 1.36
N LEU A 426 11.66 -52.45 1.81
CA LEU A 426 12.87 -53.22 2.02
C LEU A 426 13.21 -54.10 0.83
N LEU A 427 14.41 -53.86 0.31
CA LEU A 427 15.00 -54.65 -0.73
C LEU A 427 15.82 -55.78 -0.15
N GLU A 428 15.75 -56.95 -0.78
CA GLU A 428 16.49 -58.09 -0.30
C GLU A 428 17.83 -58.40 -0.98
N GLU A 429 17.81 -58.69 -2.27
CA GLU A 429 18.99 -59.23 -2.92
C GLU A 429 19.03 -58.75 -4.36
N PHE A 430 20.21 -58.24 -4.72
CA PHE A 430 20.51 -57.73 -6.04
C PHE A 430 20.45 -58.83 -7.10
N ARG A 431 19.68 -58.59 -8.17
CA ARG A 431 19.47 -59.58 -9.21
C ARG A 431 19.79 -58.98 -10.58
N PRO A 432 21.08 -58.90 -10.91
CA PRO A 432 21.58 -58.34 -12.17
C PRO A 432 20.96 -59.00 -13.39
N ASP A 433 20.55 -60.25 -13.25
CA ASP A 433 19.89 -60.97 -14.34
C ASP A 433 18.57 -60.30 -14.71
N LEU A 434 17.78 -59.92 -13.71
CA LEU A 434 16.50 -59.26 -13.94
C LEU A 434 16.71 -57.89 -14.56
N ILE A 435 17.70 -57.17 -14.06
CA ILE A 435 18.06 -55.86 -14.60
C ILE A 435 18.41 -55.93 -16.08
N GLU A 436 19.20 -56.93 -16.46
CA GLU A 436 19.59 -57.11 -17.86
C GLU A 436 18.37 -57.53 -18.68
N MET A 437 17.47 -58.27 -18.05
CA MET A 437 16.23 -58.70 -18.68
C MET A 437 15.36 -57.53 -19.11
N VAL A 438 15.14 -56.59 -18.18
CA VAL A 438 14.31 -55.42 -18.45
C VAL A 438 15.00 -54.48 -19.42
N LEU A 439 16.32 -54.35 -19.26
CA LEU A 439 17.11 -53.46 -20.08
C LEU A 439 17.08 -53.90 -21.53
N ASP A 440 16.83 -55.19 -21.75
CA ASP A 440 16.78 -55.77 -23.08
C ASP A 440 15.48 -55.42 -23.81
N LYS A 441 14.46 -54.98 -23.08
CA LYS A 441 13.21 -54.53 -23.70
C LYS A 441 13.29 -53.08 -24.15
N LEU A 442 14.29 -52.36 -23.64
CA LEU A 442 14.42 -50.93 -23.91
C LEU A 442 15.17 -50.68 -25.22
N ARG A 443 14.57 -51.11 -26.31
CA ARG A 443 15.21 -51.00 -27.62
C ARG A 443 14.31 -50.30 -28.62
N PRO A 444 14.91 -49.69 -29.65
CA PRO A 444 14.18 -48.92 -30.66
C PRO A 444 13.06 -49.71 -31.32
N GLU A 445 13.20 -51.02 -31.39
CA GLU A 445 12.21 -51.86 -32.07
C GLU A 445 10.96 -52.10 -31.22
N ASN A 446 11.01 -51.75 -29.94
CA ASN A 446 9.84 -51.87 -29.07
C ASN A 446 9.34 -50.51 -28.60
N VAL A 447 9.65 -49.46 -29.35
CA VAL A 447 9.36 -48.12 -28.88
C VAL A 447 8.07 -47.55 -29.43
N ARG A 448 7.40 -46.77 -28.60
CA ARG A 448 6.26 -45.96 -29.02
C ARG A 448 6.55 -44.52 -28.65
N VAL A 449 6.35 -43.60 -29.59
CA VAL A 449 6.66 -42.20 -29.32
C VAL A 449 5.44 -41.32 -29.53
N ALA A 450 5.21 -40.42 -28.58
CA ALA A 450 4.13 -39.46 -28.70
C ALA A 450 4.68 -38.06 -28.49
N ILE A 451 4.32 -37.15 -29.39
CA ILE A 451 4.72 -35.75 -29.28
C ILE A 451 3.47 -34.90 -29.09
N VAL A 452 3.46 -34.08 -28.05
CA VAL A 452 2.32 -33.21 -27.76
C VAL A 452 2.68 -31.75 -28.00
N SER A 453 2.03 -31.12 -28.97
CA SER A 453 2.34 -29.74 -29.30
C SER A 453 1.20 -29.06 -30.08
N LYS A 454 1.08 -27.75 -29.90
CA LYS A 454 0.10 -26.97 -30.64
C LYS A 454 0.48 -26.87 -32.13
N SER A 455 1.75 -27.15 -32.42
CA SER A 455 2.25 -27.07 -33.79
C SER A 455 1.64 -28.12 -34.71
N PHE A 456 0.92 -29.08 -34.14
CA PHE A 456 0.32 -30.14 -34.93
C PHE A 456 -1.13 -29.78 -35.26
N GLU A 457 -1.56 -28.62 -34.76
CA GLU A 457 -2.93 -28.16 -34.95
C GLU A 457 -3.30 -28.02 -36.42
N GLY A 458 -4.43 -28.60 -36.80
CA GLY A 458 -4.89 -28.59 -38.17
C GLY A 458 -4.20 -29.61 -39.05
N LYS A 459 -3.20 -30.30 -38.49
CA LYS A 459 -2.44 -31.27 -39.25
C LYS A 459 -2.77 -32.70 -38.85
N THR A 460 -3.80 -32.87 -38.03
CA THR A 460 -4.18 -34.19 -37.53
C THR A 460 -5.33 -34.77 -38.35
N ASP A 461 -5.53 -36.08 -38.23
CA ASP A 461 -6.54 -36.78 -39.01
C ASP A 461 -7.41 -37.71 -38.18
N ARG A 462 -7.05 -37.88 -36.91
CA ARG A 462 -7.78 -38.80 -36.04
C ARG A 462 -8.38 -38.07 -34.83
N THR A 463 -9.41 -38.69 -34.24
CA THR A 463 -10.07 -38.12 -33.07
C THR A 463 -10.46 -39.20 -32.08
N GLU A 464 -9.92 -39.12 -30.87
CA GLU A 464 -10.21 -40.10 -29.85
C GLU A 464 -11.68 -39.98 -29.41
N GLU A 465 -12.34 -41.12 -29.30
CA GLU A 465 -13.80 -41.18 -29.16
C GLU A 465 -14.36 -40.52 -27.90
N TRP A 466 -13.64 -40.62 -26.79
CA TRP A 466 -14.18 -40.24 -25.50
C TRP A 466 -13.85 -38.81 -25.06
N TYR A 467 -12.67 -38.33 -25.46
CA TYR A 467 -12.23 -37.00 -25.06
C TYR A 467 -12.18 -36.03 -26.23
N GLY A 468 -12.15 -36.56 -27.45
CA GLY A 468 -12.09 -35.74 -28.65
C GLY A 468 -10.69 -35.27 -29.01
N THR A 469 -9.69 -35.97 -28.48
CA THR A 469 -8.29 -35.60 -28.70
C THR A 469 -7.92 -35.63 -30.19
N GLN A 470 -7.43 -34.49 -30.69
CA GLN A 470 -6.97 -34.41 -32.08
C GLN A 470 -5.55 -34.97 -32.21
N TYR A 471 -5.39 -36.03 -32.98
CA TYR A 471 -4.06 -36.61 -33.14
C TYR A 471 -3.81 -37.23 -34.52
N LYS A 472 -2.59 -37.71 -34.72
CA LYS A 472 -2.16 -38.27 -35.99
C LYS A 472 -1.18 -39.40 -35.76
N GLN A 473 -1.36 -40.51 -36.47
CA GLN A 473 -0.53 -41.68 -36.29
C GLN A 473 0.37 -41.98 -37.49
N GLU A 474 1.65 -42.18 -37.22
CA GLU A 474 2.63 -42.51 -38.25
C GLU A 474 3.49 -43.67 -37.80
N ALA A 475 4.03 -44.41 -38.76
CA ALA A 475 4.98 -45.45 -38.42
C ALA A 475 6.38 -44.85 -38.38
N ILE A 476 7.17 -45.25 -37.40
CA ILE A 476 8.53 -44.73 -37.34
C ILE A 476 9.34 -45.42 -38.42
N PRO A 477 9.85 -44.63 -39.39
CA PRO A 477 10.59 -45.14 -40.54
C PRO A 477 11.82 -45.93 -40.14
N ASP A 478 12.13 -46.99 -40.89
CA ASP A 478 13.24 -47.87 -40.54
C ASP A 478 14.58 -47.13 -40.57
N GLU A 479 14.66 -46.06 -41.35
CA GLU A 479 15.86 -45.23 -41.39
C GLU A 479 16.13 -44.67 -40.00
N VAL A 480 15.08 -44.26 -39.30
CA VAL A 480 15.20 -43.68 -37.97
C VAL A 480 15.45 -44.77 -36.92
N ILE A 481 14.72 -45.87 -37.05
CA ILE A 481 14.85 -47.00 -36.14
C ILE A 481 16.27 -47.53 -36.15
N LYS A 482 16.84 -47.66 -37.34
CA LYS A 482 18.20 -48.16 -37.50
C LYS A 482 19.22 -47.20 -36.88
N LYS A 483 18.99 -45.90 -37.04
CA LYS A 483 19.85 -44.90 -36.42
C LYS A 483 19.87 -45.07 -34.91
N TRP A 484 18.69 -45.32 -34.33
CA TRP A 484 18.57 -45.45 -32.88
C TRP A 484 19.23 -46.73 -32.37
N GLN A 485 19.16 -47.80 -33.15
CA GLN A 485 19.75 -49.08 -32.75
C GLN A 485 21.26 -48.99 -32.73
N ASN A 486 21.81 -48.15 -33.59
CA ASN A 486 23.25 -47.91 -33.64
C ASN A 486 23.64 -46.69 -32.83
N ALA A 487 23.69 -46.84 -31.51
CA ALA A 487 23.88 -45.69 -30.64
C ALA A 487 25.27 -45.69 -30.00
N ASP A 488 26.17 -44.90 -30.58
CA ASP A 488 27.53 -44.77 -30.07
C ASP A 488 27.53 -44.22 -28.65
N LEU A 489 28.50 -44.64 -27.84
CA LEU A 489 28.61 -44.15 -26.47
C LEU A 489 28.95 -42.66 -26.39
N ASN A 490 27.99 -41.88 -25.93
CA ASN A 490 28.17 -40.45 -25.68
C ASN A 490 29.00 -40.25 -24.41
N GLY A 491 30.08 -39.49 -24.52
CA GLY A 491 30.97 -39.27 -23.39
C GLY A 491 30.36 -38.40 -22.30
N LYS A 492 29.25 -37.75 -22.61
CA LYS A 492 28.58 -36.86 -21.66
C LYS A 492 27.87 -37.63 -20.56
N PHE A 493 27.70 -38.94 -20.77
CA PHE A 493 26.95 -39.78 -19.86
C PHE A 493 27.83 -40.55 -18.87
N LYS A 494 27.62 -40.28 -17.59
CA LYS A 494 28.31 -40.98 -16.50
C LYS A 494 27.29 -41.49 -15.48
N LEU A 495 27.55 -42.64 -14.88
CA LEU A 495 26.66 -43.14 -13.83
C LEU A 495 26.75 -42.18 -12.65
N PRO A 496 25.65 -42.08 -11.87
CA PRO A 496 25.63 -41.14 -10.75
C PRO A 496 26.75 -41.44 -9.76
N THR A 497 27.21 -40.44 -9.03
CA THR A 497 28.25 -40.67 -8.05
C THR A 497 27.59 -41.10 -6.74
N LYS A 498 28.38 -41.65 -5.82
CA LYS A 498 27.86 -42.06 -4.53
C LYS A 498 27.20 -40.85 -3.87
N ASN A 499 25.98 -41.04 -3.39
CA ASN A 499 25.21 -39.96 -2.78
C ASN A 499 25.79 -39.54 -1.43
N GLU A 500 26.44 -38.39 -1.42
CA GLU A 500 27.15 -37.89 -0.25
C GLU A 500 26.26 -37.16 0.75
N PHE A 501 24.96 -37.13 0.48
CA PHE A 501 24.00 -36.47 1.38
C PHE A 501 23.34 -37.46 2.33
N ILE A 502 23.64 -38.74 2.18
CA ILE A 502 23.02 -39.76 3.00
C ILE A 502 23.37 -39.55 4.47
N PRO A 503 22.34 -39.35 5.31
CA PRO A 503 22.48 -39.04 6.73
C PRO A 503 23.12 -40.18 7.51
N THR A 504 23.98 -39.83 8.46
CA THR A 504 24.69 -40.83 9.25
C THR A 504 24.40 -40.66 10.75
N ASN A 505 24.13 -39.42 11.15
CA ASN A 505 23.84 -39.11 12.54
C ASN A 505 22.35 -39.05 12.82
N PHE A 506 21.82 -40.07 13.47
CA PHE A 506 20.40 -40.14 13.78
C PHE A 506 20.19 -39.90 15.27
N GLU A 507 21.19 -39.30 15.91
CA GLU A 507 21.10 -39.03 17.34
C GLU A 507 19.94 -38.08 17.61
N ILE A 508 19.07 -38.46 18.54
CA ILE A 508 18.01 -37.58 18.98
C ILE A 508 18.51 -36.79 20.17
N LEU A 509 18.84 -35.52 19.95
CA LEU A 509 19.32 -34.66 21.03
C LEU A 509 18.30 -34.61 22.17
N PRO A 510 18.79 -34.62 23.41
CA PRO A 510 17.97 -34.62 24.62
C PRO A 510 17.25 -33.30 24.85
N LEU A 511 15.99 -33.35 25.27
CA LEU A 511 15.22 -32.13 25.53
C LEU A 511 15.90 -31.25 26.56
N GLU A 512 16.15 -29.99 26.19
CA GLU A 512 16.77 -29.02 27.08
C GLU A 512 15.89 -28.73 28.28
N LYS A 513 16.49 -28.14 29.31
CA LYS A 513 15.74 -27.83 30.52
C LYS A 513 14.70 -26.76 30.23
N GLU A 514 15.10 -25.73 29.49
CA GLU A 514 14.22 -24.60 29.20
C GLU A 514 13.42 -24.76 27.91
N ALA A 515 13.24 -26.01 27.48
CA ALA A 515 12.46 -26.30 26.28
C ALA A 515 10.99 -25.94 26.46
N THR A 516 10.42 -25.27 25.47
CA THR A 516 9.03 -24.83 25.53
C THR A 516 8.10 -25.78 24.77
N PRO A 517 6.81 -25.78 25.14
CA PRO A 517 5.81 -26.61 24.47
C PRO A 517 5.36 -25.99 23.16
N TYR A 518 5.49 -24.67 23.06
CA TYR A 518 5.22 -23.95 21.82
C TYR A 518 6.46 -23.20 21.40
N PRO A 519 6.47 -22.69 20.16
CA PRO A 519 7.64 -21.94 19.72
C PRO A 519 7.89 -20.72 20.62
N ALA A 520 9.15 -20.51 20.97
CA ALA A 520 9.52 -19.35 21.78
C ALA A 520 10.33 -18.40 20.92
N LEU A 521 10.05 -17.10 21.07
CA LEU A 521 10.81 -16.09 20.34
C LEU A 521 12.18 -15.90 20.99
N ILE A 522 13.23 -16.36 20.32
CA ILE A 522 14.56 -16.42 20.92
C ILE A 522 15.56 -15.49 20.25
N LYS A 523 15.10 -14.62 19.37
CA LYS A 523 15.95 -13.61 18.76
C LYS A 523 15.11 -12.55 18.05
N ASP A 524 15.36 -11.29 18.39
CA ASP A 524 14.53 -10.19 17.89
C ASP A 524 15.33 -8.95 17.55
N THR A 525 16.15 -9.05 16.50
CA THR A 525 16.89 -7.91 15.99
C THR A 525 16.09 -7.24 14.88
N ALA A 526 16.65 -6.21 14.26
CA ALA A 526 15.99 -5.54 13.16
C ALA A 526 16.14 -6.38 11.92
N MET A 527 17.22 -7.15 11.88
CA MET A 527 17.54 -8.00 10.76
C MET A 527 16.64 -9.22 10.70
N SER A 528 16.37 -9.82 11.84
CA SER A 528 15.69 -11.11 11.85
C SER A 528 14.96 -11.40 13.16
N LYS A 529 13.89 -12.17 13.04
CA LYS A 529 13.09 -12.60 14.17
C LYS A 529 12.98 -14.12 14.12
N LEU A 530 13.55 -14.80 15.12
CA LEU A 530 13.72 -16.25 15.08
C LEU A 530 12.87 -17.01 16.11
N TRP A 531 11.92 -17.79 15.61
CA TRP A 531 11.09 -18.65 16.44
C TRP A 531 11.64 -20.06 16.53
N PHE A 532 11.68 -20.61 17.73
CA PHE A 532 12.30 -21.91 17.95
C PHE A 532 11.50 -22.82 18.88
N LYS A 533 11.48 -24.11 18.56
CA LYS A 533 10.97 -25.14 19.45
C LYS A 533 11.65 -26.46 19.18
N GLN A 534 12.20 -27.06 20.23
CA GLN A 534 12.76 -28.40 20.15
C GLN A 534 11.61 -29.41 20.21
N ASP A 535 11.59 -30.33 19.24
CA ASP A 535 10.53 -31.33 19.16
C ASP A 535 10.40 -32.17 20.43
N ASP A 536 9.18 -32.27 20.95
CA ASP A 536 8.92 -33.03 22.16
C ASP A 536 7.80 -34.06 21.97
N LYS A 537 7.51 -34.38 20.71
CA LYS A 537 6.37 -35.25 20.40
C LYS A 537 6.73 -36.46 19.53
N PHE A 538 7.68 -36.27 18.61
CA PHE A 538 7.91 -37.29 17.58
C PHE A 538 9.27 -38.00 17.70
N PHE A 539 10.30 -37.23 18.01
CA PHE A 539 11.63 -37.79 18.32
C PHE A 539 12.23 -38.60 17.17
N LEU A 540 12.15 -38.04 15.96
CA LEU A 540 12.90 -38.58 14.83
C LEU A 540 14.05 -37.64 14.51
N PRO A 541 15.09 -38.14 13.83
CA PRO A 541 16.24 -37.30 13.51
C PRO A 541 15.98 -36.33 12.36
N LYS A 542 14.92 -35.54 12.46
CA LYS A 542 14.54 -34.59 11.42
C LYS A 542 14.25 -33.20 11.97
N ALA A 543 14.26 -32.20 11.09
CA ALA A 543 13.94 -30.82 11.48
C ALA A 543 13.40 -29.98 10.32
N ASN A 544 12.50 -29.06 10.65
CA ASN A 544 11.96 -28.14 9.65
C ASN A 544 12.48 -26.73 9.85
N LEU A 545 13.10 -26.20 8.80
CA LEU A 545 13.62 -24.84 8.83
C LEU A 545 12.80 -23.94 7.92
N ASN A 546 12.00 -23.05 8.52
CA ASN A 546 11.12 -22.19 7.73
C ASN A 546 11.58 -20.74 7.76
N PHE A 547 11.76 -20.14 6.58
CA PHE A 547 12.20 -18.76 6.49
C PHE A 547 11.33 -17.89 5.60
N GLU A 548 10.84 -16.77 6.14
CA GLU A 548 10.20 -15.76 5.32
C GLU A 548 11.11 -14.55 5.19
N PHE A 549 11.53 -14.25 3.97
CA PHE A 549 12.34 -13.08 3.68
C PHE A 549 11.47 -11.93 3.19
N PHE A 550 11.37 -10.86 3.99
CA PHE A 550 10.57 -9.70 3.61
C PHE A 550 11.34 -8.63 2.86
N SER A 551 10.78 -8.20 1.72
CA SER A 551 11.31 -7.07 0.96
C SER A 551 10.18 -6.47 0.13
N PRO A 552 10.09 -5.14 0.14
CA PRO A 552 9.02 -4.41 -0.54
C PRO A 552 9.10 -4.56 -2.07
N PHE A 553 10.30 -4.85 -2.57
CA PHE A 553 10.54 -4.89 -4.00
C PHE A 553 10.08 -6.20 -4.63
N ALA A 554 9.47 -7.07 -3.82
CA ALA A 554 9.05 -8.37 -4.30
C ALA A 554 7.74 -8.29 -5.06
N TYR A 555 6.84 -7.45 -4.57
CA TYR A 555 5.49 -7.36 -5.12
C TYR A 555 5.05 -5.92 -5.39
N VAL A 556 6.02 -5.00 -5.45
CA VAL A 556 5.74 -3.58 -5.67
C VAL A 556 4.96 -3.31 -6.97
N ASP A 557 5.30 -4.04 -8.03
CA ASP A 557 4.54 -3.98 -9.27
C ASP A 557 4.71 -5.26 -10.07
N PRO A 558 3.85 -5.44 -11.09
CA PRO A 558 3.88 -6.63 -11.96
C PRO A 558 5.29 -6.96 -12.46
N LEU A 559 6.01 -5.96 -12.95
CA LEU A 559 7.36 -6.18 -13.47
C LEU A 559 8.28 -6.82 -12.43
N HIS A 560 8.17 -6.37 -11.18
CA HIS A 560 9.02 -6.87 -10.11
C HIS A 560 8.53 -8.22 -9.59
N SER A 561 7.22 -8.37 -9.50
CA SER A 561 6.62 -9.64 -9.13
C SER A 561 7.10 -10.75 -10.08
N ASN A 562 7.14 -10.45 -11.37
CA ASN A 562 7.68 -11.38 -12.37
C ASN A 562 9.15 -11.70 -12.15
N MET A 563 9.93 -10.68 -11.78
CA MET A 563 11.37 -10.86 -11.66
C MET A 563 11.69 -11.63 -10.38
N ALA A 564 10.91 -11.38 -9.33
CA ALA A 564 11.03 -12.17 -8.11
C ALA A 564 10.84 -13.65 -8.42
N TYR A 565 9.85 -13.93 -9.26
CA TYR A 565 9.54 -15.30 -9.67
C TYR A 565 10.62 -15.92 -10.55
N LEU A 566 11.02 -15.21 -11.59
CA LEU A 566 12.07 -15.71 -12.50
C LEU A 566 13.38 -15.94 -11.76
N TYR A 567 13.67 -15.07 -10.81
CA TYR A 567 14.89 -15.16 -10.01
C TYR A 567 14.97 -16.50 -9.27
N LEU A 568 13.92 -16.84 -8.53
CA LEU A 568 13.89 -18.08 -7.76
C LEU A 568 13.83 -19.30 -8.68
N GLU A 569 13.09 -19.20 -9.77
CA GLU A 569 13.03 -20.28 -10.74
C GLU A 569 14.39 -20.52 -11.40
N LEU A 570 15.14 -19.45 -11.62
CA LEU A 570 16.48 -19.58 -12.17
C LEU A 570 17.45 -20.09 -11.12
N LEU A 571 17.17 -19.77 -9.86
CA LEU A 571 17.98 -20.22 -8.74
C LEU A 571 17.85 -21.73 -8.58
N LYS A 572 16.61 -22.21 -8.60
CA LYS A 572 16.34 -23.64 -8.50
C LYS A 572 16.86 -24.40 -9.70
N ASP A 573 16.69 -23.83 -10.89
CA ASP A 573 17.17 -24.46 -12.12
C ASP A 573 18.67 -24.70 -12.00
N SER A 574 19.35 -23.83 -11.28
CA SER A 574 20.78 -23.94 -11.07
C SER A 574 21.14 -25.00 -10.02
N LEU A 575 20.47 -24.95 -8.87
CA LEU A 575 20.75 -25.87 -7.75
C LEU A 575 20.32 -27.31 -7.97
N ASN A 576 19.51 -27.56 -8.99
CA ASN A 576 18.84 -28.84 -9.15
C ASN A 576 19.75 -30.05 -9.08
N GLU A 577 20.74 -30.09 -9.97
CA GLU A 577 21.69 -31.20 -10.03
C GLU A 577 22.36 -31.49 -8.70
N TYR A 578 22.58 -30.44 -7.91
CA TYR A 578 23.22 -30.57 -6.60
C TYR A 578 22.21 -31.00 -5.54
N ALA A 579 21.04 -30.40 -5.56
CA ALA A 579 20.03 -30.67 -4.54
C ALA A 579 19.31 -32.00 -4.77
N TYR A 580 19.43 -32.54 -5.98
CA TYR A 580 18.72 -33.77 -6.32
C TYR A 580 19.15 -34.94 -5.44
N ALA A 581 20.45 -35.09 -5.24
CA ALA A 581 20.97 -36.12 -4.36
C ALA A 581 20.40 -35.97 -2.95
N ALA A 582 20.36 -34.73 -2.47
CA ALA A 582 19.83 -34.46 -1.14
C ALA A 582 18.35 -34.82 -1.05
N GLU A 583 17.62 -34.62 -2.14
CA GLU A 583 16.20 -34.94 -2.14
C GLU A 583 16.02 -36.45 -2.05
N LEU A 584 16.83 -37.20 -2.79
CA LEU A 584 16.86 -38.66 -2.71
C LEU A 584 17.23 -39.15 -1.31
N ALA A 585 17.96 -38.33 -0.56
CA ALA A 585 18.45 -38.70 0.76
C ALA A 585 17.58 -38.12 1.89
N GLY A 586 16.34 -37.79 1.57
CA GLY A 586 15.38 -37.37 2.58
C GLY A 586 15.53 -35.93 3.05
N LEU A 587 16.13 -35.10 2.20
CA LEU A 587 16.41 -33.71 2.54
C LEU A 587 15.98 -32.79 1.41
N SER A 588 14.85 -32.12 1.60
CA SER A 588 14.26 -31.31 0.55
C SER A 588 14.16 -29.83 0.92
N TYR A 589 14.09 -28.98 -0.10
CA TYR A 589 13.87 -27.56 0.11
C TYR A 589 12.78 -27.03 -0.80
N ASP A 590 12.07 -26.01 -0.31
CA ASP A 590 11.06 -25.33 -1.10
C ASP A 590 11.38 -23.84 -1.13
N LEU A 591 11.40 -23.26 -2.32
CA LEU A 591 11.79 -21.87 -2.47
C LEU A 591 10.82 -21.12 -3.37
N GLN A 592 9.94 -20.33 -2.77
CA GLN A 592 8.94 -19.60 -3.55
C GLN A 592 9.02 -18.09 -3.37
N ASN A 593 8.64 -17.37 -4.42
CA ASN A 593 8.44 -15.93 -4.30
C ASN A 593 7.01 -15.66 -3.81
N THR A 594 6.84 -14.61 -3.02
CA THR A 594 5.55 -14.30 -2.42
C THR A 594 5.19 -12.83 -2.58
N ILE A 595 4.08 -12.43 -1.95
CA ILE A 595 3.63 -11.05 -2.01
C ILE A 595 4.36 -10.22 -0.96
N TYR A 596 5.12 -10.90 -0.11
CA TYR A 596 5.86 -10.24 0.97
C TYR A 596 7.36 -10.32 0.73
N GLY A 597 7.75 -11.13 -0.25
CA GLY A 597 9.14 -11.38 -0.54
C GLY A 597 9.38 -12.83 -0.93
N MET A 598 10.30 -13.50 -0.24
CA MET A 598 10.63 -14.89 -0.56
C MET A 598 10.29 -15.82 0.60
N TYR A 599 9.98 -17.07 0.25
CA TYR A 599 9.73 -18.10 1.24
C TYR A 599 10.69 -19.28 1.03
N LEU A 600 11.37 -19.68 2.09
CA LEU A 600 12.30 -20.79 2.02
C LEU A 600 12.00 -21.80 3.11
N SER A 601 11.94 -23.07 2.72
CA SER A 601 11.70 -24.13 3.69
C SER A 601 12.59 -25.32 3.38
N VAL A 602 13.38 -25.72 4.37
CA VAL A 602 14.18 -26.93 4.25
C VAL A 602 13.67 -27.92 5.29
N LYS A 603 13.39 -29.13 4.83
CA LYS A 603 12.81 -30.15 5.69
C LYS A 603 13.50 -31.51 5.48
N GLY A 604 13.53 -32.31 6.55
CA GLY A 604 14.12 -33.63 6.47
C GLY A 604 15.09 -33.93 7.61
N TYR A 605 15.97 -34.90 7.38
CA TYR A 605 16.97 -35.29 8.36
C TYR A 605 17.86 -34.11 8.70
N ASN A 606 18.03 -33.87 10.00
CA ASN A 606 18.76 -32.68 10.45
C ASN A 606 20.26 -32.79 10.17
N ASP A 607 20.74 -34.03 10.03
CA ASP A 607 22.16 -34.31 9.91
C ASP A 607 22.90 -33.37 8.95
N LYS A 608 22.61 -33.48 7.66
CA LYS A 608 23.35 -32.72 6.65
C LYS A 608 22.53 -31.52 6.16
N GLN A 609 21.57 -31.14 6.98
CA GLN A 609 20.63 -30.07 6.65
C GLN A 609 21.34 -28.72 6.56
N PRO A 610 22.26 -28.44 7.50
CA PRO A 610 23.04 -27.19 7.47
C PRO A 610 23.85 -27.02 6.18
N ILE A 611 24.35 -28.12 5.62
CA ILE A 611 25.09 -28.07 4.39
C ILE A 611 24.25 -27.50 3.24
N LEU A 612 23.07 -28.08 3.06
CA LEU A 612 22.17 -27.66 1.99
C LEU A 612 21.71 -26.21 2.17
N LEU A 613 21.32 -25.87 3.39
CA LEU A 613 20.80 -24.53 3.68
C LEU A 613 21.80 -23.43 3.33
N LYS A 614 23.06 -23.60 3.70
CA LYS A 614 24.09 -22.63 3.38
C LYS A 614 24.26 -22.52 1.87
N LYS A 615 24.22 -23.65 1.18
CA LYS A 615 24.39 -23.66 -0.28
C LYS A 615 23.31 -22.85 -0.98
N ILE A 616 22.09 -22.89 -0.44
CA ILE A 616 21.00 -22.13 -1.03
C ILE A 616 21.17 -20.64 -0.74
N ILE A 617 21.30 -20.29 0.54
CA ILE A 617 21.47 -18.91 0.96
C ILE A 617 22.68 -18.26 0.28
N GLU A 618 23.73 -19.06 0.11
CA GLU A 618 24.96 -18.58 -0.48
C GLU A 618 24.83 -18.45 -1.99
N LYS A 619 24.09 -19.39 -2.58
CA LYS A 619 23.79 -19.35 -4.01
C LYS A 619 22.84 -18.21 -4.32
N MET A 620 21.94 -17.99 -3.38
CA MET A 620 20.94 -16.93 -3.48
C MET A 620 21.62 -15.58 -3.63
N ALA A 621 22.56 -15.30 -2.73
CA ALA A 621 23.18 -13.98 -2.61
C ALA A 621 24.32 -13.75 -3.59
N THR A 622 24.63 -14.75 -4.42
CA THR A 622 25.72 -14.61 -5.38
C THR A 622 25.37 -15.19 -6.74
N PHE A 623 24.08 -15.19 -7.06
CA PHE A 623 23.58 -15.90 -8.23
C PHE A 623 24.02 -15.24 -9.54
N GLU A 624 24.72 -15.99 -10.38
CA GLU A 624 25.08 -15.50 -11.70
C GLU A 624 24.22 -16.16 -12.78
N ILE A 625 23.44 -15.35 -13.48
CA ILE A 625 22.41 -15.83 -14.38
C ILE A 625 22.94 -16.22 -15.75
N ASP A 626 22.63 -17.44 -16.16
CA ASP A 626 22.93 -17.91 -17.51
C ASP A 626 21.87 -17.40 -18.48
N GLU A 627 22.30 -16.89 -19.63
CA GLU A 627 21.37 -16.28 -20.57
C GLU A 627 20.45 -17.30 -21.23
N LYS A 628 20.98 -18.46 -21.58
CA LYS A 628 20.17 -19.50 -22.21
C LYS A 628 19.06 -19.99 -21.29
N ARG A 629 19.39 -20.18 -20.01
CA ARG A 629 18.40 -20.64 -19.04
C ARG A 629 17.35 -19.55 -18.81
N PHE A 630 17.80 -18.30 -18.82
CA PHE A 630 16.90 -17.17 -18.67
C PHE A 630 15.87 -17.16 -19.80
N GLU A 631 16.34 -17.35 -21.02
CA GLU A 631 15.46 -17.34 -22.19
C GLU A 631 14.42 -18.45 -22.11
N ILE A 632 14.88 -19.65 -21.79
CA ILE A 632 14.01 -20.82 -21.73
C ILE A 632 12.99 -20.67 -20.59
N ILE A 633 13.49 -20.40 -19.39
CA ILE A 633 12.64 -20.26 -18.22
C ILE A 633 11.62 -19.13 -18.37
N LYS A 634 12.04 -18.02 -18.99
CA LYS A 634 11.17 -16.87 -19.17
C LYS A 634 10.03 -17.21 -20.12
N GLU A 635 10.36 -17.91 -21.19
CA GLU A 635 9.37 -18.35 -22.18
C GLU A 635 8.36 -19.33 -21.57
N ALA A 636 8.85 -20.24 -20.73
CA ALA A 636 7.97 -21.18 -20.04
C ALA A 636 6.97 -20.43 -19.17
N TYR A 637 7.45 -19.41 -18.46
CA TYR A 637 6.62 -18.61 -17.59
C TYR A 637 5.52 -17.91 -18.37
N MET A 638 5.85 -17.46 -19.59
CA MET A 638 4.86 -16.80 -20.44
C MET A 638 3.72 -17.75 -20.75
N ARG A 639 4.06 -18.95 -21.22
CA ARG A 639 3.06 -19.97 -21.50
C ARG A 639 2.30 -20.35 -20.25
N SER A 640 3.00 -20.39 -19.12
CA SER A 640 2.39 -20.71 -17.84
C SER A 640 1.24 -19.74 -17.52
N LEU A 641 1.48 -18.45 -17.68
CA LEU A 641 0.45 -17.44 -17.44
C LEU A 641 -0.70 -17.61 -18.43
N ASN A 642 -0.38 -17.87 -19.69
CA ASN A 642 -1.42 -18.05 -20.69
C ASN A 642 -2.26 -19.29 -20.43
N ASN A 643 -1.59 -20.37 -20.01
CA ASN A 643 -2.25 -21.65 -19.78
C ASN A 643 -3.34 -21.59 -18.71
N PHE A 644 -3.38 -20.51 -17.96
CA PHE A 644 -4.40 -20.34 -16.93
C PHE A 644 -5.80 -20.29 -17.54
N ARG A 645 -5.89 -20.00 -18.83
CA ARG A 645 -7.20 -19.95 -19.49
C ARG A 645 -7.85 -21.33 -19.53
N ALA A 646 -7.04 -22.39 -19.46
CA ALA A 646 -7.54 -23.76 -19.59
C ALA A 646 -7.82 -24.42 -18.24
N GLU A 647 -7.71 -23.66 -17.16
CA GLU A 647 -8.05 -24.16 -15.83
C GLU A 647 -9.56 -24.31 -15.70
N GLN A 648 -9.99 -24.97 -14.64
CA GLN A 648 -11.40 -25.20 -14.40
C GLN A 648 -12.14 -23.91 -14.07
N PRO A 649 -13.43 -23.83 -14.48
CA PRO A 649 -14.28 -22.68 -14.16
C PRO A 649 -14.33 -22.37 -12.66
N HIS A 650 -14.45 -23.38 -11.79
CA HIS A 650 -14.53 -23.13 -10.36
C HIS A 650 -13.18 -22.66 -9.81
N GLN A 651 -12.10 -23.00 -10.49
CA GLN A 651 -10.78 -22.54 -10.10
C GLN A 651 -10.61 -21.07 -10.47
N HIS A 652 -11.16 -20.71 -11.64
CA HIS A 652 -11.24 -19.30 -12.03
C HIS A 652 -12.04 -18.50 -11.01
N ALA A 653 -13.18 -19.07 -10.60
CA ALA A 653 -14.08 -18.43 -9.66
C ALA A 653 -13.33 -18.04 -8.39
N MET A 654 -12.53 -18.97 -7.88
CA MET A 654 -11.79 -18.72 -6.65
C MET A 654 -10.68 -17.69 -6.88
N TYR A 655 -10.09 -17.70 -8.07
CA TYR A 655 -9.03 -16.77 -8.42
C TYR A 655 -9.54 -15.34 -8.52
N TYR A 656 -10.66 -15.15 -9.23
CA TYR A 656 -11.25 -13.84 -9.39
C TYR A 656 -11.67 -13.25 -8.05
N LEU A 657 -12.26 -14.07 -7.18
CA LEU A 657 -12.68 -13.59 -5.86
C LEU A 657 -11.48 -13.14 -5.05
N ARG A 658 -10.38 -13.88 -5.16
CA ARG A 658 -9.15 -13.55 -4.44
C ARG A 658 -8.67 -12.17 -4.83
N LEU A 659 -8.74 -11.86 -6.12
CA LEU A 659 -8.33 -10.56 -6.62
C LEU A 659 -9.25 -9.45 -6.14
N LEU A 660 -10.55 -9.69 -6.20
CA LEU A 660 -11.54 -8.70 -5.80
C LEU A 660 -11.41 -8.30 -4.33
N MET A 661 -11.18 -9.28 -3.46
CA MET A 661 -11.27 -9.06 -2.02
C MET A 661 -9.93 -8.71 -1.38
N THR A 662 -8.88 -8.68 -2.17
CA THR A 662 -7.56 -8.33 -1.64
C THR A 662 -7.18 -6.92 -2.06
N GLU A 663 -6.61 -6.17 -1.12
CA GLU A 663 -6.21 -4.79 -1.35
C GLU A 663 -5.35 -4.61 -2.60
N VAL A 664 -4.32 -5.42 -2.72
CA VAL A 664 -3.46 -5.40 -3.89
C VAL A 664 -3.33 -6.79 -4.49
N ALA A 665 -3.50 -6.88 -5.80
CA ALA A 665 -3.38 -8.16 -6.48
C ALA A 665 -3.16 -7.97 -7.98
N TRP A 666 -1.98 -8.34 -8.45
CA TRP A 666 -1.69 -8.27 -9.87
C TRP A 666 -2.34 -9.45 -10.59
N THR A 667 -3.17 -9.14 -11.58
CA THR A 667 -3.84 -10.16 -12.37
C THR A 667 -2.82 -10.86 -13.27
N LYS A 668 -3.21 -12.00 -13.82
CA LYS A 668 -2.30 -12.78 -14.63
C LYS A 668 -2.05 -12.05 -15.94
N ASP A 669 -2.99 -11.17 -16.31
CA ASP A 669 -2.84 -10.34 -17.50
C ASP A 669 -1.82 -9.22 -17.29
N GLU A 670 -1.93 -8.54 -16.15
CA GLU A 670 -0.98 -7.49 -15.80
C GLU A 670 0.43 -8.06 -15.74
N LEU A 671 0.53 -9.30 -15.27
CA LEU A 671 1.82 -9.97 -15.14
C LEU A 671 2.45 -10.29 -16.50
N LYS A 672 1.69 -10.92 -17.39
CA LYS A 672 2.27 -11.36 -18.65
C LYS A 672 2.56 -10.18 -19.58
N GLU A 673 1.89 -9.06 -19.37
CA GLU A 673 2.18 -7.86 -20.12
C GLU A 673 3.52 -7.29 -19.68
N ALA A 674 3.70 -7.16 -18.36
CA ALA A 674 4.94 -6.64 -17.79
C ALA A 674 6.12 -7.55 -18.12
N LEU A 675 5.82 -8.83 -18.37
CA LEU A 675 6.87 -9.82 -18.59
C LEU A 675 7.66 -9.52 -19.86
N ASP A 676 7.01 -8.90 -20.83
CA ASP A 676 7.64 -8.56 -22.09
C ASP A 676 8.75 -7.53 -21.87
N ASP A 677 8.69 -6.86 -20.72
CA ASP A 677 9.64 -5.82 -20.38
C ASP A 677 10.79 -6.33 -19.51
N VAL A 678 10.69 -7.57 -19.04
CA VAL A 678 11.76 -8.16 -18.25
C VAL A 678 12.93 -8.57 -19.14
N THR A 679 14.08 -7.96 -18.93
CA THR A 679 15.29 -8.28 -19.67
C THR A 679 16.37 -8.80 -18.72
N LEU A 680 17.37 -9.48 -19.28
CA LEU A 680 18.44 -10.04 -18.46
C LEU A 680 19.19 -8.97 -17.65
N PRO A 681 19.55 -7.85 -18.29
CA PRO A 681 20.18 -6.72 -17.58
C PRO A 681 19.32 -6.18 -16.46
N ARG A 682 18.02 -6.07 -16.71
CA ARG A 682 17.07 -5.56 -15.72
C ARG A 682 16.91 -6.51 -14.55
N LEU A 683 16.93 -7.81 -14.84
CA LEU A 683 16.82 -8.83 -13.82
C LEU A 683 18.09 -8.92 -12.99
N LYS A 684 19.24 -8.78 -13.67
CA LYS A 684 20.51 -8.80 -12.98
C LYS A 684 20.59 -7.65 -11.99
N ALA A 685 19.98 -6.53 -12.34
CA ALA A 685 19.92 -5.38 -11.47
C ALA A 685 18.97 -5.61 -10.29
N PHE A 686 17.86 -6.29 -10.58
CA PHE A 686 16.81 -6.49 -9.58
C PHE A 686 17.25 -7.30 -8.36
N ILE A 687 18.00 -8.37 -8.60
CA ILE A 687 18.37 -9.30 -7.54
C ILE A 687 19.09 -8.60 -6.38
N PRO A 688 20.16 -7.87 -6.69
CA PRO A 688 20.90 -7.13 -5.66
C PRO A 688 20.02 -6.13 -4.91
N GLN A 689 19.14 -5.44 -5.62
CA GLN A 689 18.22 -4.50 -4.98
C GLN A 689 17.29 -5.22 -4.02
N LEU A 690 16.91 -6.43 -4.39
CA LEU A 690 16.00 -7.22 -3.58
C LEU A 690 16.67 -7.67 -2.28
N LEU A 691 17.93 -8.07 -2.39
CA LEU A 691 18.67 -8.62 -1.25
C LEU A 691 19.32 -7.55 -0.40
N SER A 692 19.32 -6.32 -0.87
CA SER A 692 19.96 -5.21 -0.17
C SER A 692 19.17 -4.87 1.11
N ARG A 693 17.88 -5.12 1.08
CA ARG A 693 17.03 -4.81 2.22
C ARG A 693 16.08 -5.94 2.55
N LEU A 694 16.25 -6.51 3.74
CA LEU A 694 15.47 -7.67 4.18
C LEU A 694 15.12 -7.65 5.65
N HIS A 695 14.03 -8.33 5.97
CA HIS A 695 13.75 -8.73 7.34
C HIS A 695 13.42 -10.21 7.32
N ILE A 696 14.11 -10.99 8.15
CA ILE A 696 13.93 -12.43 8.14
C ILE A 696 13.15 -12.90 9.36
N GLU A 697 12.02 -13.56 9.11
CA GLU A 697 11.29 -14.21 10.19
C GLU A 697 11.35 -15.73 9.95
N ALA A 698 11.69 -16.47 11.00
CA ALA A 698 11.95 -17.90 10.84
C ALA A 698 11.31 -18.72 11.93
N LEU A 699 11.01 -19.97 11.59
CA LEU A 699 10.57 -20.97 12.55
C LEU A 699 11.46 -22.19 12.40
N LEU A 700 12.27 -22.46 13.41
CA LEU A 700 13.11 -23.65 13.41
C LEU A 700 12.53 -24.66 14.41
N HIS A 701 12.18 -25.84 13.89
CA HIS A 701 11.42 -26.81 14.66
C HIS A 701 11.87 -28.23 14.37
N GLY A 702 12.18 -28.97 15.42
CA GLY A 702 12.57 -30.36 15.28
C GLY A 702 13.71 -30.78 16.21
N ASN A 703 14.56 -31.67 15.70
CA ASN A 703 15.70 -32.22 16.43
C ASN A 703 16.89 -31.26 16.45
N ILE A 704 16.70 -30.10 17.09
CA ILE A 704 17.77 -29.13 17.25
C ILE A 704 17.76 -28.47 18.62
N THR A 705 18.94 -28.04 19.08
CA THR A 705 19.05 -27.29 20.33
C THR A 705 18.94 -25.80 20.06
N LYS A 706 18.71 -25.03 21.12
CA LYS A 706 18.55 -23.57 21.00
C LYS A 706 19.77 -22.86 20.41
N GLN A 707 20.96 -23.36 20.73
CA GLN A 707 22.18 -22.72 20.22
C GLN A 707 22.42 -23.08 18.77
N ALA A 708 22.06 -24.30 18.39
CA ALA A 708 22.14 -24.73 17.01
C ALA A 708 21.18 -23.90 16.16
N ALA A 709 20.01 -23.62 16.73
CA ALA A 709 19.01 -22.81 16.06
C ALA A 709 19.55 -21.40 15.83
N LEU A 710 20.04 -20.78 16.90
CA LEU A 710 20.61 -19.44 16.82
C LEU A 710 21.82 -19.41 15.88
N GLY A 711 22.54 -20.53 15.85
CA GLY A 711 23.69 -20.67 14.97
C GLY A 711 23.24 -20.70 13.53
N ILE A 712 22.16 -21.44 13.27
CA ILE A 712 21.58 -21.54 11.94
C ILE A 712 21.17 -20.17 11.41
N MET A 713 20.42 -19.44 12.23
CA MET A 713 19.98 -18.09 11.88
C MET A 713 21.18 -17.20 11.60
N GLN A 714 22.19 -17.30 12.46
CA GLN A 714 23.38 -16.48 12.33
C GLN A 714 24.04 -16.71 10.97
N MET A 715 24.09 -17.96 10.51
CA MET A 715 24.70 -18.27 9.22
C MET A 715 23.95 -17.68 8.03
N VAL A 716 22.63 -17.58 8.14
CA VAL A 716 21.84 -17.05 7.04
C VAL A 716 22.09 -15.55 6.93
N GLU A 717 22.02 -14.85 8.06
CA GLU A 717 22.33 -13.43 8.10
C GLU A 717 23.77 -13.15 7.66
N ASP A 718 24.71 -13.88 8.22
CA ASP A 718 26.13 -13.69 7.95
C ASP A 718 26.46 -13.91 6.47
N THR A 719 25.81 -14.89 5.85
CA THR A 719 26.07 -15.20 4.45
C THR A 719 25.50 -14.13 3.54
N LEU A 720 24.36 -13.55 3.94
CA LEU A 720 23.71 -12.50 3.18
C LEU A 720 24.52 -11.22 3.22
N ILE A 721 24.86 -10.79 4.42
CA ILE A 721 25.64 -9.57 4.63
C ILE A 721 26.99 -9.65 3.92
N GLU A 722 27.61 -10.83 3.96
CA GLU A 722 28.90 -11.03 3.32
C GLU A 722 28.83 -10.90 1.79
N HIS A 723 27.78 -11.49 1.20
CA HIS A 723 27.69 -11.60 -0.26
C HIS A 723 26.71 -10.61 -0.88
N ALA A 724 25.79 -10.08 -0.08
CA ALA A 724 24.76 -9.21 -0.62
C ALA A 724 24.69 -7.87 0.11
N HIS A 725 25.43 -7.74 1.20
CA HIS A 725 25.49 -6.50 1.96
C HIS A 725 24.11 -6.10 2.46
N THR A 726 23.34 -7.10 2.88
CA THR A 726 21.95 -6.91 3.32
C THR A 726 21.82 -6.03 4.56
N LYS A 727 20.71 -5.29 4.64
CA LYS A 727 20.40 -4.47 5.81
C LYS A 727 18.93 -4.56 6.19
N PRO A 728 18.62 -4.33 7.48
CA PRO A 728 17.31 -4.46 8.12
C PRO A 728 16.19 -3.67 7.47
N LEU A 729 14.94 -4.02 7.79
CA LEU A 729 13.78 -3.22 7.41
C LEU A 729 13.04 -2.73 8.66
N LEU A 730 12.43 -1.54 8.58
CA LEU A 730 11.67 -0.98 9.70
C LEU A 730 10.48 -1.84 10.09
N PRO A 731 9.99 -1.65 11.33
CA PRO A 731 8.76 -2.25 11.83
C PRO A 731 7.52 -1.74 11.09
N SER A 732 7.48 -0.44 10.84
CA SER A 732 6.34 0.18 10.17
C SER A 732 6.20 -0.28 8.72
N GLN A 733 7.31 -0.68 8.11
CA GLN A 733 7.31 -1.16 6.72
C GLN A 733 6.71 -2.56 6.63
N LEU A 734 6.37 -3.14 7.78
CA LEU A 734 6.00 -4.55 7.87
C LEU A 734 4.49 -4.77 8.03
N VAL A 735 3.68 -3.96 7.32
CA VAL A 735 2.23 -4.10 7.36
C VAL A 735 1.69 -4.92 6.18
N ARG A 736 0.87 -5.93 6.50
CA ARG A 736 0.28 -6.82 5.51
C ARG A 736 -0.92 -6.18 4.80
N TYR A 737 -1.40 -6.82 3.73
CA TYR A 737 -2.51 -6.30 2.94
C TYR A 737 -3.86 -6.53 3.63
N ARG A 738 -4.86 -5.76 3.22
CA ARG A 738 -6.19 -5.81 3.84
C ARG A 738 -7.25 -6.44 2.93
N GLU A 739 -8.36 -6.86 3.54
CA GLU A 739 -9.49 -7.37 2.80
C GLU A 739 -10.54 -6.28 2.55
N VAL A 740 -11.03 -6.20 1.31
CA VAL A 740 -12.12 -5.30 0.96
C VAL A 740 -13.30 -5.52 1.88
N GLN A 741 -13.92 -4.43 2.32
CA GLN A 741 -15.01 -4.52 3.29
C GLN A 741 -16.37 -4.25 2.66
N LEU A 742 -17.16 -5.30 2.50
CA LEU A 742 -18.47 -5.20 1.87
C LEU A 742 -19.47 -4.47 2.78
N PRO A 743 -20.32 -3.63 2.17
CA PRO A 743 -21.38 -2.85 2.82
C PRO A 743 -22.55 -3.72 3.27
N ASP A 744 -23.22 -3.35 4.36
CA ASP A 744 -24.39 -4.08 4.84
C ASP A 744 -25.48 -4.18 3.78
N ARG A 745 -26.09 -5.36 3.67
CA ARG A 745 -27.15 -5.61 2.70
C ARG A 745 -26.70 -5.43 1.25
N GLY A 746 -25.39 -5.43 1.01
CA GLY A 746 -24.87 -5.34 -0.34
C GLY A 746 -24.76 -6.67 -1.07
N TRP A 747 -24.81 -6.62 -2.40
CA TRP A 747 -24.58 -7.79 -3.23
C TRP A 747 -23.89 -7.40 -4.54
N PHE A 748 -22.62 -7.80 -4.68
CA PHE A 748 -21.88 -7.53 -5.90
C PHE A 748 -21.66 -8.82 -6.68
N VAL A 749 -21.71 -8.71 -8.01
CA VAL A 749 -21.47 -9.87 -8.85
C VAL A 749 -20.40 -9.54 -9.88
N TYR A 750 -19.44 -10.46 -10.03
CA TYR A 750 -18.40 -10.29 -11.02
C TYR A 750 -18.50 -11.43 -12.02
N GLN A 751 -18.53 -11.10 -13.30
CA GLN A 751 -18.81 -12.10 -14.32
C GLN A 751 -17.67 -12.20 -15.34
N GLN A 752 -17.27 -13.43 -15.64
CA GLN A 752 -16.24 -13.71 -16.64
C GLN A 752 -16.64 -14.93 -17.44
N ARG A 753 -15.87 -15.25 -18.48
CA ARG A 753 -16.15 -16.46 -19.24
C ARG A 753 -14.93 -17.37 -19.29
N ASN A 754 -15.18 -18.67 -19.20
CA ASN A 754 -14.13 -19.66 -19.42
C ASN A 754 -14.14 -20.06 -20.90
N GLU A 755 -13.02 -19.83 -21.59
CA GLU A 755 -12.95 -20.06 -23.02
C GLU A 755 -12.75 -21.53 -23.41
N VAL A 756 -12.43 -22.37 -22.43
CA VAL A 756 -12.03 -23.74 -22.71
C VAL A 756 -13.06 -24.78 -22.27
N HIS A 757 -13.52 -24.68 -21.03
CA HIS A 757 -14.44 -25.68 -20.49
C HIS A 757 -15.88 -25.27 -20.74
N ASN A 758 -16.75 -26.24 -21.01
CA ASN A 758 -18.15 -25.96 -21.25
C ASN A 758 -18.99 -26.25 -20.02
N ASN A 759 -18.38 -26.03 -18.86
CA ASN A 759 -19.10 -25.99 -17.61
C ASN A 759 -18.99 -24.60 -17.03
N SER A 760 -19.97 -24.19 -16.25
CA SER A 760 -19.89 -22.91 -15.57
C SER A 760 -19.32 -23.11 -14.20
N GLY A 761 -18.80 -22.03 -13.60
CA GLY A 761 -18.31 -22.08 -12.24
C GLY A 761 -18.88 -20.93 -11.45
N ILE A 762 -18.94 -21.10 -10.13
CA ILE A 762 -19.45 -20.04 -9.29
C ILE A 762 -18.91 -20.14 -7.88
N GLU A 763 -18.53 -19.00 -7.32
CA GLU A 763 -18.25 -18.93 -5.88
C GLU A 763 -19.13 -17.88 -5.23
N ILE A 764 -19.76 -18.24 -4.12
CA ILE A 764 -20.58 -17.31 -3.38
C ILE A 764 -19.97 -17.09 -1.99
N TYR A 765 -19.71 -15.84 -1.67
CA TYR A 765 -19.00 -15.49 -0.44
C TYR A 765 -19.84 -14.56 0.43
N TYR A 766 -20.29 -15.07 1.56
CA TYR A 766 -20.95 -14.25 2.57
C TYR A 766 -19.96 -13.83 3.63
N GLN A 767 -19.51 -12.58 3.55
CA GLN A 767 -18.47 -12.06 4.42
C GLN A 767 -19.05 -11.67 5.78
N THR A 768 -18.73 -12.45 6.79
CA THR A 768 -19.19 -12.16 8.15
C THR A 768 -18.42 -11.02 8.82
N ASP A 769 -17.17 -11.28 9.23
CA ASP A 769 -16.44 -10.32 10.06
C ASP A 769 -15.00 -10.71 10.32
N MET A 770 -14.22 -9.77 10.86
CA MET A 770 -12.84 -10.02 11.25
C MET A 770 -12.75 -11.21 12.18
N GLN A 771 -11.61 -11.90 12.11
CA GLN A 771 -11.39 -13.10 12.92
C GLN A 771 -11.25 -12.80 14.41
N SER A 772 -11.89 -13.62 15.21
CA SER A 772 -11.79 -13.58 16.67
C SER A 772 -12.38 -14.86 17.22
N THR A 773 -12.14 -15.16 18.50
CA THR A 773 -12.61 -16.40 19.09
C THR A 773 -14.10 -16.58 18.86
N SER A 774 -14.86 -15.51 19.04
CA SER A 774 -16.31 -15.56 18.86
C SER A 774 -16.70 -15.80 17.39
N GLU A 775 -16.25 -14.92 16.51
CA GLU A 775 -16.60 -15.02 15.08
C GLU A 775 -16.09 -16.31 14.44
N ASN A 776 -14.91 -16.74 14.84
CA ASN A 776 -14.36 -18.00 14.36
C ASN A 776 -15.28 -19.18 14.65
N MET A 777 -15.79 -19.26 15.88
CA MET A 777 -16.55 -20.43 16.28
C MET A 777 -18.00 -20.41 15.78
N PHE A 778 -18.57 -19.22 15.64
CA PHE A 778 -19.88 -19.10 15.00
C PHE A 778 -19.84 -19.61 13.58
N LEU A 779 -18.86 -19.11 12.83
CA LEU A 779 -18.68 -19.48 11.43
C LEU A 779 -18.39 -20.97 11.29
N GLU A 780 -17.49 -21.48 12.12
CA GLU A 780 -17.08 -22.87 12.04
C GLU A 780 -18.20 -23.81 12.50
N LEU A 781 -18.84 -23.49 13.62
CA LEU A 781 -19.94 -24.31 14.11
C LEU A 781 -21.10 -24.33 13.10
N PHE A 782 -21.32 -23.19 12.46
CA PHE A 782 -22.37 -23.11 11.44
C PHE A 782 -21.99 -23.91 10.20
N ALA A 783 -20.75 -23.80 9.77
CA ALA A 783 -20.26 -24.55 8.61
C ALA A 783 -20.33 -26.06 8.88
N GLN A 784 -19.99 -26.45 10.10
CA GLN A 784 -20.09 -27.85 10.53
C GLN A 784 -21.51 -28.38 10.37
N ILE A 785 -22.47 -27.55 10.79
CA ILE A 785 -23.87 -27.93 10.80
C ILE A 785 -24.45 -28.09 9.39
N ILE A 786 -24.01 -27.25 8.46
CA ILE A 786 -24.54 -27.26 7.10
C ILE A 786 -23.65 -27.98 6.09
N SER A 787 -22.49 -28.48 6.55
CA SER A 787 -21.53 -29.11 5.67
C SER A 787 -22.15 -30.26 4.88
N GLU A 788 -22.58 -31.30 5.60
CA GLU A 788 -23.19 -32.49 5.00
C GLU A 788 -24.49 -32.19 4.27
N PRO A 789 -25.43 -31.50 4.93
CA PRO A 789 -26.70 -31.13 4.31
C PRO A 789 -26.54 -30.37 2.99
N ALA A 790 -25.50 -29.54 2.90
CA ALA A 790 -25.23 -28.79 1.69
C ALA A 790 -24.84 -29.71 0.55
N PHE A 791 -23.96 -30.67 0.84
CA PHE A 791 -23.55 -31.64 -0.18
C PHE A 791 -24.75 -32.50 -0.58
N ASN A 792 -25.52 -32.93 0.41
CA ASN A 792 -26.65 -33.79 0.16
C ASN A 792 -27.75 -33.12 -0.67
N THR A 793 -28.00 -31.84 -0.40
CA THR A 793 -29.05 -31.11 -1.12
C THR A 793 -28.61 -30.65 -2.51
N LEU A 794 -27.47 -29.98 -2.58
CA LEU A 794 -27.03 -29.36 -3.83
C LEU A 794 -26.47 -30.37 -4.84
N ARG A 795 -25.93 -31.48 -4.36
CA ARG A 795 -25.40 -32.49 -5.27
C ARG A 795 -26.19 -33.80 -5.31
N THR A 796 -26.34 -34.46 -4.16
CA THR A 796 -26.99 -35.76 -4.12
C THR A 796 -28.43 -35.68 -4.63
N LYS A 797 -29.19 -34.73 -4.07
CA LYS A 797 -30.59 -34.55 -4.47
C LYS A 797 -30.75 -33.76 -5.76
N GLU A 798 -30.21 -32.55 -5.80
CA GLU A 798 -30.43 -31.65 -6.94
C GLU A 798 -29.46 -31.89 -8.11
N GLN A 799 -28.34 -32.54 -7.82
CA GLN A 799 -27.34 -32.86 -8.85
C GLN A 799 -26.93 -31.65 -9.68
N LEU A 800 -26.61 -30.54 -9.02
CA LEU A 800 -26.20 -29.33 -9.72
C LEU A 800 -24.84 -29.55 -10.37
N GLY A 801 -24.00 -30.32 -9.68
CA GLY A 801 -22.68 -30.64 -10.21
C GLY A 801 -21.97 -31.72 -9.43
N TYR A 802 -20.84 -32.15 -9.95
CA TYR A 802 -19.96 -33.07 -9.25
C TYR A 802 -19.22 -32.34 -8.14
N ILE A 803 -18.72 -31.15 -8.45
CA ILE A 803 -18.04 -30.33 -7.47
C ILE A 803 -19.00 -29.39 -6.73
N VAL A 804 -19.29 -29.72 -5.48
CA VAL A 804 -20.15 -28.92 -4.64
C VAL A 804 -19.49 -28.76 -3.28
N PHE A 805 -19.14 -27.52 -2.94
CA PHE A 805 -18.34 -27.26 -1.75
C PHE A 805 -18.88 -26.09 -0.92
N SER A 806 -18.87 -26.25 0.40
CA SER A 806 -19.23 -25.18 1.33
C SER A 806 -18.21 -25.13 2.46
N GLY A 807 -18.10 -23.99 3.13
CA GLY A 807 -17.19 -23.89 4.25
C GLY A 807 -16.63 -22.48 4.47
N PRO A 808 -15.85 -22.32 5.55
CA PRO A 808 -15.24 -21.04 5.90
C PRO A 808 -14.26 -20.56 4.84
N ARG A 809 -14.17 -19.25 4.66
CA ARG A 809 -13.11 -18.65 3.87
C ARG A 809 -12.32 -17.71 4.77
N ARG A 810 -11.00 -17.86 4.78
CA ARG A 810 -10.14 -16.99 5.60
C ARG A 810 -9.08 -16.31 4.75
N ALA A 811 -9.12 -14.99 4.71
CA ALA A 811 -8.11 -14.23 4.00
C ALA A 811 -7.87 -12.90 4.69
N ASN A 812 -6.60 -12.56 4.88
CA ASN A 812 -6.20 -11.27 5.42
C ASN A 812 -6.80 -10.94 6.78
N GLY A 813 -7.11 -11.97 7.56
CA GLY A 813 -7.65 -11.78 8.89
C GLY A 813 -9.16 -11.66 8.91
N ILE A 814 -9.76 -11.61 7.73
CA ILE A 814 -11.22 -11.60 7.63
C ILE A 814 -11.71 -13.00 7.32
N GLN A 815 -13.02 -13.20 7.38
CA GLN A 815 -13.57 -14.52 7.10
C GLN A 815 -15.03 -14.43 6.69
N GLY A 816 -15.55 -15.55 6.22
CA GLY A 816 -16.95 -15.64 5.83
C GLY A 816 -17.30 -17.04 5.37
N LEU A 817 -18.57 -17.24 5.03
CA LEU A 817 -19.03 -18.52 4.52
C LEU A 817 -18.98 -18.51 3.00
N ARG A 818 -18.47 -19.59 2.41
CA ARG A 818 -18.41 -19.67 0.95
C ARG A 818 -19.02 -20.94 0.42
N PHE A 819 -19.65 -20.82 -0.74
CA PHE A 819 -20.13 -21.96 -1.52
C PHE A 819 -19.40 -21.98 -2.86
N ILE A 820 -18.92 -23.14 -3.28
CA ILE A 820 -18.33 -23.27 -4.61
C ILE A 820 -18.99 -24.39 -5.39
N ILE A 821 -19.37 -24.11 -6.63
CA ILE A 821 -20.03 -25.11 -7.46
C ILE A 821 -19.60 -25.06 -8.92
N GLN A 822 -19.27 -26.22 -9.49
CA GLN A 822 -19.06 -26.33 -10.92
C GLN A 822 -20.21 -27.12 -11.51
N SER A 823 -20.81 -26.61 -12.57
CA SER A 823 -22.09 -27.11 -13.03
C SER A 823 -22.29 -26.91 -14.53
N GLU A 824 -23.32 -27.55 -15.08
CA GLU A 824 -23.71 -27.31 -16.46
C GLU A 824 -24.80 -26.26 -16.53
N LYS A 825 -25.50 -26.06 -15.41
CA LYS A 825 -26.49 -25.01 -15.27
C LYS A 825 -25.85 -23.62 -15.28
N PRO A 826 -26.64 -22.58 -15.55
CA PRO A 826 -26.12 -21.22 -15.54
C PRO A 826 -25.93 -20.71 -14.11
N PRO A 827 -24.88 -19.92 -13.87
CA PRO A 827 -24.52 -19.45 -12.53
C PRO A 827 -25.68 -18.77 -11.82
N HIS A 828 -26.51 -18.04 -12.55
CA HIS A 828 -27.65 -17.35 -11.92
C HIS A 828 -28.63 -18.38 -11.35
N TYR A 829 -28.75 -19.53 -12.00
CA TYR A 829 -29.61 -20.59 -11.49
C TYR A 829 -29.08 -21.15 -10.16
N LEU A 830 -27.77 -21.38 -10.12
CA LEU A 830 -27.13 -21.92 -8.93
C LEU A 830 -27.36 -21.02 -7.71
N GLU A 831 -27.36 -19.70 -7.95
CA GLU A 831 -27.61 -18.71 -6.92
C GLU A 831 -28.91 -18.91 -6.17
N SER A 832 -30.00 -19.06 -6.90
CA SER A 832 -31.30 -19.26 -6.28
C SER A 832 -31.30 -20.57 -5.50
N ARG A 833 -30.65 -21.58 -6.06
CA ARG A 833 -30.60 -22.90 -5.45
C ARG A 833 -29.82 -22.90 -4.13
N VAL A 834 -28.72 -22.17 -4.09
CA VAL A 834 -27.95 -22.03 -2.87
C VAL A 834 -28.78 -21.28 -1.83
N GLU A 835 -29.44 -20.22 -2.29
CA GLU A 835 -30.31 -19.41 -1.46
C GLU A 835 -31.48 -20.22 -0.95
N ALA A 836 -32.05 -21.02 -1.84
CA ALA A 836 -33.13 -21.93 -1.47
C ALA A 836 -32.65 -22.83 -0.35
N PHE A 837 -31.43 -23.34 -0.48
CA PHE A 837 -30.85 -24.22 0.51
C PHE A 837 -30.68 -23.54 1.87
N LEU A 838 -30.30 -22.26 1.84
CA LEU A 838 -30.09 -21.54 3.09
C LEU A 838 -31.37 -21.40 3.88
N ILE A 839 -32.47 -21.13 3.18
CA ILE A 839 -33.77 -21.05 3.83
C ILE A 839 -34.12 -22.42 4.41
N THR A 840 -33.88 -23.46 3.62
CA THR A 840 -34.05 -24.85 4.07
C THR A 840 -33.30 -25.13 5.37
N MET A 841 -32.01 -24.81 5.38
CA MET A 841 -31.18 -25.02 6.56
C MET A 841 -31.67 -24.27 7.78
N GLU A 842 -32.26 -23.10 7.56
CA GLU A 842 -32.76 -22.29 8.67
C GLU A 842 -33.80 -23.06 9.46
N LYS A 843 -34.74 -23.66 8.74
CA LYS A 843 -35.77 -24.47 9.38
C LYS A 843 -35.19 -25.70 10.07
N SER A 844 -34.28 -26.39 9.38
CA SER A 844 -33.65 -27.60 9.91
C SER A 844 -32.92 -27.35 11.24
N ILE A 845 -32.42 -26.14 11.43
CA ILE A 845 -31.69 -25.81 12.65
C ILE A 845 -32.62 -25.48 13.81
N GLU A 846 -33.74 -24.83 13.49
CA GLU A 846 -34.75 -24.53 14.51
C GLU A 846 -35.43 -25.82 14.97
N ASP A 847 -35.62 -26.75 14.03
CA ASP A 847 -36.22 -28.04 14.32
C ASP A 847 -35.23 -28.99 14.98
N MET A 848 -33.94 -28.70 14.81
CA MET A 848 -32.87 -29.52 15.36
C MET A 848 -32.99 -29.70 16.88
N THR A 849 -32.90 -30.94 17.34
CA THR A 849 -32.92 -31.22 18.77
C THR A 849 -31.64 -30.70 19.42
N GLU A 850 -31.69 -30.48 20.73
CA GLU A 850 -30.52 -29.98 21.45
C GLU A 850 -29.37 -30.99 21.40
N GLU A 851 -29.73 -32.26 21.35
CA GLU A 851 -28.74 -33.32 21.35
C GLU A 851 -28.00 -33.36 20.02
N ALA A 852 -28.76 -33.28 18.93
CA ALA A 852 -28.19 -33.23 17.60
C ALA A 852 -27.23 -32.04 17.53
N PHE A 853 -27.64 -30.94 18.14
CA PHE A 853 -26.83 -29.74 18.18
C PHE A 853 -25.53 -29.96 18.94
N GLN A 854 -25.62 -30.62 20.09
CA GLN A 854 -24.42 -30.88 20.88
C GLN A 854 -23.49 -31.84 20.15
N LYS A 855 -24.06 -32.70 19.31
CA LYS A 855 -23.25 -33.59 18.50
C LYS A 855 -22.35 -32.79 17.57
N HIS A 856 -22.91 -31.75 16.94
CA HIS A 856 -22.13 -30.92 16.03
C HIS A 856 -21.04 -30.16 16.79
N ILE A 857 -21.36 -29.70 17.99
CA ILE A 857 -20.35 -29.04 18.82
C ILE A 857 -19.23 -30.02 19.15
N GLN A 858 -19.60 -31.27 19.40
CA GLN A 858 -18.62 -32.30 19.72
C GLN A 858 -17.79 -32.69 18.49
N ALA A 859 -18.44 -32.81 17.34
CA ALA A 859 -17.77 -33.18 16.10
C ALA A 859 -16.69 -32.14 15.74
N LEU A 860 -17.07 -30.87 15.79
CA LEU A 860 -16.15 -29.77 15.53
C LEU A 860 -15.00 -29.74 16.55
N ALA A 861 -15.34 -29.96 17.81
CA ALA A 861 -14.35 -29.95 18.88
C ALA A 861 -13.26 -31.00 18.68
N ILE A 862 -13.66 -32.21 18.31
CA ILE A 862 -12.71 -33.29 18.03
C ILE A 862 -11.79 -32.94 16.86
N ARG A 863 -12.38 -32.41 15.80
CA ARG A 863 -11.64 -32.05 14.60
C ARG A 863 -10.59 -30.98 14.89
N ARG A 864 -10.96 -29.98 15.69
CA ARG A 864 -10.03 -28.90 16.02
C ARG A 864 -8.88 -29.36 16.91
N LEU A 865 -9.16 -30.31 17.80
CA LEU A 865 -8.18 -30.73 18.79
C LEU A 865 -7.38 -31.96 18.36
N ASP A 866 -7.69 -32.49 17.18
CA ASP A 866 -6.95 -33.61 16.62
C ASP A 866 -5.46 -33.25 16.53
N LYS A 867 -4.62 -34.04 17.21
CA LYS A 867 -3.21 -33.73 17.30
C LYS A 867 -2.43 -34.18 16.08
N PRO A 868 -1.44 -33.37 15.66
CA PRO A 868 -0.58 -33.68 14.51
C PRO A 868 0.19 -34.98 14.70
N LYS A 869 0.22 -35.83 13.67
CA LYS A 869 0.91 -37.11 13.77
C LYS A 869 2.38 -36.98 13.40
N LYS A 870 2.73 -35.93 12.67
CA LYS A 870 4.11 -35.75 12.23
C LYS A 870 4.60 -34.32 12.41
N LEU A 871 5.92 -34.17 12.43
CA LEU A 871 6.58 -32.89 12.69
C LEU A 871 6.07 -31.76 11.79
N SER A 872 6.13 -31.97 10.49
CA SER A 872 5.79 -30.92 9.53
C SER A 872 4.33 -30.48 9.66
N ALA A 873 3.49 -31.35 10.18
CA ALA A 873 2.09 -30.98 10.41
C ALA A 873 2.04 -29.97 11.55
N GLU A 874 2.79 -30.25 12.62
CA GLU A 874 2.89 -29.35 13.75
C GLU A 874 3.55 -28.04 13.32
N SER A 875 4.64 -28.16 12.57
CA SER A 875 5.34 -26.99 12.03
C SER A 875 4.39 -26.07 11.27
N ALA A 876 3.53 -26.67 10.45
CA ALA A 876 2.55 -25.90 9.67
C ALA A 876 1.62 -25.11 10.59
N LYS A 877 1.09 -25.78 11.61
CA LYS A 877 0.24 -25.15 12.61
C LYS A 877 0.89 -23.86 13.12
N TYR A 878 2.14 -23.97 13.56
CA TYR A 878 2.88 -22.85 14.10
C TYR A 878 3.16 -21.77 13.05
N TRP A 879 3.59 -22.20 11.88
CA TRP A 879 3.97 -21.28 10.82
C TRP A 879 2.77 -20.50 10.31
N GLY A 880 1.58 -21.09 10.46
CA GLY A 880 0.35 -20.43 10.06
C GLY A 880 0.05 -19.25 10.97
N GLU A 881 0.28 -19.47 12.26
CA GLU A 881 0.14 -18.41 13.25
C GLU A 881 1.18 -17.31 13.05
N ILE A 882 2.30 -17.65 12.44
CA ILE A 882 3.42 -16.73 12.30
C ILE A 882 3.32 -15.85 11.05
N ILE A 883 2.95 -16.43 9.91
CA ILE A 883 2.81 -15.64 8.68
C ILE A 883 1.53 -14.82 8.71
N SER A 884 0.55 -15.28 9.47
CA SER A 884 -0.69 -14.53 9.64
C SER A 884 -0.45 -13.41 10.64
N GLN A 885 0.71 -13.46 11.27
CA GLN A 885 1.11 -12.51 12.29
C GLN A 885 0.03 -12.38 13.38
N GLN A 886 -0.66 -13.49 13.65
CA GLN A 886 -1.60 -13.54 14.75
C GLN A 886 -0.93 -14.18 15.96
N TYR A 887 0.02 -15.07 15.69
CA TYR A 887 0.84 -15.68 16.74
C TYR A 887 0.03 -16.33 17.88
N ASN A 888 -1.11 -16.92 17.56
CA ASN A 888 -1.93 -17.56 18.59
C ASN A 888 -1.69 -19.06 18.68
N PHE A 889 -0.58 -19.45 19.33
CA PHE A 889 -0.14 -20.83 19.37
C PHE A 889 -1.02 -21.74 20.23
N ASP A 890 -1.78 -21.15 21.14
CA ASP A 890 -2.65 -21.93 22.02
C ASP A 890 -4.08 -21.84 21.54
N ARG A 891 -4.23 -21.49 20.26
CA ARG A 891 -5.54 -21.18 19.68
C ARG A 891 -6.58 -22.27 19.87
N ASP A 892 -6.21 -23.53 19.64
CA ASP A 892 -7.18 -24.60 19.60
C ASP A 892 -7.90 -24.79 20.93
N ASN A 893 -7.15 -24.80 22.02
CA ASN A 893 -7.73 -25.00 23.34
C ASN A 893 -8.68 -23.87 23.71
N THR A 894 -8.28 -22.64 23.41
CA THR A 894 -9.08 -21.48 23.76
C THR A 894 -10.40 -21.48 22.99
N GLU A 895 -10.31 -21.73 21.67
CA GLU A 895 -11.47 -21.63 20.80
C GLU A 895 -12.42 -22.81 21.00
N VAL A 896 -11.88 -23.98 21.33
CA VAL A 896 -12.74 -25.13 21.58
C VAL A 896 -13.51 -24.90 22.86
N ALA A 897 -12.86 -24.27 23.83
CA ALA A 897 -13.49 -23.91 25.10
C ALA A 897 -14.69 -22.99 24.86
N TYR A 898 -14.50 -21.98 24.03
CA TYR A 898 -15.58 -21.05 23.72
C TYR A 898 -16.68 -21.74 22.93
N LEU A 899 -16.28 -22.63 22.02
CA LEU A 899 -17.21 -23.36 21.17
C LEU A 899 -18.29 -24.09 21.97
N LYS A 900 -17.87 -24.66 23.09
CA LYS A 900 -18.76 -25.51 23.88
C LYS A 900 -19.81 -24.71 24.64
N THR A 901 -19.67 -23.39 24.65
CA THR A 901 -20.60 -22.52 25.36
C THR A 901 -21.63 -21.88 24.43
N LEU A 902 -21.63 -22.28 23.16
CA LEU A 902 -22.57 -21.74 22.18
C LEU A 902 -23.94 -22.39 22.29
N THR A 903 -24.97 -21.61 21.97
CA THR A 903 -26.35 -22.08 22.05
C THR A 903 -26.93 -22.28 20.66
N LYS A 904 -27.94 -23.14 20.55
CA LYS A 904 -28.60 -23.31 19.27
C LYS A 904 -29.20 -21.95 18.90
N GLU A 905 -29.63 -21.21 19.91
CA GLU A 905 -30.18 -19.87 19.71
C GLU A 905 -29.08 -18.90 19.27
N ASP A 906 -27.87 -19.11 19.78
CA ASP A 906 -26.70 -18.31 19.36
C ASP A 906 -26.45 -18.43 17.86
N ILE A 907 -26.55 -19.63 17.33
CA ILE A 907 -26.34 -19.85 15.90
C ILE A 907 -27.48 -19.27 15.07
N ILE A 908 -28.70 -19.41 15.56
CA ILE A 908 -29.86 -18.86 14.85
C ILE A 908 -29.74 -17.36 14.69
N LYS A 909 -29.29 -16.70 15.76
CA LYS A 909 -29.12 -15.26 15.75
C LYS A 909 -28.00 -14.86 14.80
N PHE A 910 -26.92 -15.62 14.84
CA PHE A 910 -25.79 -15.42 13.93
C PHE A 910 -26.26 -15.48 12.48
N TYR A 911 -27.02 -16.53 12.15
CA TYR A 911 -27.58 -16.66 10.81
C TYR A 911 -28.47 -15.49 10.44
N LYS A 912 -29.39 -15.13 11.34
CA LYS A 912 -30.38 -14.10 11.06
C LYS A 912 -29.75 -12.73 10.88
N GLU A 913 -28.62 -12.51 11.54
CA GLU A 913 -27.94 -11.22 11.49
C GLU A 913 -26.93 -11.12 10.34
N MET A 914 -26.22 -12.20 10.08
CA MET A 914 -25.10 -12.17 9.13
C MET A 914 -25.40 -12.79 7.77
N LEU A 915 -26.20 -13.85 7.76
CA LEU A 915 -26.27 -14.71 6.60
C LEU A 915 -27.62 -14.76 5.90
N ALA A 916 -28.69 -14.62 6.68
CA ALA A 916 -30.06 -14.71 6.13
C ALA A 916 -30.26 -13.75 4.95
N VAL A 917 -31.21 -14.07 4.08
CA VAL A 917 -31.44 -13.27 2.88
C VAL A 917 -31.85 -11.83 3.21
N ASP A 918 -32.66 -11.66 4.26
CA ASP A 918 -33.10 -10.34 4.66
C ASP A 918 -32.29 -9.87 5.88
N ALA A 919 -31.09 -10.39 6.04
CA ALA A 919 -30.25 -10.06 7.18
C ALA A 919 -29.69 -8.64 7.06
N PRO A 920 -29.59 -7.94 8.19
CA PRO A 920 -29.10 -6.56 8.30
C PRO A 920 -27.65 -6.40 7.87
N ARG A 921 -26.81 -7.37 8.22
CA ARG A 921 -25.38 -7.27 7.95
C ARG A 921 -24.90 -8.31 6.93
N ARG A 922 -25.74 -8.61 5.94
CA ARG A 922 -25.33 -9.55 4.92
C ARG A 922 -24.39 -8.87 3.94
N HIS A 923 -23.18 -9.40 3.80
CA HIS A 923 -22.23 -8.87 2.84
C HIS A 923 -21.92 -9.96 1.82
N LYS A 924 -22.52 -9.86 0.65
CA LYS A 924 -22.43 -10.96 -0.31
C LYS A 924 -21.81 -10.54 -1.64
N VAL A 925 -20.75 -11.23 -2.03
CA VAL A 925 -20.19 -11.06 -3.35
C VAL A 925 -20.19 -12.40 -4.06
N SER A 926 -20.51 -12.39 -5.35
CA SER A 926 -20.61 -13.62 -6.12
C SER A 926 -19.75 -13.55 -7.36
N VAL A 927 -19.00 -14.60 -7.64
CA VAL A 927 -18.27 -14.68 -8.90
C VAL A 927 -18.93 -15.70 -9.81
N HIS A 928 -19.29 -15.26 -11.00
CA HIS A 928 -19.89 -16.14 -11.99
C HIS A 928 -18.94 -16.38 -13.16
N VAL A 929 -18.62 -17.64 -13.42
CA VAL A 929 -17.81 -18.00 -14.58
C VAL A 929 -18.67 -18.77 -15.56
N LEU A 930 -18.95 -18.15 -16.70
CA LEU A 930 -19.79 -18.77 -17.71
C LEU A 930 -19.07 -19.86 -18.47
N ALA A 931 -19.81 -20.90 -18.83
CA ALA A 931 -19.27 -21.96 -19.65
C ALA A 931 -18.90 -21.41 -21.01
N ARG A 932 -18.06 -22.13 -21.73
CA ARG A 932 -17.56 -21.69 -23.04
C ARG A 932 -18.65 -21.19 -23.97
N GLU A 933 -19.76 -21.92 -24.04
CA GLU A 933 -20.82 -21.62 -25.00
C GLU A 933 -22.07 -21.03 -24.33
N MET A 934 -21.86 -20.26 -23.26
CA MET A 934 -22.95 -19.72 -22.47
C MET A 934 -23.15 -18.23 -22.76
N ASP A 935 -24.06 -17.58 -22.06
CA ASP A 935 -24.25 -16.14 -22.26
C ASP A 935 -24.72 -15.40 -21.02
N SER A 936 -24.82 -14.08 -21.14
CA SER A 936 -24.96 -13.18 -20.01
C SER A 936 -26.39 -13.07 -19.45
N ASN A 937 -26.49 -13.06 -18.12
CA ASN A 937 -27.77 -12.88 -17.44
C ASN A 937 -27.59 -12.58 -15.96
N PRO A 938 -28.09 -11.40 -15.51
CA PRO A 938 -27.95 -10.94 -14.12
C PRO A 938 -28.58 -11.80 -13.02
N VAL A 939 -29.91 -11.93 -13.02
CA VAL A 939 -30.60 -12.72 -12.01
C VAL A 939 -31.70 -13.52 -12.69
N LEU A 951 -39.23 -28.74 -6.30
CA LEU A 951 -38.04 -28.23 -5.62
C LEU A 951 -38.40 -27.24 -4.51
N SER A 952 -37.48 -27.05 -3.57
CA SER A 952 -37.67 -26.07 -2.50
C SER A 952 -37.70 -24.65 -3.05
N GLN A 953 -38.51 -23.79 -2.44
CA GLN A 953 -38.75 -22.46 -2.98
C GLN A 953 -37.55 -21.54 -2.79
N ALA A 954 -37.15 -20.89 -3.87
CA ALA A 954 -36.04 -19.93 -3.84
C ALA A 954 -36.57 -18.51 -3.58
N PRO A 955 -35.97 -17.81 -2.61
CA PRO A 955 -36.35 -16.45 -2.21
C PRO A 955 -36.09 -15.43 -3.32
N ALA A 956 -36.73 -14.28 -3.23
CA ALA A 956 -36.49 -13.20 -4.17
C ALA A 956 -35.17 -12.51 -3.83
N LEU A 957 -34.36 -12.25 -4.85
CA LEU A 957 -33.04 -11.67 -4.62
C LEU A 957 -33.00 -10.23 -5.13
N PRO A 958 -32.38 -9.33 -4.35
CA PRO A 958 -32.24 -7.94 -4.77
C PRO A 958 -31.41 -7.84 -6.04
N GLN A 959 -31.56 -6.75 -6.79
CA GLN A 959 -30.71 -6.56 -7.96
C GLN A 959 -29.28 -6.35 -7.50
N PRO A 960 -28.35 -7.12 -8.09
CA PRO A 960 -26.92 -7.03 -7.75
C PRO A 960 -26.21 -5.88 -8.42
N GLU A 961 -25.19 -5.32 -7.77
CA GLU A 961 -24.31 -4.37 -8.44
C GLU A 961 -23.27 -5.14 -9.23
N VAL A 962 -23.32 -5.02 -10.56
CA VAL A 962 -22.38 -5.75 -11.39
C VAL A 962 -21.04 -5.06 -11.43
N ILE A 963 -20.02 -5.71 -10.88
CA ILE A 963 -18.67 -5.18 -10.91
C ILE A 963 -18.20 -5.12 -12.35
N GLN A 964 -17.78 -3.94 -12.79
CA GLN A 964 -17.36 -3.75 -14.17
C GLN A 964 -15.84 -3.65 -14.26
N ASN A 965 -15.23 -3.24 -13.16
CA ASN A 965 -13.79 -3.03 -13.11
C ASN A 965 -13.29 -3.20 -11.68
N MET A 966 -12.28 -4.05 -11.49
CA MET A 966 -11.83 -4.38 -10.14
C MET A 966 -11.25 -3.20 -9.38
N THR A 967 -10.54 -2.33 -10.09
CA THR A 967 -9.93 -1.16 -9.47
C THR A 967 -11.00 -0.20 -8.95
N GLU A 968 -11.99 0.12 -9.78
CA GLU A 968 -13.10 0.95 -9.36
C GLU A 968 -13.81 0.31 -8.16
N PHE A 969 -13.91 -1.01 -8.18
CA PHE A 969 -14.60 -1.76 -7.13
C PHE A 969 -13.89 -1.61 -5.78
N LYS A 970 -12.58 -1.82 -5.79
CA LYS A 970 -11.80 -1.72 -4.57
C LYS A 970 -11.81 -0.29 -4.04
N ARG A 971 -11.66 0.67 -4.94
CA ARG A 971 -11.53 2.08 -4.57
C ARG A 971 -12.81 2.63 -3.93
N GLY A 972 -13.94 2.04 -4.26
CA GLY A 972 -15.22 2.51 -3.76
C GLY A 972 -15.64 1.92 -2.43
N LEU A 973 -14.79 1.08 -1.84
CA LEU A 973 -15.15 0.43 -0.59
C LEU A 973 -14.08 0.63 0.49
N PRO A 974 -14.47 0.45 1.75
CA PRO A 974 -13.52 0.49 2.87
C PRO A 974 -12.59 -0.71 2.83
N LEU A 975 -11.58 -0.71 3.69
CA LEU A 975 -10.75 -1.88 3.90
C LEU A 975 -10.80 -2.24 5.37
N PHE A 976 -10.84 -3.54 5.67
CA PHE A 976 -10.84 -4.00 7.05
C PHE A 976 -9.54 -3.64 7.76
N PRO A 977 -9.57 -3.68 9.09
CA PRO A 977 -8.32 -3.62 9.85
C PRO A 977 -7.57 -4.93 9.69
N LEU A 978 -6.37 -4.99 10.25
CA LEU A 978 -5.63 -6.25 10.32
C LEU A 978 -5.76 -6.78 11.72
N VAL A 979 -5.79 -8.10 11.87
CA VAL A 979 -5.88 -8.71 13.20
C VAL A 979 -4.62 -8.40 14.00
N LYS A 980 -4.81 -7.95 15.24
CA LYS A 980 -3.68 -7.69 16.12
C LYS A 980 -3.14 -8.98 16.71
N PRO A 981 -1.81 -9.11 16.74
CA PRO A 981 -1.09 -10.27 17.28
C PRO A 981 -1.40 -10.54 18.76
N HIS A 982 -0.97 -11.69 19.27
CA HIS A 982 -1.26 -12.08 20.64
C HIS A 982 -0.32 -11.39 21.64
N ASN B 14 -16.47 72.77 -4.04
CA ASN B 14 -17.80 73.06 -3.51
C ASN B 14 -18.13 72.23 -2.27
N ASN B 15 -17.13 71.48 -1.78
CA ASN B 15 -17.35 70.67 -0.58
C ASN B 15 -16.39 71.11 0.53
N PRO B 16 -16.96 71.38 1.73
CA PRO B 16 -16.20 71.88 2.88
C PRO B 16 -15.29 70.84 3.53
N ALA B 17 -15.66 69.57 3.42
CA ALA B 17 -14.91 68.49 4.06
C ALA B 17 -13.74 68.01 3.22
N ILE B 18 -13.72 68.40 1.95
CA ILE B 18 -12.70 67.95 1.01
C ILE B 18 -11.73 69.06 0.64
N LYS B 19 -10.50 68.97 1.13
CA LYS B 19 -9.48 69.96 0.84
C LYS B 19 -9.12 69.97 -0.64
N ARG B 20 -8.76 68.81 -1.16
CA ARG B 20 -8.44 68.68 -2.59
C ARG B 20 -8.88 67.33 -3.14
N ILE B 21 -9.13 67.32 -4.45
CA ILE B 21 -9.42 66.08 -5.16
C ILE B 21 -8.29 65.80 -6.13
N GLY B 22 -7.55 64.72 -5.86
CA GLY B 22 -6.43 64.33 -6.69
C GLY B 22 -6.78 64.19 -8.16
N ASN B 23 -5.78 64.32 -9.02
CA ASN B 23 -6.00 64.23 -10.45
C ASN B 23 -6.26 62.78 -10.86
N HIS B 24 -6.20 62.52 -12.16
CA HIS B 24 -6.20 61.16 -12.66
C HIS B 24 -5.16 60.31 -11.93
N ILE B 25 -5.60 59.19 -11.35
CA ILE B 25 -4.69 58.26 -10.70
C ILE B 25 -4.08 57.32 -11.76
N THR B 26 -2.76 57.38 -11.90
CA THR B 26 -2.07 56.56 -12.90
C THR B 26 -2.25 55.08 -12.60
N LYS B 27 -2.72 54.33 -13.60
CA LYS B 27 -2.95 52.90 -13.42
C LYS B 27 -2.52 52.12 -14.66
N SER B 28 -2.40 50.80 -14.52
CA SER B 28 -2.13 49.95 -15.66
C SER B 28 -3.31 49.92 -16.63
N PRO B 29 -3.03 49.91 -17.93
CA PRO B 29 -4.05 49.84 -18.99
C PRO B 29 -4.94 48.59 -18.87
N GLU B 30 -4.42 47.52 -18.28
CA GLU B 30 -5.18 46.29 -18.15
C GLU B 30 -6.09 46.36 -16.92
N ASP B 31 -5.80 47.31 -16.03
CA ASP B 31 -6.56 47.51 -14.81
C ASP B 31 -7.91 48.16 -15.13
N LYS B 32 -9.00 47.44 -14.87
CA LYS B 32 -10.33 47.93 -15.21
C LYS B 32 -11.05 48.59 -14.05
N ARG B 33 -10.44 48.51 -12.86
CA ARG B 33 -10.95 49.21 -11.69
C ARG B 33 -10.82 50.71 -11.88
N GLU B 34 -11.66 51.48 -11.19
CA GLU B 34 -11.63 52.94 -11.29
C GLU B 34 -11.09 53.57 -10.01
N TYR B 35 -10.26 54.59 -10.15
CA TYR B 35 -9.60 55.21 -9.00
C TYR B 35 -9.87 56.71 -8.89
N ARG B 36 -10.17 57.16 -7.68
CA ARG B 36 -10.16 58.58 -7.36
C ARG B 36 -9.43 58.81 -6.04
N GLY B 37 -8.42 59.68 -6.06
CA GLY B 37 -7.74 60.08 -4.86
C GLY B 37 -8.26 61.41 -4.36
N LEU B 38 -8.25 61.62 -3.05
CA LEU B 38 -8.66 62.91 -2.50
C LEU B 38 -8.10 63.08 -1.10
N GLU B 39 -8.02 64.32 -0.64
CA GLU B 39 -7.56 64.61 0.71
C GLU B 39 -8.62 65.38 1.48
N LEU B 40 -9.02 64.85 2.63
CA LEU B 40 -10.04 65.51 3.43
C LEU B 40 -9.48 66.76 4.10
N ALA B 41 -10.38 67.62 4.59
CA ALA B 41 -9.99 68.85 5.26
C ALA B 41 -9.15 68.59 6.50
N ASN B 42 -9.40 67.46 7.17
CA ASN B 42 -8.65 67.11 8.38
C ASN B 42 -7.28 66.49 8.09
N GLY B 43 -6.94 66.32 6.82
CA GLY B 43 -5.61 65.88 6.45
C GLY B 43 -5.49 64.43 6.03
N ILE B 44 -6.55 63.67 6.25
CA ILE B 44 -6.60 62.27 5.83
C ILE B 44 -6.47 62.13 4.33
N LYS B 45 -5.42 61.42 3.88
CA LYS B 45 -5.30 61.05 2.48
C LYS B 45 -6.20 59.86 2.19
N VAL B 46 -6.94 59.93 1.08
CA VAL B 46 -7.89 58.89 0.73
C VAL B 46 -7.71 58.40 -0.70
N LEU B 47 -7.88 57.10 -0.91
CA LEU B 47 -7.97 56.56 -2.27
C LEU B 47 -9.25 55.75 -2.40
N LEU B 48 -10.10 56.13 -3.36
CA LEU B 48 -11.34 55.41 -3.63
C LEU B 48 -11.20 54.48 -4.82
N ILE B 49 -11.63 53.24 -4.65
CA ILE B 49 -11.51 52.26 -5.71
C ILE B 49 -12.88 51.67 -6.01
N SER B 50 -13.39 51.95 -7.20
CA SER B 50 -14.68 51.45 -7.63
C SER B 50 -14.51 50.27 -8.57
N ASP B 51 -15.10 49.14 -8.20
CA ASP B 51 -15.07 47.93 -9.02
C ASP B 51 -16.44 47.27 -8.96
N PRO B 52 -17.26 47.49 -9.99
CA PRO B 52 -18.67 47.08 -10.04
C PRO B 52 -18.84 45.57 -10.02
N THR B 53 -17.75 44.84 -10.14
CA THR B 53 -17.81 43.39 -10.27
C THR B 53 -17.45 42.67 -8.98
N THR B 54 -16.82 43.39 -8.06
CA THR B 54 -16.28 42.78 -6.86
C THR B 54 -17.38 42.18 -6.00
N ASP B 55 -17.16 40.96 -5.53
CA ASP B 55 -18.14 40.27 -4.71
C ASP B 55 -17.95 40.64 -3.25
N LYS B 56 -16.73 41.08 -2.93
CA LYS B 56 -16.41 41.56 -1.59
C LYS B 56 -15.85 42.97 -1.66
N SER B 57 -16.39 43.86 -0.83
CA SER B 57 -15.83 45.20 -0.69
C SER B 57 -14.82 45.19 0.45
N SER B 58 -13.98 46.21 0.49
CA SER B 58 -12.91 46.26 1.48
C SER B 58 -12.50 47.69 1.77
N ALA B 59 -12.01 47.91 2.99
CA ALA B 59 -11.42 49.18 3.34
C ALA B 59 -10.24 48.95 4.28
N ALA B 60 -9.36 49.94 4.35
CA ALA B 60 -8.23 49.89 5.27
C ALA B 60 -7.82 51.31 5.68
N LEU B 61 -7.29 51.43 6.90
CA LEU B 61 -6.76 52.70 7.38
C LEU B 61 -5.38 52.46 7.99
N ASP B 62 -4.41 53.26 7.58
CA ASP B 62 -3.06 53.15 8.12
C ASP B 62 -2.65 54.39 8.91
N VAL B 63 -2.40 54.22 10.20
CA VAL B 63 -1.86 55.31 11.00
C VAL B 63 -0.34 55.29 10.97
N HIS B 64 0.28 56.47 10.91
CA HIS B 64 1.71 56.55 10.68
C HIS B 64 2.46 56.66 12.01
N ILE B 65 1.89 56.02 13.02
CA ILE B 65 2.54 55.85 14.31
C ILE B 65 2.71 54.37 14.61
N GLY B 66 3.87 53.99 15.15
CA GLY B 66 4.15 52.60 15.43
C GLY B 66 4.84 52.39 16.76
N SER B 67 5.45 51.22 16.94
CA SER B 67 6.02 50.86 18.23
C SER B 67 7.26 51.68 18.55
N LEU B 68 7.81 52.37 17.55
CA LEU B 68 8.95 53.25 17.80
C LEU B 68 8.49 54.44 18.66
N SER B 69 7.18 54.66 18.69
CA SER B 69 6.61 55.73 19.51
C SER B 69 6.04 55.20 20.81
N ASP B 70 6.31 53.94 21.14
CA ASP B 70 5.88 53.37 22.42
C ASP B 70 6.54 54.17 23.54
N PRO B 71 5.79 54.40 24.63
CA PRO B 71 6.42 54.91 25.86
C PRO B 71 7.54 53.98 26.29
N PRO B 72 8.72 54.54 26.58
CA PRO B 72 9.90 53.73 26.92
C PRO B 72 9.68 52.84 28.15
N ASN B 73 8.65 53.13 28.94
CA ASN B 73 8.38 52.36 30.16
C ASN B 73 7.19 51.42 30.04
N ILE B 74 6.58 51.39 28.85
CA ILE B 74 5.49 50.46 28.55
C ILE B 74 5.65 49.87 27.16
N ALA B 75 6.60 48.94 27.02
CA ALA B 75 6.90 48.30 25.75
C ALA B 75 5.70 47.56 25.18
N GLY B 76 5.38 47.85 23.92
CA GLY B 76 4.31 47.15 23.22
C GLY B 76 2.96 47.82 23.27
N LEU B 77 2.90 49.07 23.74
CA LEU B 77 1.62 49.75 23.92
C LEU B 77 0.88 50.00 22.61
N SER B 78 1.59 50.50 21.60
CA SER B 78 0.96 50.77 20.30
C SER B 78 0.43 49.47 19.69
N HIS B 79 1.15 48.38 19.94
CA HIS B 79 0.72 47.05 19.54
C HIS B 79 -0.54 46.64 20.31
N PHE B 80 -0.52 46.84 21.63
CA PHE B 80 -1.64 46.51 22.50
C PHE B 80 -2.88 47.33 22.13
N LEU B 81 -2.67 48.60 21.82
CA LEU B 81 -3.72 49.50 21.36
C LEU B 81 -4.44 48.86 20.18
N GLN B 82 -3.66 48.36 19.23
CA GLN B 82 -4.18 47.76 17.99
C GLN B 82 -5.11 46.59 18.24
N HIS B 83 -4.79 45.74 19.22
CA HIS B 83 -5.69 44.67 19.62
C HIS B 83 -6.97 45.22 20.20
N MET B 84 -6.82 46.22 21.07
CA MET B 84 -7.95 46.76 21.83
C MET B 84 -9.01 47.49 20.99
N LEU B 85 -8.61 48.10 19.88
CA LEU B 85 -9.57 48.83 19.06
C LEU B 85 -10.68 47.93 18.53
N PHE B 86 -10.40 46.62 18.48
CA PHE B 86 -11.38 45.63 18.02
C PHE B 86 -12.42 45.31 19.08
N LEU B 87 -12.18 45.75 20.31
CA LEU B 87 -12.97 45.28 21.44
C LEU B 87 -13.99 46.29 21.99
N GLY B 88 -14.51 47.14 21.11
CA GLY B 88 -15.62 47.99 21.47
C GLY B 88 -15.40 49.50 21.35
N THR B 89 -16.40 50.18 20.83
CA THR B 89 -16.40 51.63 20.73
C THR B 89 -17.68 52.21 21.36
N LYS B 90 -17.72 53.52 21.57
CA LYS B 90 -18.89 54.14 22.20
C LYS B 90 -20.18 53.94 21.40
N LYS B 91 -20.09 54.07 20.07
CA LYS B 91 -21.25 53.87 19.20
C LYS B 91 -21.65 52.39 19.09
N TYR B 92 -20.65 51.51 19.01
CA TYR B 92 -20.90 50.07 18.97
C TYR B 92 -20.16 49.39 20.12
N PRO B 93 -20.73 49.48 21.32
CA PRO B 93 -20.07 49.06 22.58
C PRO B 93 -19.97 47.55 22.76
N LYS B 94 -20.72 46.78 21.98
CA LYS B 94 -20.66 45.32 22.10
C LYS B 94 -19.26 44.83 21.76
N GLU B 95 -18.66 44.10 22.68
CA GLU B 95 -17.25 43.71 22.60
C GLU B 95 -16.83 43.08 21.25
N ASN B 96 -17.69 42.25 20.69
CA ASN B 96 -17.38 41.59 19.43
C ASN B 96 -18.31 41.99 18.30
N GLU B 97 -18.94 43.15 18.44
CA GLU B 97 -19.84 43.65 17.41
C GLU B 97 -19.14 43.76 16.06
N TYR B 98 -17.91 44.25 16.07
CA TYR B 98 -17.12 44.35 14.85
C TYR B 98 -16.86 42.98 14.24
N SER B 99 -16.29 42.07 15.02
CA SER B 99 -15.95 40.74 14.54
C SER B 99 -17.19 39.98 14.06
N GLN B 100 -18.26 40.06 14.83
CA GLN B 100 -19.51 39.36 14.52
C GLN B 100 -20.19 39.87 13.26
N PHE B 101 -20.20 41.18 13.05
CA PHE B 101 -20.86 41.74 11.89
C PHE B 101 -20.20 41.23 10.62
N LEU B 102 -18.87 41.34 10.58
CA LEU B 102 -18.10 40.90 9.42
C LEU B 102 -18.34 39.42 9.13
N SER B 103 -18.32 38.60 10.18
CA SER B 103 -18.49 37.16 10.03
C SER B 103 -19.85 36.79 9.46
N GLU B 104 -20.90 37.48 9.92
CA GLU B 104 -22.25 37.20 9.45
C GLU B 104 -22.50 37.79 8.06
N HIS B 105 -21.49 38.43 7.48
CA HIS B 105 -21.62 39.02 6.15
C HIS B 105 -20.39 38.72 5.28
N ALA B 106 -19.88 37.49 5.40
CA ALA B 106 -18.84 36.95 4.50
C ALA B 106 -17.52 37.70 4.59
N GLY B 107 -17.32 38.40 5.71
CA GLY B 107 -16.15 39.26 5.85
C GLY B 107 -15.10 38.76 6.80
N SER B 108 -13.97 39.44 6.82
CA SER B 108 -12.86 39.11 7.70
C SER B 108 -12.08 40.37 8.02
N SER B 109 -11.23 40.29 9.03
CA SER B 109 -10.46 41.46 9.43
C SER B 109 -9.17 41.09 10.15
N ASN B 110 -8.19 41.99 10.03
CA ASN B 110 -6.93 41.83 10.73
C ASN B 110 -6.22 43.18 10.81
N ALA B 111 -5.04 43.17 11.41
CA ALA B 111 -4.27 44.38 11.61
C ALA B 111 -2.84 44.01 11.99
N PHE B 112 -1.94 44.98 11.89
CA PHE B 112 -0.59 44.77 12.37
C PHE B 112 0.06 46.07 12.80
N THR B 113 1.09 45.94 13.63
CA THR B 113 1.82 47.09 14.14
C THR B 113 3.30 46.95 13.82
N SER B 114 3.83 47.85 13.00
CA SER B 114 5.27 47.88 12.76
C SER B 114 5.86 49.07 13.51
N GLY B 115 7.15 49.31 13.30
CA GLY B 115 7.84 50.44 13.92
C GLY B 115 7.19 51.80 13.72
N GLU B 116 6.66 52.06 12.53
CA GLU B 116 6.16 53.37 12.18
C GLU B 116 4.72 53.37 11.68
N HIS B 117 4.08 52.20 11.67
CA HIS B 117 2.72 52.10 11.13
C HIS B 117 1.84 51.17 11.93
N THR B 118 0.56 51.52 12.00
CA THR B 118 -0.45 50.58 12.47
C THR B 118 -1.49 50.48 11.36
N ASN B 119 -1.73 49.26 10.89
CA ASN B 119 -2.54 49.06 9.69
C ASN B 119 -3.78 48.24 10.04
N TYR B 120 -4.95 48.78 9.76
CA TYR B 120 -6.21 48.09 10.02
C TYR B 120 -6.96 47.87 8.70
N TYR B 121 -7.54 46.69 8.53
CA TYR B 121 -8.23 46.39 7.27
C TYR B 121 -9.30 45.31 7.42
N PHE B 122 -10.25 45.33 6.50
CA PHE B 122 -11.31 44.34 6.46
C PHE B 122 -11.85 44.18 5.05
N ASP B 123 -12.50 43.04 4.78
CA ASP B 123 -13.40 42.95 3.65
C ASP B 123 -14.74 42.42 4.13
N VAL B 124 -15.74 42.49 3.25
CA VAL B 124 -17.12 42.15 3.62
C VAL B 124 -17.92 41.96 2.34
N SER B 125 -19.07 41.31 2.46
CA SER B 125 -20.00 41.23 1.33
C SER B 125 -20.24 42.65 0.82
N HIS B 126 -20.21 42.83 -0.49
CA HIS B 126 -20.24 44.18 -1.07
C HIS B 126 -21.52 44.93 -0.73
N GLU B 127 -22.56 44.19 -0.35
CA GLU B 127 -23.85 44.77 0.05
C GLU B 127 -23.80 45.51 1.40
N HIS B 128 -22.78 45.24 2.19
CA HIS B 128 -22.72 45.75 3.55
C HIS B 128 -21.43 46.50 3.84
N LEU B 129 -20.91 47.17 2.82
CA LEU B 129 -19.69 47.95 2.98
C LEU B 129 -19.89 49.04 4.02
N GLU B 130 -21.01 49.77 3.90
CA GLU B 130 -21.27 50.91 4.77
C GLU B 130 -21.43 50.48 6.23
N GLY B 131 -22.11 49.37 6.44
CA GLY B 131 -22.33 48.87 7.77
C GLY B 131 -21.01 48.53 8.42
N ALA B 132 -20.13 47.90 7.66
CA ALA B 132 -18.81 47.57 8.15
C ALA B 132 -17.98 48.83 8.33
N LEU B 133 -17.98 49.69 7.32
CA LEU B 133 -17.14 50.89 7.35
C LEU B 133 -17.51 51.80 8.52
N ASP B 134 -18.78 51.81 8.90
CA ASP B 134 -19.24 52.60 10.03
C ASP B 134 -18.65 52.06 11.34
N ARG B 135 -18.79 50.76 11.56
CA ARG B 135 -18.23 50.13 12.75
C ARG B 135 -16.70 50.27 12.78
N PHE B 136 -16.09 50.16 11.60
CA PHE B 136 -14.65 50.30 11.45
C PHE B 136 -14.17 51.70 11.82
N ALA B 137 -14.94 52.72 11.45
CA ALA B 137 -14.53 54.11 11.65
C ALA B 137 -14.43 54.50 13.12
N GLN B 138 -15.27 53.91 13.95
CA GLN B 138 -15.29 54.22 15.38
C GLN B 138 -13.98 53.85 16.10
N PHE B 139 -13.22 52.94 15.52
CA PHE B 139 -11.92 52.55 16.07
C PHE B 139 -11.07 53.78 16.31
N PHE B 140 -11.23 54.76 15.43
CA PHE B 140 -10.35 55.92 15.36
C PHE B 140 -11.00 57.18 15.93
N LEU B 141 -12.31 57.12 16.12
CA LEU B 141 -13.03 58.17 16.84
C LEU B 141 -13.09 57.95 18.35
N SER B 142 -13.73 56.87 18.79
CA SER B 142 -14.03 56.70 20.20
C SER B 142 -13.93 55.26 20.71
N PRO B 143 -12.71 54.72 20.80
CA PRO B 143 -12.54 53.39 21.38
C PRO B 143 -12.92 53.38 22.86
N LEU B 144 -13.41 52.26 23.35
CA LEU B 144 -13.81 52.11 24.74
C LEU B 144 -12.62 51.81 25.64
N PHE B 145 -11.74 50.94 25.18
CA PHE B 145 -10.69 50.38 26.02
C PHE B 145 -11.33 49.92 27.32
N ASP B 146 -12.31 49.02 27.21
CA ASP B 146 -12.98 48.43 28.36
C ASP B 146 -11.97 47.80 29.32
N GLU B 147 -12.13 48.09 30.60
CA GLU B 147 -11.22 47.60 31.62
C GLU B 147 -11.18 46.06 31.66
N SER B 148 -12.36 45.45 31.56
CA SER B 148 -12.47 44.00 31.54
C SER B 148 -11.74 43.41 30.34
N ALA B 149 -12.01 43.99 29.17
CA ALA B 149 -11.39 43.54 27.92
C ALA B 149 -9.88 43.69 27.97
N LYS B 150 -9.41 44.81 28.51
CA LYS B 150 -7.98 45.04 28.64
C LYS B 150 -7.32 43.97 29.51
N ASP B 151 -8.00 43.55 30.57
CA ASP B 151 -7.45 42.57 31.47
C ASP B 151 -7.34 41.21 30.82
N ARG B 152 -8.25 40.94 29.89
CA ARG B 152 -8.24 39.68 29.15
C ARG B 152 -7.27 39.69 27.96
N GLU B 153 -7.44 40.66 27.06
CA GLU B 153 -6.71 40.67 25.80
C GLU B 153 -5.20 40.83 25.94
N VAL B 154 -4.72 41.28 27.11
CA VAL B 154 -3.29 41.36 27.34
C VAL B 154 -2.68 39.96 27.20
N ASN B 155 -3.49 38.95 27.47
CA ASN B 155 -3.05 37.56 27.40
C ASN B 155 -2.83 37.09 25.97
N ALA B 156 -3.65 37.57 25.04
CA ALA B 156 -3.46 37.27 23.62
C ALA B 156 -2.11 37.81 23.14
N VAL B 157 -1.75 39.01 23.61
CA VAL B 157 -0.46 39.59 23.27
C VAL B 157 0.68 38.76 23.88
N ASP B 158 0.49 38.31 25.11
CA ASP B 158 1.47 37.47 25.78
C ASP B 158 1.75 36.17 25.01
N SER B 159 0.68 35.47 24.61
CA SER B 159 0.80 34.29 23.76
C SER B 159 1.54 34.58 22.46
N GLU B 160 1.13 35.64 21.77
CA GLU B 160 1.76 36.04 20.51
C GLU B 160 3.26 36.22 20.68
N HIS B 161 3.68 36.82 21.79
CA HIS B 161 5.10 36.95 22.06
C HIS B 161 5.75 35.61 22.35
N GLU B 162 5.07 34.81 23.17
CA GLU B 162 5.57 33.51 23.61
C GLU B 162 5.93 32.57 22.46
N LYS B 163 5.11 32.56 21.41
CA LYS B 163 5.39 31.74 20.24
C LYS B 163 6.67 32.22 19.55
N ASN B 164 7.04 33.47 19.78
CA ASN B 164 8.18 34.08 19.07
C ASN B 164 9.50 33.92 19.80
N VAL B 165 9.43 33.64 21.10
CA VAL B 165 10.63 33.61 21.95
C VAL B 165 11.66 32.59 21.48
N MET B 166 11.19 31.41 21.09
CA MET B 166 12.10 30.35 20.65
C MET B 166 12.28 30.35 19.13
N ASN B 167 11.87 31.42 18.48
CA ASN B 167 12.03 31.55 17.05
C ASN B 167 13.31 32.29 16.69
N ASP B 168 14.13 31.69 15.82
CA ASP B 168 15.45 32.21 15.51
C ASP B 168 15.40 33.54 14.76
N ALA B 169 14.35 33.73 13.96
CA ALA B 169 14.21 34.97 13.20
C ALA B 169 13.90 36.15 14.12
N TRP B 170 12.98 35.95 15.06
CA TRP B 170 12.64 36.99 16.03
C TRP B 170 13.80 37.29 16.97
N ARG B 171 14.48 36.24 17.43
CA ARG B 171 15.61 36.39 18.32
C ARG B 171 16.70 37.25 17.68
N LEU B 172 16.99 36.99 16.41
CA LEU B 172 17.98 37.74 15.64
C LEU B 172 17.48 39.14 15.30
N PHE B 173 16.19 39.24 15.02
CA PHE B 173 15.56 40.52 14.74
C PHE B 173 15.75 41.48 15.91
N GLN B 174 15.45 41.02 17.13
CA GLN B 174 15.59 41.85 18.32
C GLN B 174 17.04 42.00 18.76
N LEU B 175 17.88 41.03 18.40
CA LEU B 175 19.30 41.09 18.76
C LEU B 175 20.00 42.23 18.04
N GLU B 176 19.60 42.50 16.81
CA GLU B 176 20.19 43.61 16.07
C GLU B 176 19.78 44.93 16.70
N LYS B 177 18.52 44.99 17.14
CA LYS B 177 18.00 46.20 17.78
C LYS B 177 18.72 46.48 19.10
N ALA B 178 19.18 45.41 19.75
CA ALA B 178 19.81 45.51 21.06
C ALA B 178 21.32 45.72 21.00
N THR B 179 21.91 45.53 19.83
CA THR B 179 23.37 45.66 19.70
C THR B 179 23.74 46.98 19.04
N GLY B 180 22.74 47.82 18.83
CA GLY B 180 22.95 49.16 18.36
C GLY B 180 22.88 50.11 19.54
N ASN B 181 22.71 51.40 19.28
CA ASN B 181 22.60 52.36 20.36
C ASN B 181 21.36 52.07 21.22
N PRO B 182 21.58 51.72 22.50
CA PRO B 182 20.52 51.36 23.46
C PRO B 182 19.59 52.54 23.74
N LYS B 183 20.07 53.75 23.48
CA LYS B 183 19.29 54.95 23.73
C LYS B 183 18.51 55.38 22.49
N HIS B 184 18.65 54.62 21.42
CA HIS B 184 17.93 54.89 20.18
C HIS B 184 16.56 54.19 20.24
N PRO B 185 15.50 54.86 19.77
CA PRO B 185 14.15 54.26 19.76
C PRO B 185 14.13 52.90 19.04
N PHE B 186 15.06 52.72 18.11
CA PHE B 186 15.17 51.49 17.33
C PHE B 186 15.40 50.26 18.22
N SER B 187 15.87 50.48 19.43
CA SER B 187 16.20 49.38 20.35
C SER B 187 14.98 48.92 21.16
N LYS B 188 13.87 49.62 21.01
CA LYS B 188 12.65 49.28 21.74
C LYS B 188 12.12 47.88 21.40
N PHE B 189 11.47 47.26 22.38
CA PHE B 189 10.78 45.98 22.19
C PHE B 189 9.33 46.27 21.81
N GLY B 190 8.97 45.95 20.58
CA GLY B 190 7.70 46.39 20.01
C GLY B 190 6.49 45.54 20.33
N THR B 191 6.71 44.23 20.48
CA THR B 191 5.60 43.31 20.66
C THR B 191 4.91 43.52 21.98
N GLY B 192 5.70 43.63 23.05
CA GLY B 192 5.15 43.71 24.38
C GLY B 192 4.72 42.32 24.83
N ASN B 193 4.52 42.16 26.12
CA ASN B 193 4.01 40.91 26.65
C ASN B 193 3.27 41.16 27.96
N LYS B 194 2.88 40.10 28.65
CA LYS B 194 2.08 40.26 29.85
C LYS B 194 2.83 41.03 30.93
N TYR B 195 4.16 40.85 30.95
CA TYR B 195 4.97 41.55 31.95
C TYR B 195 5.03 43.07 31.70
N THR B 196 5.43 43.47 30.50
CA THR B 196 5.60 44.88 30.16
C THR B 196 4.26 45.64 30.13
N LEU B 197 3.19 44.94 29.80
CA LEU B 197 1.89 45.56 29.59
C LEU B 197 0.97 45.53 30.82
N GLU B 198 1.03 44.47 31.61
CA GLU B 198 0.17 44.39 32.79
C GLU B 198 0.93 44.36 34.12
N THR B 199 1.87 43.44 34.22
CA THR B 199 2.47 43.10 35.51
C THR B 199 3.33 44.21 36.10
N ARG B 200 4.29 44.72 35.33
CA ARG B 200 5.13 45.81 35.83
C ARG B 200 4.31 47.09 36.01
N PRO B 201 3.47 47.44 35.01
CA PRO B 201 2.59 48.60 35.16
C PRO B 201 1.70 48.55 36.40
N ASN B 202 1.21 47.37 36.77
CA ASN B 202 0.39 47.24 37.98
C ASN B 202 1.23 47.44 39.24
N GLN B 203 2.44 46.90 39.26
CA GLN B 203 3.35 47.09 40.38
C GLN B 203 3.73 48.57 40.49
N GLU B 204 4.04 49.18 39.35
CA GLU B 204 4.45 50.57 39.31
C GLU B 204 3.29 51.50 39.63
N GLY B 205 2.06 50.98 39.54
CA GLY B 205 0.87 51.75 39.86
C GLY B 205 0.21 52.45 38.69
N ILE B 206 0.74 52.23 37.49
CA ILE B 206 0.20 52.85 36.28
C ILE B 206 -1.18 52.33 35.90
N ASP B 207 -2.05 53.25 35.46
CA ASP B 207 -3.34 52.89 34.90
C ASP B 207 -3.21 52.76 33.38
N VAL B 208 -3.10 51.53 32.91
CA VAL B 208 -2.84 51.26 31.50
C VAL B 208 -4.00 51.68 30.59
N ARG B 209 -5.23 51.65 31.10
CA ARG B 209 -6.36 52.08 30.29
C ARG B 209 -6.27 53.55 29.95
N GLN B 210 -5.77 54.33 30.91
CA GLN B 210 -5.61 55.76 30.69
C GLN B 210 -4.47 55.98 29.72
N GLU B 211 -3.44 55.15 29.85
CA GLU B 211 -2.27 55.26 28.97
C GLU B 211 -2.66 54.97 27.53
N LEU B 212 -3.59 54.04 27.34
CA LEU B 212 -4.14 53.76 26.02
C LEU B 212 -4.89 54.98 25.48
N LEU B 213 -5.80 55.52 26.28
CA LEU B 213 -6.54 56.71 25.89
C LEU B 213 -5.62 57.87 25.56
N LYS B 214 -4.58 58.05 26.37
CA LYS B 214 -3.65 59.15 26.13
C LYS B 214 -2.88 58.91 24.83
N PHE B 215 -2.47 57.68 24.59
CA PHE B 215 -1.73 57.37 23.36
C PHE B 215 -2.62 57.51 22.13
N HIS B 216 -3.83 56.97 22.22
CA HIS B 216 -4.79 57.09 21.14
C HIS B 216 -5.12 58.55 20.83
N SER B 217 -5.28 59.34 21.88
CA SER B 217 -5.66 60.74 21.71
C SER B 217 -4.51 61.54 21.11
N ALA B 218 -3.29 61.20 21.50
CA ALA B 218 -2.12 61.98 21.11
C ALA B 218 -1.60 61.65 19.72
N TYR B 219 -1.72 60.39 19.30
CA TYR B 219 -1.09 59.96 18.07
C TYR B 219 -2.06 59.59 16.97
N TYR B 220 -3.24 59.09 17.33
CA TYR B 220 -4.20 58.72 16.30
C TYR B 220 -4.86 59.98 15.78
N SER B 221 -4.06 60.79 15.10
CA SER B 221 -4.51 62.07 14.55
C SER B 221 -4.72 61.95 13.04
N SER B 222 -5.71 62.69 12.53
CA SER B 222 -6.10 62.60 11.13
C SER B 222 -4.96 62.94 10.15
N ASN B 223 -4.04 63.80 10.54
CA ASN B 223 -2.97 64.20 9.63
C ASN B 223 -1.96 63.08 9.43
N LEU B 224 -2.08 62.03 10.24
CA LEU B 224 -1.19 60.89 10.14
C LEU B 224 -1.94 59.66 9.62
N MET B 225 -3.12 59.87 9.07
CA MET B 225 -3.94 58.76 8.60
C MET B 225 -4.14 58.75 7.08
N ALA B 226 -4.15 57.55 6.52
CA ALA B 226 -4.53 57.33 5.13
C ALA B 226 -5.62 56.27 5.08
N VAL B 227 -6.60 56.47 4.22
CA VAL B 227 -7.73 55.54 4.14
C VAL B 227 -7.94 55.06 2.70
N VAL B 228 -8.16 53.76 2.53
CA VAL B 228 -8.50 53.22 1.22
C VAL B 228 -9.82 52.48 1.29
N VAL B 229 -10.70 52.74 0.33
CA VAL B 229 -11.99 52.07 0.30
C VAL B 229 -12.28 51.50 -1.07
N LEU B 230 -12.68 50.24 -1.11
CA LEU B 230 -12.98 49.57 -2.37
C LEU B 230 -14.39 48.97 -2.31
N GLY B 231 -15.21 49.31 -3.29
CA GLY B 231 -16.57 48.79 -3.34
C GLY B 231 -17.14 48.81 -4.74
N ARG B 232 -18.40 48.39 -4.87
CA ARG B 232 -19.09 48.42 -6.16
C ARG B 232 -19.61 49.81 -6.49
N GLU B 233 -19.91 50.60 -5.45
CA GLU B 233 -20.43 51.94 -5.62
C GLU B 233 -19.58 52.79 -6.55
N SER B 234 -20.19 53.82 -7.11
CA SER B 234 -19.49 54.74 -7.98
C SER B 234 -18.48 55.54 -7.16
N LEU B 235 -17.47 56.10 -7.82
CA LEU B 235 -16.49 56.94 -7.16
C LEU B 235 -17.17 58.14 -6.47
N ASP B 236 -18.32 58.54 -7.00
CA ASP B 236 -19.08 59.62 -6.39
C ASP B 236 -19.67 59.17 -5.05
N ASP B 237 -20.38 58.04 -5.09
CA ASP B 237 -21.00 57.51 -3.88
C ASP B 237 -19.95 57.13 -2.84
N LEU B 238 -18.80 56.62 -3.28
CA LEU B 238 -17.71 56.28 -2.36
C LEU B 238 -17.16 57.53 -1.67
N THR B 239 -17.14 58.66 -2.38
CA THR B 239 -16.64 59.91 -1.81
C THR B 239 -17.53 60.39 -0.68
N ASN B 240 -18.84 60.40 -0.91
CA ASN B 240 -19.77 60.85 0.11
C ASN B 240 -19.73 59.95 1.35
N LEU B 241 -19.56 58.65 1.12
CA LEU B 241 -19.48 57.68 2.19
C LEU B 241 -18.25 57.93 3.08
N VAL B 242 -17.10 58.13 2.45
CA VAL B 242 -15.84 58.34 3.18
C VAL B 242 -15.86 59.67 3.92
N VAL B 243 -16.44 60.70 3.31
CA VAL B 243 -16.56 61.99 3.95
C VAL B 243 -17.48 61.91 5.16
N LYS B 244 -18.62 61.26 4.98
CA LYS B 244 -19.59 61.10 6.07
C LYS B 244 -19.02 60.44 7.33
N LEU B 245 -18.16 59.44 7.16
CA LEU B 245 -17.68 58.67 8.30
C LEU B 245 -16.33 59.13 8.86
N PHE B 246 -15.44 59.63 8.01
CA PHE B 246 -14.06 59.88 8.43
C PHE B 246 -13.68 61.35 8.61
N SER B 247 -14.54 62.28 8.22
CA SER B 247 -14.21 63.70 8.35
C SER B 247 -14.29 64.19 9.79
N GLU B 248 -14.96 63.44 10.64
CA GLU B 248 -15.13 63.81 12.04
C GLU B 248 -13.92 63.43 12.91
N VAL B 249 -12.89 62.86 12.30
CA VAL B 249 -11.66 62.56 13.02
C VAL B 249 -10.90 63.84 13.29
N GLU B 250 -10.46 64.02 14.52
CA GLU B 250 -9.83 65.28 14.93
C GLU B 250 -8.38 65.36 14.45
N ASN B 251 -8.01 66.55 13.99
CA ASN B 251 -6.63 66.82 13.61
C ASN B 251 -5.87 67.47 14.75
N LYS B 252 -4.87 66.76 15.28
CA LYS B 252 -4.02 67.30 16.34
C LYS B 252 -2.71 67.82 15.77
N ASN B 253 -2.63 67.84 14.45
CA ASN B 253 -1.40 68.21 13.73
C ASN B 253 -0.15 67.63 14.38
N VAL B 254 -0.12 66.31 14.50
CA VAL B 254 1.02 65.63 15.11
C VAL B 254 2.19 65.51 14.13
N PRO B 255 3.37 65.99 14.55
CA PRO B 255 4.60 65.88 13.79
C PRO B 255 4.95 64.43 13.51
N LEU B 256 5.25 64.10 12.25
CA LEU B 256 5.62 62.74 11.90
C LEU B 256 6.99 62.40 12.47
N PRO B 257 7.04 61.36 13.32
CA PRO B 257 8.27 60.95 14.00
C PRO B 257 9.39 60.67 13.01
N GLU B 258 10.60 61.15 13.31
CA GLU B 258 11.74 60.87 12.47
C GLU B 258 12.99 60.64 13.30
N PHE B 259 13.90 59.82 12.75
CA PHE B 259 15.07 59.36 13.48
C PHE B 259 16.32 59.52 12.64
N PRO B 260 16.81 60.76 12.52
CA PRO B 260 17.93 61.11 11.65
C PRO B 260 19.26 60.47 12.08
N GLU B 261 19.45 60.28 13.39
CA GLU B 261 20.68 59.68 13.87
C GLU B 261 20.58 58.16 13.72
N HIS B 262 21.60 57.56 13.12
CA HIS B 262 21.57 56.12 12.88
C HIS B 262 21.79 55.37 14.19
N PRO B 263 21.06 54.25 14.37
CA PRO B 263 21.17 53.42 15.58
C PRO B 263 22.57 52.81 15.70
N PHE B 264 23.29 52.77 14.58
CA PHE B 264 24.64 52.24 14.55
C PHE B 264 25.67 53.37 14.43
N GLN B 265 26.28 53.73 15.55
CA GLN B 265 27.39 54.68 15.55
C GLN B 265 28.70 53.92 15.45
N GLU B 266 29.81 54.65 15.43
CA GLU B 266 31.11 54.04 15.18
C GLU B 266 31.53 53.01 16.23
N GLU B 267 30.96 53.13 17.43
CA GLU B 267 31.19 52.15 18.49
C GLU B 267 30.56 50.80 18.14
N HIS B 268 29.59 50.82 17.24
CA HIS B 268 28.84 49.62 16.87
C HIS B 268 29.28 49.09 15.52
N LEU B 269 30.25 49.77 14.91
CA LEU B 269 30.77 49.36 13.63
C LEU B 269 32.07 48.57 13.79
N LYS B 270 32.45 47.84 12.77
CA LYS B 270 33.63 46.98 12.82
C LYS B 270 33.52 45.99 13.99
N GLN B 271 32.29 45.58 14.27
CA GLN B 271 32.02 44.62 15.34
C GLN B 271 31.58 43.27 14.79
N LEU B 272 31.95 42.21 15.52
CA LEU B 272 31.56 40.85 15.17
C LEU B 272 30.74 40.24 16.30
N TYR B 273 29.62 39.62 15.95
CA TYR B 273 28.77 38.98 16.94
C TYR B 273 28.67 37.49 16.66
N LYS B 274 28.93 36.67 17.67
CA LYS B 274 28.77 35.23 17.54
C LYS B 274 27.55 34.79 18.32
N ILE B 275 26.58 34.23 17.61
CA ILE B 275 25.26 33.99 18.18
C ILE B 275 24.91 32.51 18.22
N VAL B 276 24.19 32.10 19.26
CA VAL B 276 23.75 30.72 19.40
C VAL B 276 22.27 30.59 19.03
N PRO B 277 21.99 29.81 17.98
CA PRO B 277 20.65 29.59 17.44
C PRO B 277 19.87 28.51 18.17
N ILE B 278 18.54 28.50 18.00
CA ILE B 278 17.71 27.44 18.53
C ILE B 278 17.74 26.23 17.60
N LYS B 279 17.49 26.47 16.32
CA LYS B 279 17.66 25.43 15.32
C LYS B 279 19.13 25.21 15.06
N ASP B 280 19.46 24.09 14.43
CA ASP B 280 20.83 23.80 14.05
C ASP B 280 21.08 24.44 12.69
N ILE B 281 21.49 25.70 12.72
CA ILE B 281 21.71 26.47 11.50
C ILE B 281 23.06 27.18 11.47
N ARG B 282 23.51 27.51 10.26
CA ARG B 282 24.76 28.24 10.05
C ARG B 282 24.50 29.40 9.12
N ASN B 283 24.47 30.61 9.67
CA ASN B 283 24.25 31.81 8.87
C ASN B 283 25.34 32.84 9.10
N LEU B 284 25.64 33.59 8.05
CA LEU B 284 26.54 34.73 8.14
C LEU B 284 25.79 36.00 7.78
N TYR B 285 25.75 36.95 8.70
CA TYR B 285 25.08 38.22 8.44
C TYR B 285 26.06 39.37 8.38
N VAL B 286 26.11 40.03 7.22
CA VAL B 286 26.93 41.22 7.03
C VAL B 286 26.03 42.44 6.83
N THR B 287 26.29 43.49 7.59
CA THR B 287 25.42 44.67 7.58
C THR B 287 26.20 45.99 7.41
N PHE B 288 25.70 46.85 6.54
CA PHE B 288 26.23 48.20 6.41
C PHE B 288 25.15 49.21 6.76
N PRO B 289 25.48 50.19 7.62
CA PRO B 289 24.52 51.28 7.80
C PRO B 289 24.53 52.20 6.59
N ILE B 290 23.35 52.65 6.17
CA ILE B 290 23.26 53.59 5.05
C ILE B 290 22.18 54.64 5.32
N PRO B 291 22.20 55.72 4.53
CA PRO B 291 21.20 56.77 4.61
C PRO B 291 19.82 56.29 4.20
N ASP B 292 18.77 56.96 4.69
CA ASP B 292 17.41 56.66 4.26
C ASP B 292 17.30 56.95 2.76
N LEU B 293 17.04 55.92 1.97
CA LEU B 293 16.99 56.07 0.52
C LEU B 293 15.57 56.23 0.00
N GLN B 294 14.60 56.37 0.90
CA GLN B 294 13.19 56.39 0.51
C GLN B 294 12.84 57.57 -0.40
N LYS B 295 13.50 58.71 -0.21
CA LYS B 295 13.23 59.87 -1.05
C LYS B 295 13.68 59.64 -2.50
N TYR B 296 14.64 58.73 -2.69
CA TYR B 296 15.15 58.42 -4.01
C TYR B 296 14.41 57.28 -4.68
N TYR B 297 13.14 57.09 -4.33
CA TYR B 297 12.39 55.93 -4.78
C TYR B 297 12.23 55.87 -6.31
N LYS B 298 12.27 57.01 -6.98
CA LYS B 298 12.08 57.04 -8.43
C LYS B 298 13.28 56.44 -9.19
N SER B 299 14.43 56.33 -8.55
CA SER B 299 15.58 55.68 -9.18
C SER B 299 16.01 54.42 -8.42
N ASN B 300 15.73 54.40 -7.12
CA ASN B 300 15.98 53.22 -6.29
C ASN B 300 17.41 52.68 -6.40
N PRO B 301 18.40 53.48 -6.00
CA PRO B 301 19.80 53.06 -6.10
C PRO B 301 20.11 51.81 -5.28
N GLY B 302 19.41 51.63 -4.16
CA GLY B 302 19.59 50.47 -3.31
C GLY B 302 19.26 49.17 -4.04
N HIS B 303 18.19 49.21 -4.82
CA HIS B 303 17.73 48.05 -5.60
C HIS B 303 18.70 47.68 -6.71
N TYR B 304 19.25 48.69 -7.39
CA TYR B 304 20.24 48.48 -8.44
C TYR B 304 21.42 47.69 -7.91
N LEU B 305 21.95 48.11 -6.76
CA LEU B 305 23.08 47.44 -6.13
C LEU B 305 22.69 46.05 -5.60
N GLY B 306 21.47 45.94 -5.08
CA GLY B 306 20.99 44.66 -4.58
C GLY B 306 20.85 43.63 -5.68
N HIS B 307 20.39 44.09 -6.83
CA HIS B 307 20.22 43.25 -8.01
C HIS B 307 21.53 42.61 -8.46
N LEU B 308 22.62 43.37 -8.34
CA LEU B 308 23.92 42.88 -8.76
C LEU B 308 24.59 42.01 -7.70
N ILE B 309 24.67 42.52 -6.48
CA ILE B 309 25.31 41.79 -5.38
C ILE B 309 24.54 40.51 -5.03
N GLY B 310 23.22 40.58 -5.16
CA GLY B 310 22.38 39.42 -4.89
C GLY B 310 22.13 38.55 -6.11
N HIS B 311 22.90 38.78 -7.17
CA HIS B 311 22.71 37.99 -8.39
C HIS B 311 23.16 36.55 -8.15
N GLU B 312 22.47 35.60 -8.76
CA GLU B 312 22.76 34.18 -8.56
C GLU B 312 23.22 33.51 -9.85
N GLY B 313 23.24 34.29 -10.93
CA GLY B 313 23.69 33.81 -12.23
C GLY B 313 25.20 33.73 -12.36
N PRO B 314 25.68 33.39 -13.56
CA PRO B 314 27.12 33.26 -13.87
C PRO B 314 27.90 34.54 -13.59
N GLY B 315 29.06 34.40 -12.97
CA GLY B 315 29.92 35.53 -12.67
C GLY B 315 29.60 36.12 -11.31
N SER B 316 28.44 35.77 -10.77
CA SER B 316 27.96 36.39 -9.54
C SER B 316 28.79 36.00 -8.32
N LEU B 317 28.65 36.79 -7.27
CA LEU B 317 29.31 36.51 -6.01
C LEU B 317 28.93 35.14 -5.46
N LEU B 318 27.63 34.82 -5.56
CA LEU B 318 27.12 33.55 -5.05
C LEU B 318 27.76 32.36 -5.76
N SER B 319 27.95 32.48 -7.07
CA SER B 319 28.53 31.41 -7.87
C SER B 319 29.91 31.01 -7.37
N GLU B 320 30.77 31.98 -7.13
CA GLU B 320 32.11 31.70 -6.63
C GLU B 320 32.06 31.09 -5.24
N LEU B 321 31.29 31.71 -4.35
CA LEU B 321 31.16 31.23 -2.98
C LEU B 321 30.55 29.83 -2.92
N LYS B 322 29.68 29.51 -3.88
CA LYS B 322 29.09 28.18 -3.93
C LYS B 322 30.06 27.17 -4.49
N SER B 323 30.84 27.59 -5.50
CA SER B 323 31.86 26.75 -6.12
C SER B 323 32.89 26.30 -5.09
N LYS B 324 33.30 27.21 -4.23
CA LYS B 324 34.25 26.88 -3.17
C LYS B 324 33.60 26.07 -2.06
N GLY B 325 32.30 25.80 -2.20
CA GLY B 325 31.56 25.03 -1.21
C GLY B 325 31.46 25.66 0.17
N TRP B 326 31.28 26.98 0.20
CA TRP B 326 31.12 27.72 1.45
C TRP B 326 29.68 28.13 1.74
N VAL B 327 28.95 28.56 0.71
CA VAL B 327 27.58 29.02 0.90
C VAL B 327 26.62 28.35 -0.08
N ASN B 328 25.34 28.32 0.25
CA ASN B 328 24.33 27.73 -0.62
C ASN B 328 23.40 28.78 -1.19
N THR B 329 22.98 29.70 -0.34
CA THR B 329 22.12 30.77 -0.77
C THR B 329 22.65 32.11 -0.29
N LEU B 330 22.29 33.16 -1.01
CA LEU B 330 22.77 34.49 -0.68
C LEU B 330 21.69 35.52 -0.92
N VAL B 331 21.47 36.38 0.06
CA VAL B 331 20.57 37.52 -0.06
C VAL B 331 21.35 38.82 0.01
N GLY B 332 21.09 39.72 -0.93
CA GLY B 332 21.75 41.01 -0.94
C GLY B 332 20.79 42.12 -1.30
N GLY B 333 20.94 43.28 -0.66
CA GLY B 333 20.14 44.44 -0.99
C GLY B 333 19.85 45.34 0.19
N GLN B 334 19.05 46.39 -0.05
CA GLN B 334 18.71 47.34 1.00
C GLN B 334 17.63 46.79 1.93
N LYS B 335 17.69 47.24 3.18
CA LYS B 335 16.78 46.76 4.21
C LYS B 335 16.18 47.93 4.98
N GLU B 336 14.86 47.92 5.15
CA GLU B 336 14.15 49.01 5.79
C GLU B 336 14.66 49.24 7.20
N GLY B 337 14.58 50.48 7.67
CA GLY B 337 14.88 50.81 9.05
C GLY B 337 13.75 51.63 9.61
N ALA B 338 13.87 52.95 9.46
CA ALA B 338 12.80 53.90 9.76
C ALA B 338 13.19 55.22 9.12
N ARG B 339 12.33 56.23 9.22
CA ARG B 339 12.67 57.54 8.68
C ARG B 339 13.99 58.05 9.23
N GLY B 340 14.99 58.18 8.36
CA GLY B 340 16.27 58.70 8.77
C GLY B 340 17.41 57.72 8.61
N PHE B 341 17.11 56.42 8.64
CA PHE B 341 18.16 55.41 8.52
C PHE B 341 17.69 54.13 7.83
N MET B 342 18.62 53.46 7.13
CA MET B 342 18.37 52.17 6.52
C MET B 342 19.58 51.27 6.67
N PHE B 343 19.50 50.06 6.10
CA PHE B 343 20.65 49.18 6.08
C PHE B 343 20.88 48.61 4.69
N PHE B 344 22.09 48.16 4.44
CA PHE B 344 22.38 47.33 3.28
C PHE B 344 22.94 46.00 3.78
N ILE B 345 22.43 44.90 3.25
CA ILE B 345 22.78 43.59 3.80
C ILE B 345 23.19 42.56 2.75
N ILE B 346 24.08 41.66 3.19
CA ILE B 346 24.45 40.50 2.40
C ILE B 346 24.45 39.29 3.33
N ASN B 347 23.48 38.40 3.14
CA ASN B 347 23.33 37.26 4.03
C ASN B 347 23.51 35.93 3.31
N VAL B 348 24.29 35.04 3.91
CA VAL B 348 24.50 33.71 3.34
C VAL B 348 24.29 32.64 4.39
N ASP B 349 23.91 31.45 3.95
CA ASP B 349 23.98 30.28 4.81
C ASP B 349 25.37 29.68 4.66
N LEU B 350 25.84 29.01 5.69
CA LEU B 350 27.19 28.47 5.68
C LEU B 350 27.19 26.95 5.61
N THR B 351 28.03 26.40 4.74
CA THR B 351 28.39 24.99 4.81
C THR B 351 29.33 24.83 6.00
N GLU B 352 29.58 23.59 6.39
CA GLU B 352 30.54 23.33 7.46
C GLU B 352 31.89 23.94 7.11
N GLU B 353 32.23 23.92 5.83
CA GLU B 353 33.48 24.52 5.36
C GLU B 353 33.42 26.04 5.47
N GLY B 354 32.32 26.62 4.99
CA GLY B 354 32.13 28.06 5.03
C GLY B 354 32.24 28.62 6.43
N LEU B 355 31.78 27.86 7.41
CA LEU B 355 31.84 28.29 8.80
C LEU B 355 33.27 28.55 9.25
N LEU B 356 34.22 27.90 8.59
CA LEU B 356 35.64 28.06 8.88
C LEU B 356 36.29 29.18 8.07
N HIS B 357 35.66 29.55 6.96
CA HIS B 357 36.25 30.55 6.07
C HIS B 357 35.42 31.84 5.96
N VAL B 358 34.86 32.28 7.08
CA VAL B 358 34.03 33.48 7.07
C VAL B 358 34.84 34.69 6.63
N GLU B 359 36.06 34.80 7.13
CA GLU B 359 36.92 35.91 6.75
C GLU B 359 37.13 35.93 5.24
N ASP B 360 37.28 34.74 4.66
CA ASP B 360 37.50 34.59 3.22
C ASP B 360 36.24 34.90 2.43
N ILE B 361 35.10 34.45 2.93
CA ILE B 361 33.81 34.77 2.33
C ILE B 361 33.63 36.27 2.22
N ILE B 362 33.85 36.97 3.32
CA ILE B 362 33.69 38.42 3.36
C ILE B 362 34.67 39.10 2.41
N LEU B 363 35.88 38.55 2.30
CA LEU B 363 36.86 39.09 1.36
C LEU B 363 36.30 39.05 -0.05
N HIS B 364 35.67 37.92 -0.39
CA HIS B 364 35.04 37.76 -1.69
C HIS B 364 33.94 38.79 -1.88
N MET B 365 33.19 39.06 -0.83
CA MET B 365 32.14 40.07 -0.89
C MET B 365 32.72 41.43 -1.25
N PHE B 366 33.86 41.77 -0.65
CA PHE B 366 34.48 43.07 -0.91
C PHE B 366 35.20 43.11 -2.26
N GLN B 367 35.61 41.95 -2.76
CA GLN B 367 36.19 41.89 -4.10
C GLN B 367 35.11 42.16 -5.15
N TYR B 368 33.95 41.56 -4.97
CA TYR B 368 32.86 41.77 -5.92
C TYR B 368 32.39 43.21 -5.87
N ILE B 369 32.30 43.76 -4.65
CA ILE B 369 31.91 45.16 -4.47
C ILE B 369 32.92 46.06 -5.17
N GLN B 370 34.20 45.69 -5.04
CA GLN B 370 35.27 46.41 -5.72
C GLN B 370 35.09 46.39 -7.24
N LYS B 371 34.70 45.23 -7.78
CA LYS B 371 34.45 45.11 -9.20
C LYS B 371 33.36 46.06 -9.67
N LEU B 372 32.40 46.34 -8.80
CA LEU B 372 31.32 47.25 -9.14
C LEU B 372 31.79 48.70 -9.16
N ARG B 373 32.70 49.04 -8.25
CA ARG B 373 33.29 50.36 -8.27
C ARG B 373 34.08 50.58 -9.56
N ALA B 374 34.80 49.54 -9.98
CA ALA B 374 35.63 49.63 -11.19
C ALA B 374 34.79 49.83 -12.46
N GLU B 375 33.67 49.12 -12.57
CA GLU B 375 32.82 49.24 -13.76
C GLU B 375 32.00 50.52 -13.78
N GLY B 376 31.55 50.98 -12.61
CA GLY B 376 30.67 52.12 -12.54
C GLY B 376 29.26 51.75 -12.95
N PRO B 377 28.29 52.63 -12.65
CA PRO B 377 26.88 52.37 -12.98
C PRO B 377 26.67 52.05 -14.46
N GLN B 378 25.88 51.02 -14.73
CA GLN B 378 25.62 50.58 -16.09
C GLN B 378 24.19 50.92 -16.49
N GLU B 379 24.02 51.82 -17.46
CA GLU B 379 22.66 52.24 -17.83
C GLU B 379 21.84 51.10 -18.40
N TRP B 380 22.49 50.17 -19.08
CA TRP B 380 21.79 49.05 -19.70
C TRP B 380 21.23 48.12 -18.62
N VAL B 381 21.89 48.07 -17.47
CA VAL B 381 21.40 47.29 -16.33
C VAL B 381 20.15 47.97 -15.78
N PHE B 382 20.24 49.28 -15.56
CA PHE B 382 19.07 50.07 -15.14
C PHE B 382 17.93 49.96 -16.13
N GLN B 383 18.25 50.11 -17.41
CA GLN B 383 17.24 50.08 -18.46
C GLN B 383 16.57 48.70 -18.49
N GLU B 384 17.33 47.68 -18.12
CA GLU B 384 16.82 46.32 -18.05
C GLU B 384 15.87 46.18 -16.85
N LEU B 385 16.27 46.73 -15.71
CA LEU B 385 15.42 46.73 -14.52
C LEU B 385 14.13 47.52 -14.77
N LYS B 386 14.27 48.66 -15.44
CA LYS B 386 13.13 49.49 -15.78
C LYS B 386 12.14 48.74 -16.65
N ASP B 387 12.65 48.08 -17.69
CA ASP B 387 11.80 47.41 -18.66
C ASP B 387 11.05 46.28 -17.98
N LEU B 388 11.76 45.52 -17.15
CA LEU B 388 11.17 44.43 -16.39
C LEU B 388 10.05 44.92 -15.46
N ASN B 389 10.32 45.98 -14.70
CA ASN B 389 9.32 46.49 -13.77
C ASN B 389 8.12 47.12 -14.47
N ALA B 390 8.36 47.74 -15.61
CA ALA B 390 7.30 48.32 -16.43
C ALA B 390 6.33 47.23 -16.90
N VAL B 391 6.89 46.15 -17.43
CA VAL B 391 6.10 44.99 -17.83
C VAL B 391 5.38 44.36 -16.64
N ALA B 392 6.08 44.20 -15.53
CA ALA B 392 5.50 43.61 -14.33
C ALA B 392 4.26 44.39 -13.85
N PHE B 393 4.34 45.71 -13.91
CA PHE B 393 3.22 46.53 -13.48
C PHE B 393 2.06 46.49 -14.47
N ARG B 394 2.39 46.49 -15.76
CA ARG B 394 1.38 46.48 -16.80
C ARG B 394 0.48 45.25 -16.69
N PHE B 395 1.10 44.10 -16.49
CA PHE B 395 0.39 42.83 -16.45
C PHE B 395 0.28 42.30 -15.04
N LYS B 396 0.29 43.20 -14.07
CA LYS B 396 0.12 42.85 -12.67
C LYS B 396 -1.19 42.10 -12.50
N ASP B 397 -1.16 40.96 -11.81
CA ASP B 397 -2.39 40.24 -11.54
C ASP B 397 -3.31 41.12 -10.72
N LYS B 398 -4.61 40.95 -10.87
CA LYS B 398 -5.56 41.69 -10.06
C LYS B 398 -5.54 41.16 -8.64
N GLU B 399 -5.42 42.08 -7.68
CA GLU B 399 -5.25 41.71 -6.28
C GLU B 399 -6.59 41.46 -5.61
N ARG B 400 -6.58 40.65 -4.54
CA ARG B 400 -7.74 40.50 -3.69
C ARG B 400 -7.91 41.79 -2.90
N PRO B 401 -9.13 42.35 -2.89
CA PRO B 401 -9.46 43.65 -2.32
C PRO B 401 -8.82 43.90 -0.95
N ARG B 402 -8.96 42.95 -0.04
CA ARG B 402 -8.52 43.13 1.34
C ARG B 402 -7.03 43.47 1.47
N GLY B 403 -6.18 42.77 0.73
CA GLY B 403 -4.75 43.00 0.79
C GLY B 403 -4.34 44.23 0.02
N TYR B 404 -5.13 44.54 -0.99
CA TYR B 404 -4.90 45.68 -1.86
C TYR B 404 -5.06 46.98 -1.09
N THR B 405 -6.24 47.16 -0.51
CA THR B 405 -6.56 48.34 0.28
C THR B 405 -5.54 48.51 1.41
N SER B 406 -5.17 47.40 2.04
CA SER B 406 -4.18 47.44 3.11
C SER B 406 -2.82 47.90 2.60
N LYS B 407 -2.41 47.35 1.46
CA LYS B 407 -1.11 47.69 0.88
C LYS B 407 -1.04 49.17 0.53
N ILE B 408 -2.08 49.67 -0.11
CA ILE B 408 -2.12 51.04 -0.59
C ILE B 408 -2.21 52.04 0.56
N ALA B 409 -3.03 51.72 1.56
CA ALA B 409 -3.20 52.60 2.70
C ALA B 409 -1.84 52.85 3.35
N GLY B 410 -0.99 51.84 3.30
CA GLY B 410 0.34 51.94 3.87
C GLY B 410 1.27 52.89 3.12
N ILE B 411 1.19 52.88 1.79
CA ILE B 411 2.11 53.69 0.99
C ILE B 411 1.53 55.05 0.57
N LEU B 412 0.27 55.30 0.91
CA LEU B 412 -0.33 56.61 0.65
C LEU B 412 0.41 57.71 1.41
N HIS B 413 1.04 57.34 2.51
CA HIS B 413 1.79 58.29 3.33
C HIS B 413 3.04 58.82 2.63
N TYR B 414 3.58 58.02 1.73
CA TYR B 414 4.91 58.29 1.17
C TYR B 414 4.85 58.90 -0.22
N TYR B 415 3.70 58.80 -0.89
CA TYR B 415 3.64 59.21 -2.29
C TYR B 415 2.41 60.05 -2.60
N PRO B 416 2.54 60.89 -3.65
CA PRO B 416 1.44 61.70 -4.19
C PRO B 416 0.25 60.83 -4.59
N LEU B 417 -0.97 61.32 -4.41
CA LEU B 417 -2.17 60.57 -4.75
C LEU B 417 -2.05 59.96 -6.14
N GLU B 418 -1.60 60.77 -7.09
CA GLU B 418 -1.56 60.39 -8.49
C GLU B 418 -0.56 59.25 -8.78
N GLU B 419 0.37 59.01 -7.86
CA GLU B 419 1.42 58.03 -8.09
C GLU B 419 1.39 56.77 -7.21
N VAL B 420 0.43 56.68 -6.28
CA VAL B 420 0.44 55.54 -5.33
C VAL B 420 0.48 54.19 -6.01
N LEU B 421 -0.32 54.04 -7.06
CA LEU B 421 -0.42 52.77 -7.75
C LEU B 421 0.90 52.37 -8.41
N THR B 422 1.60 53.35 -9.00
CA THR B 422 2.80 53.08 -9.78
C THR B 422 4.11 53.23 -9.00
N ALA B 423 4.07 54.01 -7.93
CA ALA B 423 5.28 54.44 -7.23
C ALA B 423 6.30 53.33 -6.93
N GLU B 424 5.82 52.19 -6.43
CA GLU B 424 6.75 51.15 -6.01
C GLU B 424 7.05 50.13 -7.11
N TYR B 425 6.63 50.43 -8.33
CA TYR B 425 6.89 49.54 -9.46
C TYR B 425 7.83 50.13 -10.50
N LEU B 426 7.68 51.42 -10.81
CA LEU B 426 8.34 52.05 -11.95
C LEU B 426 9.65 52.75 -11.64
N LEU B 427 10.71 52.46 -12.39
CA LEU B 427 11.90 53.29 -12.30
C LEU B 427 11.74 54.42 -13.32
N GLU B 428 11.82 55.65 -12.84
CA GLU B 428 11.67 56.81 -13.72
C GLU B 428 12.98 57.56 -13.97
N GLU B 429 13.96 57.38 -13.08
CA GLU B 429 15.15 58.20 -13.10
C GLU B 429 16.43 57.37 -13.08
N PHE B 430 17.29 57.56 -14.09
CA PHE B 430 18.62 56.97 -14.00
C PHE B 430 19.52 57.95 -13.24
N ARG B 431 20.04 57.54 -12.09
CA ARG B 431 20.82 58.48 -11.30
C ARG B 431 22.10 57.85 -10.77
N PRO B 432 23.11 57.77 -11.65
CA PRO B 432 24.44 57.19 -11.39
C PRO B 432 25.12 57.81 -10.18
N ASP B 433 24.77 59.07 -9.89
CA ASP B 433 25.31 59.76 -8.72
C ASP B 433 24.91 59.08 -7.43
N LEU B 434 23.62 58.73 -7.31
CA LEU B 434 23.11 58.08 -6.11
C LEU B 434 23.65 56.67 -5.94
N ILE B 435 23.72 55.94 -7.05
CA ILE B 435 24.24 54.58 -7.05
C ILE B 435 25.66 54.57 -6.50
N GLU B 436 26.46 55.53 -6.96
CA GLU B 436 27.84 55.65 -6.50
C GLU B 436 27.85 56.08 -5.04
N MET B 437 26.86 56.87 -4.67
CA MET B 437 26.71 57.36 -3.31
C MET B 437 26.53 56.20 -2.33
N VAL B 438 25.63 55.28 -2.66
CA VAL B 438 25.35 54.14 -1.80
C VAL B 438 26.51 53.14 -1.78
N LEU B 439 27.13 52.94 -2.94
CA LEU B 439 28.24 51.99 -3.08
C LEU B 439 29.45 52.42 -2.24
N ASP B 440 29.52 53.72 -1.97
CA ASP B 440 30.62 54.28 -1.18
C ASP B 440 30.48 53.98 0.31
N LYS B 441 29.27 53.59 0.72
CA LYS B 441 29.03 53.21 2.11
C LYS B 441 29.40 51.74 2.36
N LEU B 442 29.54 50.97 1.28
CA LEU B 442 29.78 49.53 1.39
C LEU B 442 31.26 49.23 1.57
N ARG B 443 31.82 49.67 2.69
CA ARG B 443 33.24 49.52 2.95
C ARG B 443 33.48 48.84 4.29
N PRO B 444 34.65 48.22 4.45
CA PRO B 444 35.01 47.46 5.66
C PRO B 444 34.89 48.25 6.97
N GLU B 445 35.08 49.56 6.91
CA GLU B 445 35.07 50.38 8.13
C GLU B 445 33.65 50.65 8.66
N ASN B 446 32.64 50.35 7.85
CA ASN B 446 31.25 50.49 8.27
C ASN B 446 30.55 49.15 8.34
N VAL B 447 31.32 48.09 8.52
CA VAL B 447 30.74 46.76 8.44
C VAL B 447 30.40 46.21 9.82
N ARG B 448 29.32 45.44 9.87
CA ARG B 448 28.97 44.67 11.04
C ARG B 448 28.78 43.22 10.62
N VAL B 449 29.37 42.31 11.37
CA VAL B 449 29.30 40.89 11.03
C VAL B 449 28.69 40.09 12.16
N ALA B 450 27.73 39.24 11.83
CA ALA B 450 27.16 38.32 12.81
C ALA B 450 27.20 36.89 12.27
N ILE B 451 27.67 35.98 13.12
CA ILE B 451 27.73 34.56 12.77
C ILE B 451 26.82 33.75 13.67
N VAL B 452 25.94 32.97 13.07
CA VAL B 452 25.01 32.14 13.82
C VAL B 452 25.39 30.67 13.69
N SER B 453 25.76 30.05 14.81
CA SER B 453 26.16 28.65 14.78
C SER B 453 26.07 28.02 16.16
N LYS B 454 25.77 26.72 16.19
CA LYS B 454 25.70 25.96 17.43
C LYS B 454 27.10 25.75 18.00
N SER B 455 28.11 25.98 17.17
CA SER B 455 29.50 25.80 17.59
C SER B 455 29.94 26.81 18.64
N PHE B 456 29.09 27.81 18.88
CA PHE B 456 29.42 28.87 19.84
C PHE B 456 28.83 28.60 21.21
N GLU B 457 28.08 27.52 21.33
CA GLU B 457 27.47 27.17 22.60
C GLU B 457 28.54 26.99 23.67
N GLY B 458 28.34 27.60 24.83
CA GLY B 458 29.30 27.55 25.91
C GLY B 458 30.42 28.55 25.74
N LYS B 459 30.44 29.23 24.60
CA LYS B 459 31.49 30.22 24.33
C LYS B 459 30.97 31.67 24.35
N THR B 460 29.72 31.86 24.76
CA THR B 460 29.13 33.20 24.78
C THR B 460 29.18 33.80 26.18
N ASP B 461 29.05 35.12 26.26
CA ASP B 461 29.17 35.83 27.54
C ASP B 461 28.06 36.85 27.76
N ARG B 462 27.22 37.06 26.74
CA ARG B 462 26.12 38.01 26.84
C ARG B 462 24.77 37.35 26.64
N THR B 463 23.73 38.03 27.10
CA THR B 463 22.36 37.53 26.99
C THR B 463 21.38 38.65 26.67
N GLU B 464 20.70 38.53 25.54
CA GLU B 464 19.73 39.54 25.14
C GLU B 464 18.52 39.51 26.08
N GLU B 465 18.07 40.69 26.50
CA GLU B 465 17.11 40.81 27.59
C GLU B 465 15.74 40.16 27.36
N TRP B 466 15.22 40.27 26.14
CA TRP B 466 13.84 39.91 25.87
C TRP B 466 13.62 38.47 25.38
N TYR B 467 14.58 37.93 24.63
CA TYR B 467 14.42 36.58 24.09
C TYR B 467 15.37 35.60 24.78
N GLY B 468 16.41 36.15 25.41
CA GLY B 468 17.39 35.32 26.09
C GLY B 468 18.47 34.82 25.14
N THR B 469 18.61 35.46 23.99
CA THR B 469 19.56 35.04 22.96
C THR B 469 21.00 35.02 23.48
N GLN B 470 21.63 33.86 23.37
CA GLN B 470 23.04 33.73 23.77
C GLN B 470 23.99 34.21 22.69
N TYR B 471 24.75 35.25 22.99
CA TYR B 471 25.68 35.78 22.01
C TYR B 471 26.95 36.30 22.66
N LYS B 472 27.87 36.76 21.82
CA LYS B 472 29.17 37.24 22.26
C LYS B 472 29.63 38.35 21.34
N GLN B 473 30.17 39.42 21.91
CA GLN B 473 30.58 40.54 21.09
C GLN B 473 32.10 40.70 21.04
N GLU B 474 32.63 40.83 19.83
CA GLU B 474 34.06 41.02 19.61
C GLU B 474 34.29 42.12 18.60
N ALA B 475 35.45 42.78 18.69
CA ALA B 475 35.84 43.75 17.68
C ALA B 475 36.62 43.06 16.57
N ILE B 476 36.33 43.44 15.33
CA ILE B 476 37.05 42.90 14.19
C ILE B 476 38.43 43.55 14.16
N PRO B 477 39.49 42.73 14.27
CA PRO B 477 40.87 43.21 14.33
C PRO B 477 41.23 44.08 13.13
N ASP B 478 42.07 45.08 13.34
CA ASP B 478 42.45 46.01 12.28
C ASP B 478 43.19 45.28 11.15
N GLU B 479 43.82 44.17 11.50
CA GLU B 479 44.49 43.31 10.52
C GLU B 479 43.51 42.79 9.49
N VAL B 480 42.33 42.40 9.96
CA VAL B 480 41.30 41.85 9.08
C VAL B 480 40.64 42.94 8.25
N ILE B 481 40.36 44.07 8.89
CA ILE B 481 39.77 45.21 8.21
C ILE B 481 40.68 45.69 7.08
N LYS B 482 41.97 45.78 7.37
CA LYS B 482 42.94 46.24 6.38
C LYS B 482 43.00 45.29 5.18
N LYS B 483 42.92 43.98 5.45
CA LYS B 483 42.88 42.99 4.38
C LYS B 483 41.67 43.22 3.47
N TRP B 484 40.53 43.53 4.06
CA TRP B 484 39.29 43.70 3.29
C TRP B 484 39.34 44.95 2.44
N GLN B 485 39.99 46.00 2.96
CA GLN B 485 40.12 47.26 2.23
C GLN B 485 41.04 47.13 1.03
N ASN B 486 42.02 46.24 1.11
CA ASN B 486 42.91 45.95 -0.01
C ASN B 486 42.39 44.74 -0.78
N ALA B 487 41.35 44.93 -1.57
CA ALA B 487 40.67 43.82 -2.20
C ALA B 487 40.96 43.80 -3.68
N ASP B 488 41.92 42.97 -4.08
CA ASP B 488 42.27 42.83 -5.48
C ASP B 488 41.05 42.36 -6.25
N LEU B 489 40.91 42.79 -7.50
CA LEU B 489 39.80 42.34 -8.33
C LEU B 489 39.93 40.85 -8.60
N ASN B 490 38.98 40.08 -8.07
CA ASN B 490 38.93 38.65 -8.35
C ASN B 490 38.43 38.42 -9.77
N GLY B 491 39.18 37.65 -10.56
CA GLY B 491 38.85 37.40 -11.94
C GLY B 491 37.62 36.55 -12.16
N LYS B 492 37.17 35.86 -11.12
CA LYS B 492 35.97 35.02 -11.19
C LYS B 492 34.68 35.85 -11.19
N PHE B 493 34.76 37.11 -10.80
CA PHE B 493 33.55 37.93 -10.69
C PHE B 493 33.35 38.80 -11.92
N LYS B 494 32.25 38.54 -12.62
CA LYS B 494 31.88 39.33 -13.78
C LYS B 494 30.42 39.76 -13.69
N LEU B 495 30.13 40.94 -14.21
CA LEU B 495 28.76 41.45 -14.23
C LEU B 495 27.86 40.54 -15.06
N PRO B 496 26.57 40.49 -14.71
CA PRO B 496 25.63 39.63 -15.43
C PRO B 496 25.57 39.98 -16.91
N THR B 497 25.25 39.00 -17.73
CA THR B 497 25.09 39.21 -19.16
C THR B 497 23.67 39.66 -19.44
N LYS B 498 23.40 40.12 -20.66
CA LYS B 498 22.06 40.51 -21.03
C LYS B 498 21.07 39.38 -20.79
N ASN B 499 19.97 39.67 -20.10
CA ASN B 499 18.98 38.67 -19.78
C ASN B 499 18.17 38.27 -21.01
N GLU B 500 18.47 37.09 -21.57
CA GLU B 500 17.79 36.64 -22.78
C GLU B 500 16.42 36.02 -22.49
N PHE B 501 16.03 36.02 -21.21
CA PHE B 501 14.74 35.47 -20.82
C PHE B 501 13.66 36.54 -20.75
N ILE B 502 14.05 37.79 -21.01
CA ILE B 502 13.10 38.88 -21.01
C ILE B 502 12.04 38.65 -22.08
N PRO B 503 10.77 38.52 -21.66
CA PRO B 503 9.69 38.23 -22.60
C PRO B 503 9.49 39.39 -23.56
N THR B 504 9.23 39.09 -24.83
CA THR B 504 9.02 40.13 -25.85
C THR B 504 7.65 40.01 -26.50
N ASN B 505 7.11 38.79 -26.55
CA ASN B 505 5.81 38.54 -27.15
C ASN B 505 4.69 38.53 -26.12
N PHE B 506 3.91 39.60 -26.06
CA PHE B 506 2.83 39.73 -25.09
C PHE B 506 1.44 39.61 -25.73
N GLU B 507 1.39 39.08 -26.94
CA GLU B 507 0.13 38.92 -27.65
C GLU B 507 -0.81 37.97 -26.93
N ILE B 508 -2.06 38.39 -26.77
CA ILE B 508 -3.10 37.51 -26.23
C ILE B 508 -3.76 36.76 -27.37
N LEU B 509 -3.44 35.46 -27.48
CA LEU B 509 -4.01 34.62 -28.53
C LEU B 509 -5.53 34.65 -28.52
N PRO B 510 -6.14 34.64 -29.71
CA PRO B 510 -7.60 34.73 -29.80
C PRO B 510 -8.26 33.46 -29.27
N LEU B 511 -9.32 33.64 -28.51
CA LEU B 511 -10.05 32.53 -27.92
C LEU B 511 -10.58 31.59 -29.01
N GLU B 512 -10.23 30.31 -28.88
CA GLU B 512 -10.63 29.30 -29.86
C GLU B 512 -12.15 29.17 -29.91
N LYS B 513 -12.67 28.58 -30.98
CA LYS B 513 -14.10 28.45 -31.17
C LYS B 513 -14.70 27.47 -30.15
N GLU B 514 -14.03 26.34 -29.98
CA GLU B 514 -14.52 25.27 -29.12
C GLU B 514 -14.01 25.43 -27.68
N ALA B 515 -13.69 26.67 -27.31
CA ALA B 515 -13.19 26.97 -25.96
C ALA B 515 -14.22 26.66 -24.87
N THR B 516 -13.77 26.00 -23.82
CA THR B 516 -14.64 25.59 -22.71
C THR B 516 -14.52 26.52 -21.49
N PRO B 517 -15.56 26.53 -20.64
CA PRO B 517 -15.57 27.34 -19.41
C PRO B 517 -14.77 26.70 -18.28
N TYR B 518 -14.62 25.37 -18.33
CA TYR B 518 -13.77 24.67 -17.38
C TYR B 518 -12.69 23.90 -18.13
N PRO B 519 -11.69 23.37 -17.40
CA PRO B 519 -10.63 22.60 -18.03
C PRO B 519 -11.21 21.38 -18.76
N ALA B 520 -10.71 21.11 -19.95
CA ALA B 520 -11.16 19.97 -20.73
C ALA B 520 -10.08 18.89 -20.80
N LEU B 521 -10.48 17.63 -20.68
CA LEU B 521 -9.53 16.53 -20.84
C LEU B 521 -9.23 16.35 -22.33
N ILE B 522 -8.03 16.74 -22.75
CA ILE B 522 -7.73 16.81 -24.18
C ILE B 522 -6.66 15.81 -24.62
N LYS B 523 -6.31 14.91 -23.71
CA LYS B 523 -5.39 13.82 -24.00
C LYS B 523 -5.48 12.84 -22.86
N ASP B 524 -5.71 11.57 -23.18
CA ASP B 524 -5.92 10.57 -22.14
C ASP B 524 -5.27 9.26 -22.55
N THR B 525 -3.95 9.27 -22.59
CA THR B 525 -3.16 8.08 -22.87
C THR B 525 -2.76 7.41 -21.56
N ALA B 526 -2.02 6.31 -21.65
CA ALA B 526 -1.59 5.60 -20.45
C ALA B 526 -0.40 6.31 -19.81
N MET B 527 0.36 7.00 -20.65
CA MET B 527 1.54 7.73 -20.20
C MET B 527 1.15 9.01 -19.46
N SER B 528 0.14 9.71 -19.98
CA SER B 528 -0.18 11.04 -19.48
C SER B 528 -1.63 11.46 -19.70
N LYS B 529 -2.14 12.28 -18.80
CA LYS B 529 -3.50 12.79 -18.87
C LYS B 529 -3.46 14.31 -18.78
N LEU B 530 -3.91 14.99 -19.84
CA LEU B 530 -3.72 16.44 -19.95
C LEU B 530 -5.02 17.25 -19.85
N TRP B 531 -5.11 18.06 -18.79
CA TRP B 531 -6.22 18.99 -18.61
C TRP B 531 -5.87 20.37 -19.14
N PHE B 532 -6.76 20.97 -19.91
CA PHE B 532 -6.45 22.23 -20.57
C PHE B 532 -7.60 23.24 -20.54
N LYS B 533 -7.25 24.51 -20.40
CA LYS B 533 -8.20 25.59 -20.61
C LYS B 533 -7.48 26.84 -21.07
N GLN B 534 -7.93 27.39 -22.20
CA GLN B 534 -7.41 28.68 -22.64
C GLN B 534 -8.08 29.75 -21.81
N ASP B 535 -7.28 30.64 -21.22
CA ASP B 535 -7.78 31.69 -20.33
C ASP B 535 -8.84 32.58 -21.01
N ASP B 536 -9.96 32.74 -20.34
CA ASP B 536 -11.08 33.53 -20.87
C ASP B 536 -11.56 34.61 -19.88
N LYS B 537 -10.74 34.94 -18.90
CA LYS B 537 -11.16 35.88 -17.87
C LYS B 537 -10.19 37.05 -17.62
N PHE B 538 -8.89 36.82 -17.75
CA PHE B 538 -7.90 37.77 -17.27
C PHE B 538 -7.14 38.48 -18.40
N PHE B 539 -6.80 37.71 -19.43
CA PHE B 539 -6.20 38.27 -20.64
C PHE B 539 -4.88 38.95 -20.39
N LEU B 540 -4.04 38.29 -19.60
CA LEU B 540 -2.65 38.69 -19.47
C LEU B 540 -1.80 37.67 -20.21
N PRO B 541 -0.58 38.08 -20.62
CA PRO B 541 0.35 37.20 -21.32
C PRO B 541 1.06 36.24 -20.35
N LYS B 542 0.27 35.49 -19.59
CA LYS B 542 0.82 34.56 -18.61
C LYS B 542 0.17 33.18 -18.75
N ALA B 543 0.82 32.17 -18.19
CA ALA B 543 0.28 30.82 -18.22
C ALA B 543 0.81 29.98 -17.07
N ASN B 544 -0.05 29.09 -16.58
CA ASN B 544 0.34 28.15 -15.53
C ASN B 544 0.44 26.74 -16.06
N LEU B 545 1.61 26.14 -15.92
CA LEU B 545 1.84 24.77 -16.36
C LEU B 545 2.05 23.86 -15.15
N ASN B 546 1.06 23.03 -14.86
CA ASN B 546 1.13 22.16 -13.68
C ASN B 546 1.25 20.67 -14.02
N PHE B 547 2.26 20.01 -13.45
CA PHE B 547 2.51 18.59 -13.70
C PHE B 547 2.60 17.76 -12.43
N GLU B 548 1.81 16.70 -12.36
CA GLU B 548 1.97 15.69 -11.32
C GLU B 548 2.57 14.42 -11.93
N PHE B 549 3.77 14.07 -11.48
CA PHE B 549 4.42 12.82 -11.88
C PHE B 549 4.18 11.71 -10.86
N PHE B 550 3.44 10.67 -11.24
CA PHE B 550 3.20 9.55 -10.33
C PHE B 550 4.27 8.48 -10.52
N SER B 551 4.85 8.01 -9.43
CA SER B 551 5.83 6.94 -9.46
C SER B 551 5.79 6.15 -8.16
N PRO B 552 5.83 4.81 -8.28
CA PRO B 552 5.72 3.89 -7.13
C PRO B 552 6.93 3.97 -6.21
N PHE B 553 8.09 4.32 -6.76
CA PHE B 553 9.34 4.33 -6.01
C PHE B 553 9.56 5.65 -5.26
N ALA B 554 8.60 6.55 -5.33
CA ALA B 554 8.77 7.85 -4.73
C ALA B 554 8.57 7.78 -3.23
N TYR B 555 7.59 6.99 -2.81
CA TYR B 555 7.22 6.94 -1.40
C TYR B 555 7.15 5.50 -0.90
N VAL B 556 7.78 4.57 -1.63
CA VAL B 556 7.72 3.15 -1.29
C VAL B 556 8.23 2.86 0.13
N ASP B 557 9.29 3.54 0.55
CA ASP B 557 9.74 3.49 1.94
C ASP B 557 10.56 4.75 2.26
N PRO B 558 10.83 5.01 3.55
CA PRO B 558 11.56 6.21 3.97
C PRO B 558 12.84 6.46 3.18
N LEU B 559 13.65 5.43 2.98
CA LEU B 559 14.91 5.56 2.25
C LEU B 559 14.72 6.15 0.86
N HIS B 560 13.65 5.73 0.20
CA HIS B 560 13.38 6.18 -1.16
C HIS B 560 12.80 7.58 -1.17
N SER B 561 11.95 7.87 -0.19
CA SER B 561 11.42 9.22 -0.02
C SER B 561 12.56 10.23 0.14
N ASN B 562 13.57 9.87 0.94
CA ASN B 562 14.76 10.70 1.08
C ASN B 562 15.48 10.90 -0.23
N MET B 563 15.55 9.85 -1.04
CA MET B 563 16.31 9.92 -2.28
C MET B 563 15.53 10.74 -3.30
N ALA B 564 14.22 10.57 -3.30
CA ALA B 564 13.35 11.40 -4.13
C ALA B 564 13.55 12.87 -3.79
N TYR B 565 13.65 13.18 -2.51
CA TYR B 565 13.84 14.55 -2.06
C TYR B 565 15.20 15.10 -2.46
N LEU B 566 16.27 14.34 -2.18
CA LEU B 566 17.63 14.75 -2.52
C LEU B 566 17.84 14.93 -4.04
N TYR B 567 17.20 14.07 -4.82
CA TYR B 567 17.29 14.14 -6.28
C TYR B 567 16.81 15.50 -6.77
N LEU B 568 15.62 15.91 -6.35
CA LEU B 568 15.07 17.19 -6.79
C LEU B 568 15.85 18.38 -6.22
N GLU B 569 16.29 18.28 -4.97
CA GLU B 569 17.11 19.34 -4.36
C GLU B 569 18.44 19.53 -5.10
N LEU B 570 19.02 18.42 -5.56
CA LEU B 570 20.25 18.47 -6.32
C LEU B 570 19.98 18.99 -7.73
N LEU B 571 18.77 18.73 -8.21
CA LEU B 571 18.34 19.19 -9.53
C LEU B 571 18.22 20.71 -9.56
N LYS B 572 17.56 21.28 -8.55
CA LYS B 572 17.41 22.72 -8.46
C LYS B 572 18.75 23.40 -8.26
N ASP B 573 19.60 22.82 -7.42
CA ASP B 573 20.94 23.35 -7.18
C ASP B 573 21.71 23.45 -8.50
N SER B 574 21.42 22.52 -9.40
CA SER B 574 22.06 22.49 -10.70
C SER B 574 21.49 23.56 -11.64
N LEU B 575 20.16 23.62 -11.71
CA LEU B 575 19.46 24.51 -12.61
C LEU B 575 19.54 26.00 -12.22
N ASN B 576 19.96 26.26 -10.98
CA ASN B 576 19.82 27.58 -10.38
C ASN B 576 20.43 28.75 -11.17
N GLU B 577 21.73 28.69 -11.45
CA GLU B 577 22.39 29.77 -12.20
C GLU B 577 21.67 30.07 -13.51
N TYR B 578 21.10 29.05 -14.12
CA TYR B 578 20.40 29.19 -15.37
C TYR B 578 18.97 29.69 -15.20
N ALA B 579 18.27 29.16 -14.21
CA ALA B 579 16.86 29.50 -14.02
C ALA B 579 16.68 30.90 -13.42
N TYR B 580 17.77 31.45 -12.86
CA TYR B 580 17.69 32.72 -12.17
C TYR B 580 17.26 33.86 -13.10
N ALA B 581 17.88 33.91 -14.27
CA ALA B 581 17.55 34.91 -15.28
C ALA B 581 16.07 34.85 -15.64
N ALA B 582 15.55 33.65 -15.80
CA ALA B 582 14.13 33.47 -16.10
C ALA B 582 13.26 33.97 -14.96
N GLU B 583 13.74 33.80 -13.72
CA GLU B 583 12.98 34.24 -12.56
C GLU B 583 12.90 35.77 -12.50
N LEU B 584 14.03 36.43 -12.76
CA LEU B 584 14.06 37.89 -12.84
C LEU B 584 13.15 38.41 -13.93
N ALA B 585 12.91 37.58 -14.95
CA ALA B 585 12.13 38.00 -16.10
C ALA B 585 10.69 37.52 -16.01
N GLY B 586 10.23 37.22 -14.80
CA GLY B 586 8.84 36.87 -14.58
C GLY B 586 8.49 35.43 -14.92
N LEU B 587 9.48 34.55 -14.85
CA LEU B 587 9.27 33.16 -15.22
C LEU B 587 9.83 32.26 -14.13
N SER B 588 8.97 31.69 -13.30
CA SER B 588 9.42 30.90 -12.16
C SER B 588 8.95 29.45 -12.24
N TYR B 589 9.70 28.55 -11.60
CA TYR B 589 9.28 27.16 -11.53
C TYR B 589 9.40 26.62 -10.11
N ASP B 590 8.53 25.67 -9.79
CA ASP B 590 8.57 25.00 -8.50
C ASP B 590 8.67 23.49 -8.71
N LEU B 591 9.61 22.85 -8.03
CA LEU B 591 9.86 21.43 -8.21
C LEU B 591 9.95 20.74 -6.84
N GLN B 592 8.89 20.07 -6.44
CA GLN B 592 8.84 19.39 -5.15
C GLN B 592 8.58 17.89 -5.32
N ASN B 593 9.12 17.10 -4.40
CA ASN B 593 8.73 15.70 -4.32
C ASN B 593 7.49 15.55 -3.44
N THR B 594 6.66 14.57 -3.75
CA THR B 594 5.40 14.36 -3.03
C THR B 594 5.30 12.89 -2.65
N ILE B 595 4.17 12.50 -2.07
CA ILE B 595 3.99 11.12 -1.64
C ILE B 595 3.57 10.23 -2.81
N TYR B 596 3.34 10.86 -3.96
CA TYR B 596 2.92 10.15 -5.16
C TYR B 596 4.02 10.19 -6.20
N GLY B 597 5.04 10.99 -5.93
CA GLY B 597 6.11 11.20 -6.88
C GLY B 597 6.63 12.61 -6.89
N MET B 598 6.60 13.25 -8.05
CA MET B 598 7.10 14.61 -8.19
C MET B 598 6.03 15.59 -8.61
N TYR B 599 6.20 16.84 -8.22
CA TYR B 599 5.32 17.91 -8.64
C TYR B 599 6.14 19.00 -9.32
N LEU B 600 5.72 19.41 -10.50
CA LEU B 600 6.42 20.44 -11.25
C LEU B 600 5.45 21.54 -11.63
N SER B 601 5.85 22.79 -11.40
CA SER B 601 5.01 23.92 -11.76
C SER B 601 5.85 25.05 -12.37
N VAL B 602 5.45 25.47 -13.57
CA VAL B 602 6.07 26.64 -14.20
C VAL B 602 5.01 27.74 -14.36
N LYS B 603 5.33 28.94 -13.88
CA LYS B 603 4.37 30.04 -13.91
C LYS B 603 5.02 31.34 -14.39
N GLY B 604 4.22 32.17 -15.05
CA GLY B 604 4.70 33.44 -15.54
C GLY B 604 4.31 33.70 -16.98
N TYR B 605 5.04 34.60 -17.63
CA TYR B 605 4.77 34.94 -19.02
C TYR B 605 4.94 33.70 -19.89
N ASN B 606 3.98 33.47 -20.78
CA ASN B 606 3.96 32.26 -21.60
C ASN B 606 5.07 32.25 -22.65
N ASP B 607 5.53 33.44 -23.04
CA ASP B 607 6.49 33.60 -24.14
C ASP B 607 7.62 32.58 -24.16
N LYS B 608 8.49 32.64 -23.16
CA LYS B 608 9.67 31.79 -23.15
C LYS B 608 9.62 30.63 -22.18
N GLN B 609 8.43 30.28 -21.68
CA GLN B 609 8.36 29.22 -20.67
C GLN B 609 8.68 27.84 -21.25
N PRO B 610 8.28 27.56 -22.52
CA PRO B 610 8.68 26.26 -23.10
C PRO B 610 10.20 26.03 -23.09
N ILE B 611 10.99 27.08 -23.27
CA ILE B 611 12.44 26.97 -23.21
C ILE B 611 12.88 26.43 -21.84
N LEU B 612 12.40 27.09 -20.79
CA LEU B 612 12.72 26.70 -19.43
C LEU B 612 12.26 25.28 -19.14
N LEU B 613 11.01 24.99 -19.52
CA LEU B 613 10.42 23.68 -19.26
C LEU B 613 11.24 22.56 -19.89
N LYS B 614 11.65 22.78 -21.15
CA LYS B 614 12.48 21.81 -21.86
C LYS B 614 13.80 21.61 -21.14
N LYS B 615 14.43 22.70 -20.75
CA LYS B 615 15.73 22.67 -20.08
C LYS B 615 15.63 21.94 -18.74
N ILE B 616 14.48 22.07 -18.07
CA ILE B 616 14.25 21.42 -16.78
C ILE B 616 14.11 19.91 -16.96
N ILE B 617 13.17 19.51 -17.82
CA ILE B 617 12.90 18.10 -18.07
C ILE B 617 14.11 17.32 -18.58
N GLU B 618 14.93 17.94 -19.44
CA GLU B 618 16.07 17.20 -19.96
C GLU B 618 17.22 17.13 -18.94
N LYS B 619 17.38 18.15 -18.10
CA LYS B 619 18.37 18.02 -17.02
C LYS B 619 17.88 16.96 -16.04
N MET B 620 16.55 16.90 -15.89
CA MET B 620 15.92 15.90 -15.05
C MET B 620 16.27 14.50 -15.53
N ALA B 621 16.09 14.27 -16.83
CA ALA B 621 16.19 12.95 -17.43
C ALA B 621 17.62 12.52 -17.78
N THR B 622 18.60 13.38 -17.53
CA THR B 622 19.99 13.05 -17.83
C THR B 622 20.90 13.50 -16.71
N PHE B 623 20.35 13.57 -15.50
CA PHE B 623 21.02 14.26 -14.40
C PHE B 623 22.28 13.54 -13.92
N GLU B 624 23.40 14.26 -13.96
CA GLU B 624 24.67 13.76 -13.43
C GLU B 624 25.03 14.45 -12.12
N ILE B 625 25.11 13.65 -11.05
CA ILE B 625 25.27 14.16 -9.70
C ILE B 625 26.72 14.52 -9.35
N ASP B 626 26.92 15.75 -8.89
CA ASP B 626 28.21 16.14 -8.33
C ASP B 626 28.33 15.66 -6.89
N GLU B 627 29.46 15.06 -6.55
CA GLU B 627 29.63 14.47 -5.23
C GLU B 627 29.72 15.55 -4.15
N LYS B 628 30.42 16.64 -4.45
CA LYS B 628 30.61 17.72 -3.48
C LYS B 628 29.25 18.34 -3.14
N ARG B 629 28.41 18.54 -4.15
CA ARG B 629 27.07 19.09 -3.92
C ARG B 629 26.20 18.09 -3.16
N PHE B 630 26.38 16.81 -3.47
CA PHE B 630 25.64 15.75 -2.82
C PHE B 630 25.87 15.73 -1.30
N GLU B 631 27.12 15.84 -0.90
CA GLU B 631 27.45 15.84 0.52
C GLU B 631 26.82 17.04 1.23
N ILE B 632 26.95 18.21 0.61
CA ILE B 632 26.43 19.44 1.18
C ILE B 632 24.92 19.43 1.33
N ILE B 633 24.21 19.15 0.24
CA ILE B 633 22.76 19.11 0.26
C ILE B 633 22.25 18.04 1.22
N LYS B 634 22.95 16.91 1.28
CA LYS B 634 22.55 15.82 2.15
C LYS B 634 22.67 16.20 3.63
N GLU B 635 23.75 16.86 3.99
CA GLU B 635 23.96 17.29 5.36
C GLU B 635 22.92 18.34 5.78
N ALA B 636 22.61 19.25 4.86
CA ALA B 636 21.57 20.24 5.10
C ALA B 636 20.24 19.57 5.35
N TYR B 637 19.94 18.54 4.56
CA TYR B 637 18.69 17.79 4.70
C TYR B 637 18.60 17.15 6.08
N MET B 638 19.75 16.66 6.56
CA MET B 638 19.83 16.04 7.87
C MET B 638 19.41 17.04 8.95
N ARG B 639 20.01 18.23 8.90
CA ARG B 639 19.68 19.29 9.84
C ARG B 639 18.23 19.74 9.70
N SER B 640 17.74 19.78 8.47
CA SER B 640 16.35 20.12 8.19
C SER B 640 15.38 19.20 8.95
N LEU B 641 15.63 17.90 8.89
CA LEU B 641 14.80 16.93 9.60
C LEU B 641 14.87 17.11 11.10
N ASN B 642 16.07 17.32 11.62
CA ASN B 642 16.25 17.53 13.05
C ASN B 642 15.61 18.83 13.54
N ASN B 643 15.76 19.89 12.74
CA ASN B 643 15.25 21.19 13.12
C ASN B 643 13.73 21.22 13.31
N PHE B 644 13.06 20.16 12.89
CA PHE B 644 11.60 20.08 13.04
C PHE B 644 11.19 20.06 14.51
N ARG B 645 12.13 19.73 15.38
CA ARG B 645 11.85 19.71 16.83
C ARG B 645 11.56 21.12 17.35
N ALA B 646 12.04 22.13 16.64
CA ALA B 646 11.92 23.51 17.08
C ALA B 646 10.71 24.22 16.48
N GLU B 647 9.86 23.48 15.78
CA GLU B 647 8.62 24.03 15.27
C GLU B 647 7.63 24.26 16.41
N GLN B 648 6.56 24.99 16.12
CA GLN B 648 5.52 25.32 17.09
C GLN B 648 4.69 24.12 17.53
N PRO B 649 4.21 24.15 18.78
CA PRO B 649 3.32 23.10 19.31
C PRO B 649 2.09 22.85 18.44
N HIS B 650 1.43 23.90 17.95
CA HIS B 650 0.21 23.71 17.18
C HIS B 650 0.57 23.10 15.81
N GLN B 651 1.80 23.32 15.38
CA GLN B 651 2.26 22.70 14.13
C GLN B 651 2.59 21.23 14.30
N HIS B 652 3.20 20.89 15.43
CA HIS B 652 3.41 19.49 15.77
C HIS B 652 2.08 18.77 15.87
N ALA B 653 1.11 19.42 16.51
CA ALA B 653 -0.21 18.83 16.70
C ALA B 653 -0.80 18.43 15.35
N MET B 654 -0.70 19.34 14.38
CA MET B 654 -1.24 19.08 13.04
C MET B 654 -0.42 18.02 12.30
N TYR B 655 0.88 18.01 12.54
CA TYR B 655 1.77 17.07 11.87
C TYR B 655 1.45 15.63 12.28
N TYR B 656 1.33 15.40 13.58
CA TYR B 656 1.00 14.08 14.11
C TYR B 656 -0.37 13.58 13.63
N LEU B 657 -1.36 14.47 13.59
CA LEU B 657 -2.70 14.08 13.17
C LEU B 657 -2.67 13.61 11.72
N ARG B 658 -1.87 14.30 10.93
CA ARG B 658 -1.67 13.97 9.52
C ARG B 658 -1.08 12.56 9.38
N LEU B 659 -0.12 12.22 10.24
CA LEU B 659 0.50 10.91 10.22
C LEU B 659 -0.48 9.82 10.67
N LEU B 660 -1.18 10.06 11.78
CA LEU B 660 -2.14 9.08 12.32
C LEU B 660 -3.28 8.74 11.37
N MET B 661 -3.80 9.74 10.66
CA MET B 661 -5.03 9.55 9.90
C MET B 661 -4.80 9.16 8.44
N THR B 662 -3.54 9.06 8.04
CA THR B 662 -3.23 8.66 6.67
C THR B 662 -2.71 7.22 6.62
N GLU B 663 -3.17 6.49 5.60
CA GLU B 663 -2.82 5.08 5.40
C GLU B 663 -1.32 4.83 5.50
N VAL B 664 -0.53 5.60 4.75
CA VAL B 664 0.93 5.50 4.81
C VAL B 664 1.55 6.86 5.05
N ALA B 665 2.48 6.94 5.98
CA ALA B 665 3.15 8.21 6.27
C ALA B 665 4.46 8.00 7.01
N TRP B 666 5.57 8.31 6.36
CA TRP B 666 6.87 8.19 6.99
C TRP B 666 7.13 9.40 7.88
N THR B 667 7.36 9.14 9.16
CA THR B 667 7.64 10.22 10.12
C THR B 667 9.03 10.78 9.87
N LYS B 668 9.30 11.97 10.40
CA LYS B 668 10.59 12.60 10.16
C LYS B 668 11.69 11.85 10.91
N ASP B 669 11.30 11.07 11.91
CA ASP B 669 12.25 10.24 12.62
C ASP B 669 12.67 9.04 11.76
N GLU B 670 11.69 8.36 11.18
CA GLU B 670 11.96 7.26 10.27
C GLU B 670 12.79 7.73 9.08
N LEU B 671 12.53 8.96 8.65
CA LEU B 671 13.24 9.54 7.53
C LEU B 671 14.71 9.81 7.87
N LYS B 672 14.95 10.45 9.02
CA LYS B 672 16.31 10.85 9.37
C LYS B 672 17.17 9.64 9.73
N GLU B 673 16.53 8.54 10.12
CA GLU B 673 17.24 7.29 10.36
C GLU B 673 17.70 6.69 9.04
N ALA B 674 16.76 6.59 8.10
CA ALA B 674 17.03 6.04 6.78
C ALA B 674 18.06 6.87 6.02
N LEU B 675 18.18 8.14 6.39
CA LEU B 675 19.04 9.07 5.65
C LEU B 675 20.51 8.68 5.74
N ASP B 676 20.89 8.05 6.84
CA ASP B 676 22.28 7.64 7.04
C ASP B 676 22.68 6.58 6.01
N ASP B 677 21.70 5.95 5.37
CA ASP B 677 21.95 4.87 4.40
C ASP B 677 21.97 5.37 2.96
N VAL B 678 21.63 6.64 2.74
CA VAL B 678 21.69 7.18 1.38
C VAL B 678 23.14 7.41 0.99
N THR B 679 23.56 6.72 -0.05
CA THR B 679 24.91 6.85 -0.59
C THR B 679 24.82 7.39 -2.00
N LEU B 680 25.90 7.97 -2.50
CA LEU B 680 25.90 8.53 -3.85
C LEU B 680 25.60 7.46 -4.90
N PRO B 681 26.25 6.28 -4.79
CA PRO B 681 25.97 5.15 -5.67
C PRO B 681 24.51 4.69 -5.62
N ARG B 682 23.93 4.63 -4.43
CA ARG B 682 22.54 4.19 -4.29
C ARG B 682 21.59 5.21 -4.91
N LEU B 683 21.93 6.48 -4.78
CA LEU B 683 21.15 7.56 -5.37
C LEU B 683 21.26 7.57 -6.89
N LYS B 684 22.46 7.33 -7.40
CA LYS B 684 22.67 7.28 -8.85
C LYS B 684 21.83 6.18 -9.48
N ALA B 685 21.69 5.08 -8.76
CA ALA B 685 20.85 3.96 -9.21
C ALA B 685 19.36 4.30 -9.10
N PHE B 686 18.99 5.02 -8.05
CA PHE B 686 17.59 5.32 -7.79
C PHE B 686 16.92 6.16 -8.88
N ILE B 687 17.61 7.18 -9.38
CA ILE B 687 17.01 8.12 -10.32
C ILE B 687 16.43 7.43 -11.56
N PRO B 688 17.25 6.62 -12.25
CA PRO B 688 16.77 5.90 -13.43
C PRO B 688 15.57 5.02 -13.10
N GLN B 689 15.61 4.38 -11.94
CA GLN B 689 14.51 3.54 -11.48
C GLN B 689 13.24 4.38 -11.28
N LEU B 690 13.42 5.62 -10.82
CA LEU B 690 12.31 6.53 -10.55
C LEU B 690 11.62 7.00 -11.82
N LEU B 691 12.43 7.31 -12.82
CA LEU B 691 11.94 7.87 -14.08
C LEU B 691 11.51 6.78 -15.06
N SER B 692 11.80 5.52 -14.72
CA SER B 692 11.56 4.41 -15.62
C SER B 692 10.08 4.11 -15.87
N ARG B 693 9.25 4.37 -14.87
CA ARG B 693 7.81 4.13 -15.01
C ARG B 693 7.04 5.28 -14.37
N LEU B 694 6.27 6.00 -15.18
CA LEU B 694 5.59 7.21 -14.71
C LEU B 694 4.18 7.35 -15.28
N HIS B 695 3.36 8.11 -14.55
CA HIS B 695 2.12 8.61 -15.11
C HIS B 695 2.09 10.12 -14.87
N ILE B 696 1.87 10.87 -15.94
CA ILE B 696 1.89 12.32 -15.85
C ILE B 696 0.47 12.88 -15.92
N GLU B 697 0.05 13.59 -14.88
CA GLU B 697 -1.21 14.30 -14.95
C GLU B 697 -0.92 15.79 -14.89
N ALA B 698 -1.49 16.54 -15.83
CA ALA B 698 -1.13 17.94 -15.98
C ALA B 698 -2.33 18.82 -16.19
N LEU B 699 -2.18 20.09 -15.78
CA LEU B 699 -3.13 21.15 -16.09
C LEU B 699 -2.40 22.32 -16.71
N LEU B 700 -2.68 22.60 -17.98
CA LEU B 700 -2.11 23.76 -18.66
C LEU B 700 -3.21 24.80 -18.84
N HIS B 701 -2.99 25.99 -18.30
CA HIS B 701 -4.04 27.00 -18.19
C HIS B 701 -3.50 28.41 -18.42
N GLY B 702 -4.12 29.14 -19.34
CA GLY B 702 -3.72 30.52 -19.55
C GLY B 702 -3.69 31.00 -20.99
N ASN B 703 -2.73 31.86 -21.29
CA ASN B 703 -2.57 32.39 -22.63
C ASN B 703 -1.81 31.41 -23.51
N ILE B 704 -2.41 30.24 -23.73
CA ILE B 704 -1.84 29.26 -24.65
C ILE B 704 -2.96 28.61 -25.45
N THR B 705 -2.63 28.18 -26.65
CA THR B 705 -3.60 27.48 -27.49
C THR B 705 -3.60 25.99 -27.18
N LYS B 706 -4.64 25.30 -27.63
CA LYS B 706 -4.78 23.87 -27.43
C LYS B 706 -3.62 23.10 -28.07
N GLN B 707 -3.12 23.58 -29.20
CA GLN B 707 -2.04 22.88 -29.89
C GLN B 707 -0.73 23.14 -29.16
N ALA B 708 -0.60 24.32 -28.58
CA ALA B 708 0.56 24.64 -27.78
C ALA B 708 0.61 23.75 -26.54
N ALA B 709 -0.55 23.49 -25.96
CA ALA B 709 -0.66 22.62 -24.79
C ALA B 709 -0.20 21.21 -25.10
N LEU B 710 -0.77 20.63 -26.15
CA LEU B 710 -0.40 19.28 -26.56
C LEU B 710 1.08 19.19 -26.92
N GLY B 711 1.64 20.26 -27.46
CA GLY B 711 3.06 20.26 -27.77
C GLY B 711 3.89 20.26 -26.51
N ILE B 712 3.50 21.10 -25.57
CA ILE B 712 4.19 21.19 -24.28
C ILE B 712 4.18 19.83 -23.58
N MET B 713 3.00 19.22 -23.48
CA MET B 713 2.86 17.91 -22.86
C MET B 713 3.69 16.84 -23.58
N GLN B 714 3.54 16.77 -24.90
CA GLN B 714 4.25 15.77 -25.70
C GLN B 714 5.76 15.96 -25.63
N MET B 715 6.20 17.21 -25.60
CA MET B 715 7.63 17.48 -25.53
C MET B 715 8.18 16.93 -24.22
N VAL B 716 7.35 16.93 -23.19
CA VAL B 716 7.76 16.43 -21.88
C VAL B 716 7.90 14.90 -21.91
N GLU B 717 6.89 14.21 -22.44
CA GLU B 717 6.98 12.75 -22.60
C GLU B 717 8.15 12.33 -23.47
N ASP B 718 8.31 13.00 -24.61
CA ASP B 718 9.35 12.66 -25.59
C ASP B 718 10.74 12.76 -24.97
N THR B 719 10.94 13.76 -24.11
CA THR B 719 12.24 13.98 -23.48
C THR B 719 12.53 12.89 -22.44
N LEU B 720 11.48 12.47 -21.74
CA LEU B 720 11.60 11.41 -20.75
C LEU B 720 11.85 10.07 -21.43
N ILE B 721 11.02 9.74 -22.41
CA ILE B 721 11.14 8.49 -23.15
C ILE B 721 12.50 8.35 -23.84
N GLU B 722 12.98 9.42 -24.45
CA GLU B 722 14.27 9.38 -25.13
C GLU B 722 15.45 9.20 -24.17
N HIS B 723 15.41 9.87 -23.03
CA HIS B 723 16.58 9.92 -22.14
C HIS B 723 16.45 9.03 -20.90
N ALA B 724 15.23 8.64 -20.56
CA ALA B 724 15.01 7.86 -19.34
C ALA B 724 14.27 6.57 -19.66
N HIS B 725 13.86 6.44 -20.91
CA HIS B 725 13.20 5.24 -21.41
C HIS B 725 11.94 4.96 -20.61
N THR B 726 11.25 6.03 -20.23
CA THR B 726 10.07 5.92 -19.39
C THR B 726 8.97 5.11 -20.06
N LYS B 727 8.21 4.39 -19.25
CA LYS B 727 7.09 3.61 -19.75
C LYS B 727 5.91 3.77 -18.80
N PRO B 728 4.69 3.62 -19.33
CA PRO B 728 3.42 3.82 -18.61
C PRO B 728 3.28 3.01 -17.33
N LEU B 729 2.29 3.40 -16.51
CA LEU B 729 1.89 2.65 -15.33
C LEU B 729 0.49 2.13 -15.55
N LEU B 730 0.17 0.99 -14.95
CA LEU B 730 -1.19 0.47 -15.00
C LEU B 730 -2.12 1.45 -14.29
N PRO B 731 -3.42 1.40 -14.62
CA PRO B 731 -4.42 2.17 -13.88
C PRO B 731 -4.52 1.73 -12.43
N SER B 732 -4.42 0.42 -12.19
CA SER B 732 -4.53 -0.11 -10.83
C SER B 732 -3.37 0.38 -9.95
N GLN B 733 -2.25 0.72 -10.58
CA GLN B 733 -1.10 1.24 -9.85
C GLN B 733 -1.33 2.68 -9.38
N LEU B 734 -2.45 3.29 -9.77
CA LEU B 734 -2.68 4.70 -9.50
C LEU B 734 -3.74 5.00 -8.43
N VAL B 735 -3.76 4.22 -7.35
CA VAL B 735 -4.72 4.46 -6.27
C VAL B 735 -4.08 5.31 -5.18
N ARG B 736 -4.76 6.39 -4.79
CA ARG B 736 -4.26 7.30 -3.78
C ARG B 736 -4.46 6.72 -2.38
N TYR B 737 -3.85 7.33 -1.37
CA TYR B 737 -3.93 6.81 0.00
C TYR B 737 -5.28 7.09 0.64
N ARG B 738 -5.60 6.31 1.66
CA ARG B 738 -6.89 6.39 2.30
C ARG B 738 -6.80 7.01 3.69
N GLU B 739 -7.94 7.49 4.20
CA GLU B 739 -7.99 7.99 5.55
C GLU B 739 -8.48 6.92 6.52
N VAL B 740 -7.82 6.82 7.66
CA VAL B 740 -8.24 5.94 8.74
C VAL B 740 -9.70 6.18 9.11
N GLN B 741 -10.45 5.11 9.35
CA GLN B 741 -11.88 5.24 9.68
C GLN B 741 -12.12 4.97 11.15
N LEU B 742 -12.37 6.04 11.89
CA LEU B 742 -12.57 5.96 13.33
C LEU B 742 -13.92 5.31 13.63
N PRO B 743 -13.95 4.50 14.70
CA PRO B 743 -15.13 3.77 15.21
C PRO B 743 -16.17 4.68 15.84
N ASP B 744 -17.45 4.31 15.72
CA ASP B 744 -18.54 5.07 16.33
C ASP B 744 -18.35 5.20 17.85
N ARG B 745 -18.58 6.40 18.37
CA ARG B 745 -18.43 6.67 19.79
C ARG B 745 -17.00 6.41 20.30
N GLY B 746 -16.05 6.36 19.38
CA GLY B 746 -14.65 6.21 19.78
C GLY B 746 -13.98 7.53 20.09
N TRP B 747 -12.97 7.48 20.95
CA TRP B 747 -12.16 8.66 21.23
C TRP B 747 -10.71 8.26 21.49
N PHE B 748 -9.84 8.61 20.55
CA PHE B 748 -8.41 8.32 20.67
C PHE B 748 -7.63 9.59 20.96
N VAL B 749 -6.60 9.47 21.79
CA VAL B 749 -5.73 10.59 22.08
C VAL B 749 -4.28 10.21 21.88
N TYR B 750 -3.53 11.09 21.24
CA TYR B 750 -2.10 10.86 21.05
C TYR B 750 -1.34 11.99 21.72
N GLN B 751 -0.34 11.63 22.53
CA GLN B 751 0.34 12.64 23.33
C GLN B 751 1.82 12.68 23.04
N GLN B 752 2.34 13.89 22.89
CA GLN B 752 3.77 14.09 22.70
C GLN B 752 4.19 15.33 23.47
N ARG B 753 5.50 15.59 23.48
CA ARG B 753 6.02 16.78 24.13
C ARG B 753 6.82 17.63 23.15
N ASN B 754 6.68 18.94 23.27
CA ASN B 754 7.55 19.84 22.54
C ASN B 754 8.75 20.18 23.42
N GLU B 755 9.94 19.81 22.95
CA GLU B 755 11.15 19.96 23.73
C GLU B 755 11.71 21.39 23.70
N VAL B 756 11.15 22.23 22.83
CA VAL B 756 11.70 23.56 22.59
C VAL B 756 10.81 24.68 23.10
N HIS B 757 9.52 24.65 22.74
CA HIS B 757 8.61 25.71 23.13
C HIS B 757 7.87 25.40 24.44
N ASN B 758 7.63 26.45 25.23
CA ASN B 758 6.94 26.27 26.51
C ASN B 758 5.47 26.61 26.40
N ASN B 759 4.89 26.34 25.23
CA ASN B 759 3.45 26.36 25.07
C ASN B 759 2.98 24.98 24.68
N SER B 760 1.73 24.66 24.99
CA SER B 760 1.16 23.39 24.54
C SER B 760 0.41 23.60 23.25
N GLY B 761 0.18 22.52 22.52
CA GLY B 761 -0.61 22.56 21.30
C GLY B 761 -1.63 21.45 21.33
N ILE B 762 -2.71 21.63 20.59
CA ILE B 762 -3.74 20.61 20.53
C ILE B 762 -4.52 20.70 19.23
N GLU B 763 -4.81 19.56 18.62
CA GLU B 763 -5.80 19.51 17.55
C GLU B 763 -6.86 18.49 17.91
N ILE B 764 -8.12 18.90 17.76
CA ILE B 764 -9.26 18.00 17.99
C ILE B 764 -10.01 17.80 16.69
N TYR B 765 -10.18 16.56 16.29
CA TYR B 765 -10.77 16.25 14.99
C TYR B 765 -12.02 15.39 15.17
N TYR B 766 -13.17 15.98 14.88
CA TYR B 766 -14.41 15.21 14.83
C TYR B 766 -14.68 14.78 13.41
N GLN B 767 -14.40 13.52 13.14
CA GLN B 767 -14.50 12.98 11.79
C GLN B 767 -15.95 12.65 11.47
N THR B 768 -16.56 13.46 10.61
CA THR B 768 -17.93 13.22 10.18
C THR B 768 -18.04 12.08 9.15
N ASP B 769 -17.62 12.36 7.92
CA ASP B 769 -17.90 11.42 6.84
C ASP B 769 -17.21 11.78 5.52
N MET B 770 -17.23 10.83 4.60
CA MET B 770 -16.68 11.01 3.28
C MET B 770 -17.31 12.22 2.59
N GLN B 771 -16.55 12.88 1.72
CA GLN B 771 -17.04 14.08 1.06
C GLN B 771 -18.12 13.77 0.05
N SER B 772 -19.14 14.62 0.04
CA SER B 772 -20.23 14.57 -0.91
C SER B 772 -20.96 15.90 -0.79
N THR B 773 -21.80 16.22 -1.76
CA THR B 773 -22.46 17.51 -1.80
C THR B 773 -23.19 17.81 -0.49
N SER B 774 -23.89 16.81 0.05
CA SER B 774 -24.62 16.99 1.30
C SER B 774 -23.67 17.19 2.49
N GLU B 775 -22.79 16.21 2.69
CA GLU B 775 -21.88 16.21 3.83
C GLU B 775 -20.96 17.44 3.86
N ASN B 776 -20.52 17.88 2.69
CA ASN B 776 -19.72 19.09 2.57
C ASN B 776 -20.44 20.31 3.11
N MET B 777 -21.69 20.46 2.72
CA MET B 777 -22.45 21.65 3.08
C MET B 777 -22.96 21.59 4.52
N PHE B 778 -23.20 20.39 5.04
CA PHE B 778 -23.51 20.26 6.46
C PHE B 778 -22.35 20.77 7.30
N LEU B 779 -21.15 20.28 6.98
CA LEU B 779 -19.94 20.65 7.71
C LEU B 779 -19.62 22.14 7.59
N GLU B 780 -19.72 22.67 6.38
CA GLU B 780 -19.35 24.06 6.13
C GLU B 780 -20.34 25.06 6.74
N LEU B 781 -21.63 24.80 6.57
CA LEU B 781 -22.66 25.68 7.12
C LEU B 781 -22.53 25.70 8.63
N PHE B 782 -22.18 24.56 9.21
CA PHE B 782 -21.94 24.47 10.64
C PHE B 782 -20.67 25.20 11.03
N ALA B 783 -19.62 25.02 10.24
CA ALA B 783 -18.35 25.71 10.49
C ALA B 783 -18.53 27.21 10.42
N GLN B 784 -19.32 27.67 9.44
CA GLN B 784 -19.66 29.08 9.28
C GLN B 784 -20.37 29.64 10.51
N ILE B 785 -21.34 28.89 11.02
CA ILE B 785 -22.17 29.32 12.14
C ILE B 785 -21.39 29.44 13.45
N ILE B 786 -20.40 28.56 13.65
CA ILE B 786 -19.64 28.54 14.89
C ILE B 786 -18.27 29.22 14.77
N SER B 787 -17.94 29.69 13.57
CA SER B 787 -16.61 30.24 13.30
C SER B 787 -16.22 31.36 14.26
N GLU B 788 -16.95 32.47 14.19
CA GLU B 788 -16.68 33.64 15.03
C GLU B 788 -16.90 33.35 16.52
N PRO B 789 -18.06 32.78 16.89
CA PRO B 789 -18.34 32.41 18.28
C PRO B 789 -17.24 31.55 18.93
N ALA B 790 -16.63 30.66 18.15
CA ALA B 790 -15.54 29.84 18.67
C ALA B 790 -14.32 30.69 18.99
N PHE B 791 -13.98 31.62 18.08
CA PHE B 791 -12.87 32.54 18.31
C PHE B 791 -13.16 33.45 19.50
N ASN B 792 -14.37 34.02 19.51
CA ASN B 792 -14.77 34.95 20.55
C ASN B 792 -14.79 34.31 21.93
N THR B 793 -15.27 33.08 22.00
CA THR B 793 -15.40 32.37 23.27
C THR B 793 -14.09 31.80 23.78
N LEU B 794 -13.38 31.09 22.91
CA LEU B 794 -12.17 30.39 23.32
C LEU B 794 -11.00 31.33 23.49
N ARG B 795 -11.01 32.45 22.77
CA ARG B 795 -9.91 33.39 22.88
C ARG B 795 -10.31 34.70 23.56
N THR B 796 -11.28 35.41 23.00
CA THR B 796 -11.62 36.73 23.51
C THR B 796 -12.06 36.65 24.97
N LYS B 797 -13.00 35.76 25.27
CA LYS B 797 -13.51 35.61 26.63
C LYS B 797 -12.58 34.77 27.51
N GLU B 798 -12.28 33.54 27.10
CA GLU B 798 -11.52 32.62 27.95
C GLU B 798 -10.01 32.80 27.83
N GLN B 799 -9.57 33.45 26.76
CA GLN B 799 -8.14 33.70 26.54
C GLN B 799 -7.29 32.45 26.68
N LEU B 800 -7.71 31.37 26.03
CA LEU B 800 -6.98 30.11 26.10
C LEU B 800 -5.64 30.22 25.37
N GLY B 801 -5.62 30.97 24.27
CA GLY B 801 -4.38 31.21 23.54
C GLY B 801 -4.49 32.28 22.47
N TYR B 802 -3.36 32.64 21.89
CA TYR B 802 -3.33 33.58 20.76
C TYR B 802 -3.78 32.88 19.48
N ILE B 803 -3.30 31.66 19.27
CA ILE B 803 -3.71 30.88 18.11
C ILE B 803 -4.91 30.01 18.47
N VAL B 804 -6.08 30.40 17.95
CA VAL B 804 -7.33 29.69 18.18
C VAL B 804 -8.04 29.54 16.84
N PHE B 805 -8.19 28.30 16.39
CA PHE B 805 -8.72 28.04 15.05
C PHE B 805 -9.79 26.97 15.04
N SER B 806 -10.83 27.20 14.24
CA SER B 806 -11.84 26.19 13.99
C SER B 806 -12.13 26.16 12.50
N GLY B 807 -12.67 25.06 12.02
CA GLY B 807 -13.04 24.95 10.62
C GLY B 807 -12.99 23.53 10.12
N PRO B 808 -13.43 23.33 8.87
CA PRO B 808 -13.44 21.99 8.25
C PRO B 808 -12.05 21.43 8.08
N ARG B 809 -11.92 20.11 8.19
CA ARG B 809 -10.68 19.44 7.79
C ARG B 809 -11.01 18.48 6.65
N ARG B 810 -10.26 18.59 5.57
CA ARG B 810 -10.46 17.73 4.40
C ARG B 810 -9.17 17.01 4.03
N ALA B 811 -9.18 15.69 4.11
CA ALA B 811 -8.03 14.89 3.71
C ALA B 811 -8.46 13.53 3.14
N ASN B 812 -7.87 13.18 1.99
CA ASN B 812 -8.08 11.88 1.37
C ASN B 812 -9.55 11.58 1.06
N GLY B 813 -10.35 12.63 0.84
CA GLY B 813 -11.75 12.46 0.50
C GLY B 813 -12.66 12.36 1.71
N ILE B 814 -12.08 12.32 2.90
CA ILE B 814 -12.85 12.34 4.14
C ILE B 814 -12.84 13.76 4.71
N GLN B 815 -13.65 13.99 5.74
CA GLN B 815 -13.70 15.31 6.34
C GLN B 815 -14.21 15.28 7.78
N GLY B 816 -14.09 16.41 8.45
CA GLY B 816 -14.58 16.56 9.80
C GLY B 816 -14.37 17.96 10.30
N LEU B 817 -14.79 18.21 11.53
CA LEU B 817 -14.57 19.49 12.17
C LEU B 817 -13.31 19.40 13.02
N ARG B 818 -12.44 20.41 12.93
CA ARG B 818 -11.22 20.43 13.72
C ARG B 818 -11.07 21.72 14.52
N PHE B 819 -10.50 21.60 15.71
CA PHE B 819 -10.11 22.73 16.54
C PHE B 819 -8.60 22.74 16.75
N ILE B 820 -7.97 23.90 16.59
CA ILE B 820 -6.54 24.00 16.88
C ILE B 820 -6.28 25.13 17.87
N ILE B 821 -5.52 24.84 18.91
CA ILE B 821 -5.20 25.82 19.94
C ILE B 821 -3.76 25.68 20.42
N GLN B 822 -3.05 26.80 20.49
CA GLN B 822 -1.76 26.84 21.16
C GLN B 822 -1.95 27.68 22.41
N SER B 823 -1.47 27.17 23.54
CA SER B 823 -1.88 27.71 24.84
C SER B 823 -0.84 27.53 25.92
N GLU B 824 -1.05 28.22 27.05
CA GLU B 824 -0.19 28.03 28.21
C GLU B 824 -0.84 26.97 29.11
N LYS B 825 -2.13 26.76 28.91
CA LYS B 825 -2.87 25.70 29.58
C LYS B 825 -2.46 24.33 29.05
N PRO B 826 -2.70 23.27 29.83
CA PRO B 826 -2.47 21.87 29.43
C PRO B 826 -3.57 21.35 28.50
N PRO B 827 -3.22 20.48 27.57
CA PRO B 827 -4.17 19.96 26.57
C PRO B 827 -5.46 19.37 27.16
N HIS B 828 -5.40 18.71 28.31
CA HIS B 828 -6.61 18.12 28.87
C HIS B 828 -7.65 19.19 29.26
N TYR B 829 -7.19 20.34 29.74
CA TYR B 829 -8.10 21.43 30.08
C TYR B 829 -8.81 21.99 28.84
N LEU B 830 -8.04 22.21 27.78
CA LEU B 830 -8.57 22.78 26.54
C LEU B 830 -9.68 21.91 25.98
N GLU B 831 -9.56 20.59 26.15
CA GLU B 831 -10.58 19.64 25.73
C GLU B 831 -11.96 19.97 26.32
N SER B 832 -12.03 20.16 27.64
CA SER B 832 -13.30 20.45 28.29
C SER B 832 -13.86 21.78 27.82
N ARG B 833 -12.99 22.77 27.64
CA ARG B 833 -13.44 24.09 27.20
C ARG B 833 -14.01 24.04 25.79
N VAL B 834 -13.41 23.24 24.92
CA VAL B 834 -13.94 23.04 23.57
C VAL B 834 -15.30 22.34 23.64
N GLU B 835 -15.37 21.29 24.46
CA GLU B 835 -16.62 20.53 24.63
C GLU B 835 -17.70 21.40 25.25
N ALA B 836 -17.31 22.23 26.22
CA ALA B 836 -18.22 23.19 26.81
C ALA B 836 -18.77 24.12 25.74
N PHE B 837 -17.88 24.59 24.87
CA PHE B 837 -18.26 25.51 23.81
C PHE B 837 -19.25 24.88 22.84
N LEU B 838 -19.05 23.60 22.55
CA LEU B 838 -19.91 22.90 21.60
C LEU B 838 -21.34 22.81 22.11
N ILE B 839 -21.50 22.53 23.39
CA ILE B 839 -22.81 22.47 24.01
C ILE B 839 -23.48 23.84 23.92
N THR B 840 -22.71 24.88 24.22
CA THR B 840 -23.17 26.25 24.07
C THR B 840 -23.70 26.49 22.67
N MET B 841 -22.90 26.13 21.67
CA MET B 841 -23.26 26.29 20.28
C MET B 841 -24.55 25.55 19.93
N GLU B 842 -24.77 24.41 20.58
CA GLU B 842 -25.97 23.61 20.32
C GLU B 842 -27.24 24.38 20.63
N LYS B 843 -27.29 24.96 21.83
CA LYS B 843 -28.45 25.75 22.24
C LYS B 843 -28.56 26.97 21.35
N SER B 844 -27.42 27.60 21.07
CA SER B 844 -27.36 28.79 20.25
C SER B 844 -28.00 28.59 18.88
N ILE B 845 -27.97 27.37 18.35
CA ILE B 845 -28.56 27.09 17.05
C ILE B 845 -30.06 26.81 17.14
N GLU B 846 -30.50 26.20 18.23
CA GLU B 846 -31.93 25.95 18.43
C GLU B 846 -32.66 27.27 18.62
N ASP B 847 -31.99 28.22 19.27
CA ASP B 847 -32.55 29.53 19.54
C ASP B 847 -32.48 30.44 18.31
N MET B 848 -31.59 30.12 17.40
CA MET B 848 -31.38 30.91 16.20
C MET B 848 -32.68 31.09 15.41
N THR B 849 -33.00 32.34 15.09
CA THR B 849 -34.17 32.63 14.27
C THR B 849 -33.89 32.13 12.84
N GLU B 850 -34.96 31.91 12.08
CA GLU B 850 -34.80 31.43 10.72
C GLU B 850 -34.02 32.44 9.88
N GLU B 851 -34.14 33.72 10.22
CA GLU B 851 -33.43 34.76 9.50
C GLU B 851 -31.94 34.73 9.78
N ALA B 852 -31.59 34.60 11.05
CA ALA B 852 -30.18 34.54 11.42
C ALA B 852 -29.52 33.37 10.69
N PHE B 853 -30.26 32.27 10.59
CA PHE B 853 -29.80 31.07 9.91
C PHE B 853 -29.61 31.35 8.41
N GLN B 854 -30.61 31.97 7.79
CA GLN B 854 -30.54 32.29 6.37
C GLN B 854 -29.44 33.31 6.14
N LYS B 855 -29.18 34.11 7.16
CA LYS B 855 -28.09 35.08 7.13
C LYS B 855 -26.78 34.33 6.96
N HIS B 856 -26.61 33.25 7.71
CA HIS B 856 -25.41 32.43 7.63
C HIS B 856 -25.30 31.69 6.29
N ILE B 857 -26.44 31.24 5.78
CA ILE B 857 -26.47 30.59 4.48
C ILE B 857 -25.99 31.54 3.41
N GLN B 858 -26.37 32.81 3.53
CA GLN B 858 -25.93 33.82 2.58
C GLN B 858 -24.45 34.10 2.75
N ALA B 859 -23.99 34.13 4.00
CA ALA B 859 -22.59 34.38 4.28
C ALA B 859 -21.71 33.32 3.63
N LEU B 860 -22.07 32.06 3.82
CA LEU B 860 -21.34 30.94 3.23
C LEU B 860 -21.41 30.94 1.70
N ALA B 861 -22.60 31.20 1.17
CA ALA B 861 -22.81 31.24 -0.26
C ALA B 861 -21.90 32.29 -0.93
N ILE B 862 -21.82 33.47 -0.32
CA ILE B 862 -20.95 34.53 -0.82
C ILE B 862 -19.49 34.09 -0.84
N ARG B 863 -19.04 33.47 0.25
CA ARG B 863 -17.65 33.02 0.35
C ARG B 863 -17.36 31.97 -0.71
N ARG B 864 -18.30 31.04 -0.90
CA ARG B 864 -18.11 29.95 -1.85
C ARG B 864 -18.10 30.41 -3.31
N LEU B 865 -18.88 31.45 -3.63
CA LEU B 865 -19.04 31.90 -5.01
C LEU B 865 -18.11 33.04 -5.39
N ASP B 866 -17.29 33.48 -4.43
CA ASP B 866 -16.31 34.53 -4.70
C ASP B 866 -15.38 34.09 -5.82
N LYS B 867 -15.35 34.86 -6.91
CA LYS B 867 -14.57 34.50 -8.10
C LYS B 867 -13.10 34.88 -7.96
N PRO B 868 -12.21 34.01 -8.46
CA PRO B 868 -10.77 34.28 -8.47
C PRO B 868 -10.42 35.53 -9.29
N LYS B 869 -9.54 36.37 -8.76
CA LYS B 869 -9.18 37.62 -9.44
C LYS B 869 -8.02 37.46 -10.42
N LYS B 870 -7.24 36.40 -10.23
CA LYS B 870 -6.06 36.19 -11.05
C LYS B 870 -5.96 34.74 -11.53
N LEU B 871 -5.19 34.54 -12.61
CA LEU B 871 -5.06 33.22 -13.22
C LEU B 871 -4.68 32.14 -12.22
N SER B 872 -3.59 32.37 -11.49
CA SER B 872 -3.06 31.36 -10.58
C SER B 872 -4.03 31.03 -9.44
N ALA B 873 -4.94 31.93 -9.14
CA ALA B 873 -5.97 31.63 -8.15
C ALA B 873 -6.95 30.60 -8.74
N GLU B 874 -7.37 30.85 -9.98
CA GLU B 874 -8.29 29.94 -10.68
C GLU B 874 -7.63 28.58 -10.96
N SER B 875 -6.39 28.61 -11.42
CA SER B 875 -5.63 27.37 -11.67
C SER B 875 -5.63 26.48 -10.43
N ALA B 876 -5.41 27.10 -9.28
CA ALA B 876 -5.38 26.40 -8.01
C ALA B 876 -6.70 25.67 -7.73
N LYS B 877 -7.81 26.37 -7.95
CA LYS B 877 -9.14 25.77 -7.84
C LYS B 877 -9.23 24.49 -8.65
N TYR B 878 -8.86 24.58 -9.92
CA TYR B 878 -8.88 23.45 -10.84
C TYR B 878 -7.93 22.35 -10.42
N TRP B 879 -6.73 22.75 -10.03
CA TRP B 879 -5.67 21.81 -9.67
C TRP B 879 -6.03 21.03 -8.42
N GLY B 880 -6.86 21.61 -7.57
CA GLY B 880 -7.32 20.93 -6.37
C GLY B 880 -8.29 19.82 -6.74
N GLU B 881 -9.13 20.09 -7.72
CA GLU B 881 -10.07 19.09 -8.24
C GLU B 881 -9.37 17.94 -8.94
N ILE B 882 -8.16 18.21 -9.45
CA ILE B 882 -7.43 17.22 -10.23
C ILE B 882 -6.59 16.31 -9.36
N ILE B 883 -5.89 16.89 -8.39
CA ILE B 883 -5.04 16.08 -7.52
C ILE B 883 -5.89 15.34 -6.51
N SER B 884 -7.09 15.86 -6.25
CA SER B 884 -8.04 15.15 -5.39
C SER B 884 -8.71 14.04 -6.19
N GLN B 885 -8.49 14.07 -7.50
CA GLN B 885 -9.12 13.12 -8.43
C GLN B 885 -10.64 13.07 -8.26
N GLN B 886 -11.24 14.20 -7.91
CA GLN B 886 -12.70 14.31 -7.87
C GLN B 886 -13.21 14.99 -9.14
N TYR B 887 -12.37 15.87 -9.71
CA TYR B 887 -12.64 16.50 -11.00
C TYR B 887 -14.00 17.18 -11.04
N ASN B 888 -14.40 17.75 -9.91
CA ASN B 888 -15.69 18.44 -9.83
C ASN B 888 -15.50 19.94 -10.05
N PHE B 889 -15.29 20.33 -11.31
CA PHE B 889 -14.95 21.70 -11.64
C PHE B 889 -16.13 22.65 -11.46
N ASP B 890 -17.34 22.10 -11.44
CA ASP B 890 -18.54 22.90 -11.29
C ASP B 890 -19.08 22.80 -9.86
N ARG B 891 -18.20 22.42 -8.94
CA ARG B 891 -18.59 22.15 -7.56
C ARG B 891 -19.37 23.28 -6.91
N ASP B 892 -18.87 24.51 -7.11
CA ASP B 892 -19.38 25.67 -6.38
C ASP B 892 -20.84 25.97 -6.70
N ASN B 893 -21.21 25.91 -7.98
CA ASN B 893 -22.60 26.17 -8.34
C ASN B 893 -23.49 25.10 -7.72
N THR B 894 -23.02 23.87 -7.77
CA THR B 894 -23.76 22.73 -7.26
C THR B 894 -23.94 22.78 -5.75
N GLU B 895 -22.84 23.01 -5.04
CA GLU B 895 -22.85 22.95 -3.60
C GLU B 895 -23.57 24.14 -2.95
N VAL B 896 -23.49 25.31 -3.58
CA VAL B 896 -24.20 26.49 -3.07
C VAL B 896 -25.71 26.36 -3.25
N ALA B 897 -26.12 25.77 -4.38
CA ALA B 897 -27.53 25.51 -4.65
C ALA B 897 -28.14 24.61 -3.58
N TYR B 898 -27.43 23.54 -3.24
CA TYR B 898 -27.88 22.63 -2.19
C TYR B 898 -27.82 23.30 -0.83
N LEU B 899 -26.78 24.11 -0.61
CA LEU B 899 -26.59 24.84 0.63
C LEU B 899 -27.84 25.66 0.94
N LYS B 900 -28.38 26.26 -0.11
CA LYS B 900 -29.52 27.17 0.00
C LYS B 900 -30.82 26.42 0.30
N THR B 901 -30.77 25.11 0.22
CA THR B 901 -31.94 24.29 0.52
C THR B 901 -31.88 23.66 1.91
N LEU B 902 -30.84 23.97 2.67
CA LEU B 902 -30.72 23.39 4.01
C LEU B 902 -31.57 24.11 5.04
N THR B 903 -32.09 23.36 6.01
CA THR B 903 -32.94 23.91 7.05
C THR B 903 -32.19 23.90 8.37
N LYS B 904 -32.61 24.74 9.31
CA LYS B 904 -31.97 24.77 10.63
C LYS B 904 -32.07 23.41 11.30
N GLU B 905 -33.18 22.72 11.07
CA GLU B 905 -33.37 21.40 11.66
C GLU B 905 -32.38 20.41 11.05
N ASP B 906 -32.06 20.61 9.77
CA ASP B 906 -31.06 19.80 9.08
C ASP B 906 -29.72 19.87 9.78
N ILE B 907 -29.32 21.07 10.18
CA ILE B 907 -28.06 21.26 10.87
C ILE B 907 -28.14 20.69 12.29
N ILE B 908 -29.29 20.85 12.94
CA ILE B 908 -29.49 20.30 14.28
C ILE B 908 -29.35 18.77 14.32
N LYS B 909 -29.89 18.10 13.31
CA LYS B 909 -29.81 16.65 13.24
C LYS B 909 -28.36 16.23 12.98
N PHE B 910 -27.71 16.95 12.09
CA PHE B 910 -26.29 16.72 11.78
C PHE B 910 -25.42 16.79 13.04
N TYR B 911 -25.58 17.86 13.81
CA TYR B 911 -24.82 18.02 15.05
C TYR B 911 -25.11 16.86 16.00
N LYS B 912 -26.39 16.55 16.17
CA LYS B 912 -26.83 15.58 17.16
C LYS B 912 -26.35 14.17 16.85
N GLU B 913 -26.18 13.87 15.57
CA GLU B 913 -25.77 12.53 15.16
C GLU B 913 -24.25 12.38 15.04
N MET B 914 -23.56 13.44 14.59
CA MET B 914 -22.14 13.35 14.28
C MET B 914 -21.22 13.97 15.33
N LEU B 915 -21.65 15.07 15.95
CA LEU B 915 -20.73 15.93 16.69
C LEU B 915 -21.02 16.02 18.18
N ALA B 916 -22.28 15.92 18.56
CA ALA B 916 -22.66 16.02 19.97
C ALA B 916 -21.86 15.03 20.81
N VAL B 917 -21.70 15.34 22.09
CA VAL B 917 -20.87 14.53 22.98
C VAL B 917 -21.44 13.12 23.12
N ASP B 918 -22.76 13.03 23.15
CA ASP B 918 -23.43 11.74 23.27
C ASP B 918 -23.97 11.28 21.92
N ALA B 919 -23.33 11.74 20.86
CA ALA B 919 -23.77 11.40 19.51
C ALA B 919 -23.45 9.95 19.15
N PRO B 920 -24.35 9.30 18.41
CA PRO B 920 -24.24 7.91 17.99
C PRO B 920 -23.04 7.68 17.07
N ARG B 921 -22.77 8.62 16.18
CA ARG B 921 -21.69 8.46 15.21
C ARG B 921 -20.56 9.45 15.44
N ARG B 922 -20.24 9.75 16.70
CA ARG B 922 -19.15 10.66 16.99
C ARG B 922 -17.79 9.95 16.85
N HIS B 923 -16.94 10.49 15.97
CA HIS B 923 -15.59 9.98 15.80
C HIS B 923 -14.57 11.06 16.14
N LYS B 924 -13.97 10.97 17.33
CA LYS B 924 -13.11 12.03 17.81
C LYS B 924 -11.70 11.53 18.13
N VAL B 925 -10.71 12.15 17.49
CA VAL B 925 -9.32 11.88 17.84
C VAL B 925 -8.65 13.20 18.21
N SER B 926 -7.79 13.17 19.21
CA SER B 926 -7.16 14.38 19.72
C SER B 926 -5.64 14.21 19.78
N VAL B 927 -4.92 15.23 19.33
CA VAL B 927 -3.48 15.25 19.51
C VAL B 927 -3.10 16.25 20.60
N HIS B 928 -2.39 15.77 21.62
CA HIS B 928 -1.94 16.67 22.68
C HIS B 928 -0.43 16.83 22.63
N VAL B 929 0.01 18.07 22.49
CA VAL B 929 1.44 18.36 22.54
C VAL B 929 1.72 19.15 23.80
N LEU B 930 2.41 18.53 24.74
CA LEU B 930 2.71 19.18 26.01
C LEU B 930 3.82 20.20 25.83
N ALA B 931 3.74 21.29 26.59
CA ALA B 931 4.77 22.31 26.59
C ALA B 931 6.08 21.74 27.13
N ARG B 932 7.18 22.45 26.86
CA ARG B 932 8.53 22.03 27.23
C ARG B 932 8.62 21.55 28.67
N GLU B 933 8.02 22.31 29.59
CA GLU B 933 8.15 22.06 31.01
C GLU B 933 6.88 21.50 31.62
N MET B 934 6.13 20.72 30.85
CA MET B 934 4.86 20.22 31.33
C MET B 934 5.00 18.73 31.64
N ASP B 935 3.98 18.13 32.25
CA ASP B 935 4.00 16.69 32.49
C ASP B 935 2.61 16.11 32.76
N SER B 936 2.57 14.80 33.02
CA SER B 936 1.32 14.03 33.10
C SER B 936 0.81 13.70 31.71
N ASN B 950 -19.06 32.25 36.98
CA ASN B 950 -18.09 31.24 36.62
C ASN B 950 -18.02 31.03 35.11
N LEU B 951 -17.75 29.79 34.69
CA LEU B 951 -17.64 29.43 33.28
C LEU B 951 -18.77 28.50 32.86
N SER B 952 -19.00 28.41 31.54
CA SER B 952 -20.02 27.49 31.03
C SER B 952 -19.59 26.05 31.33
N GLN B 953 -20.57 25.20 31.61
CA GLN B 953 -20.31 23.86 32.12
C GLN B 953 -19.72 22.93 31.07
N ALA B 954 -18.63 22.27 31.42
CA ALA B 954 -18.01 21.29 30.53
C ALA B 954 -18.59 19.90 30.82
N PRO B 955 -19.06 19.23 29.76
CA PRO B 955 -19.65 17.90 29.91
C PRO B 955 -18.63 16.86 30.36
N ALA B 956 -19.11 15.74 30.90
CA ALA B 956 -18.23 14.64 31.28
C ALA B 956 -17.78 13.87 30.05
N LEU B 957 -16.50 13.57 29.98
CA LEU B 957 -15.94 12.89 28.81
C LEU B 957 -15.53 11.46 29.13
N PRO B 958 -15.84 10.54 28.21
CA PRO B 958 -15.51 9.11 28.35
C PRO B 958 -14.01 8.93 28.47
N GLN B 959 -13.56 7.80 29.01
CA GLN B 959 -12.14 7.53 29.08
C GLN B 959 -11.59 7.34 27.66
N PRO B 960 -10.53 8.09 27.33
CA PRO B 960 -9.97 8.03 25.98
C PRO B 960 -9.05 6.83 25.81
N GLU B 961 -9.00 6.27 24.61
CA GLU B 961 -8.02 5.26 24.30
C GLU B 961 -6.71 5.95 23.89
N VAL B 962 -5.69 5.80 24.73
CA VAL B 962 -4.40 6.43 24.48
C VAL B 962 -3.54 5.66 23.47
N ILE B 963 -3.33 6.26 22.30
CA ILE B 963 -2.49 5.67 21.25
C ILE B 963 -1.03 5.54 21.67
N GLN B 964 -0.48 4.33 21.56
CA GLN B 964 0.90 4.06 21.98
C GLN B 964 1.84 3.97 20.77
N ASN B 965 1.29 3.63 19.61
CA ASN B 965 2.07 3.45 18.39
C ASN B 965 1.20 3.74 17.18
N MET B 966 1.67 4.62 16.31
CA MET B 966 0.86 5.06 15.17
C MET B 966 0.53 3.89 14.24
N THR B 967 1.48 2.98 14.08
CA THR B 967 1.28 1.80 13.24
C THR B 967 0.24 0.87 13.85
N GLU B 968 0.39 0.55 15.14
CA GLU B 968 -0.57 -0.30 15.84
C GLU B 968 -1.98 0.30 15.72
N PHE B 969 -2.03 1.63 15.80
CA PHE B 969 -3.30 2.36 15.71
C PHE B 969 -3.96 2.24 14.35
N LYS B 970 -3.19 2.48 13.28
CA LYS B 970 -3.73 2.43 11.94
C LYS B 970 -4.15 1.02 11.57
N ARG B 971 -3.29 0.07 11.87
CA ARG B 971 -3.50 -1.32 11.48
C ARG B 971 -4.71 -1.90 12.20
N GLY B 972 -5.04 -1.32 13.35
CA GLY B 972 -6.15 -1.82 14.14
C GLY B 972 -7.48 -1.19 13.75
N LEU B 973 -7.47 -0.33 12.74
CA LEU B 973 -8.69 0.32 12.30
C LEU B 973 -8.90 0.13 10.80
N PRO B 974 -10.15 0.28 10.35
CA PRO B 974 -10.51 0.24 8.93
C PRO B 974 -9.98 1.47 8.19
N LEU B 975 -10.10 1.47 6.86
CA LEU B 975 -9.79 2.65 6.06
C LEU B 975 -11.01 3.03 5.24
N PHE B 976 -11.24 4.33 5.07
CA PHE B 976 -12.32 4.78 4.22
C PHE B 976 -12.06 4.37 2.79
N PRO B 977 -13.12 4.36 1.96
CA PRO B 977 -12.96 4.29 0.51
C PRO B 977 -12.41 5.60 -0.03
N LEU B 978 -12.18 5.67 -1.33
CA LEU B 978 -11.79 6.91 -1.98
C LEU B 978 -13.00 7.52 -2.71
N VAL B 979 -13.06 8.84 -2.77
CA VAL B 979 -14.15 9.53 -3.46
C VAL B 979 -14.10 9.22 -4.95
N LYS B 980 -15.25 8.88 -5.53
CA LYS B 980 -15.32 8.59 -6.95
C LYS B 980 -15.30 9.85 -7.79
N PRO B 981 -14.51 9.86 -8.86
CA PRO B 981 -14.42 11.00 -9.78
C PRO B 981 -15.76 11.31 -10.46
N HIS B 982 -15.86 12.46 -11.11
CA HIS B 982 -17.10 12.87 -11.77
C HIS B 982 -17.24 12.22 -13.15
#